data_1VG1
# 
_entry.id   1VG1 
# 
_audit_conform.dict_name       mmcif_pdbx.dic 
_audit_conform.dict_version    5.380 
_audit_conform.dict_location   http://mmcif.pdb.org/dictionaries/ascii/mmcif_pdbx.dic 
# 
loop_
_database_2.database_id 
_database_2.database_code 
_database_2.pdbx_database_accession 
_database_2.pdbx_DOI 
PDB   1VG1         pdb_00001vg1 10.2210/pdb1vg1/pdb 
RCSB  RCSB006575   ?            ?                   
WWPDB D_1000006575 ?            ?                   
# 
loop_
_pdbx_database_related.db_name 
_pdbx_database_related.db_id 
_pdbx_database_related.details 
_pdbx_database_related.content_type 
PDB 1VG0 'the REP-1 protein in complex with monoprenylated Rab7 protein'         unspecified 
PDB 1VG8 'GPPNHP-Bound Rab7'                                                     unspecified 
PDB 1VG9 'the REP-1 protein in complex with C-terminally truncated Rab7 protein' unspecified 
# 
_pdbx_database_status.status_code                     REL 
_pdbx_database_status.entry_id                        1VG1 
_pdbx_database_status.recvd_initial_deposition_date   2004-04-22 
_pdbx_database_status.deposit_site                    PDBJ 
_pdbx_database_status.process_site                    PDBJ 
_pdbx_database_status.status_code_sf                  REL 
_pdbx_database_status.SG_entry                        . 
_pdbx_database_status.pdb_format_compatible           Y 
_pdbx_database_status.status_code_mr                  ? 
_pdbx_database_status.status_code_cs                  ? 
_pdbx_database_status.methods_development_category    ? 
_pdbx_database_status.status_code_nmr_data            ? 
# 
loop_
_audit_author.name 
_audit_author.pdbx_ordinal 
'Rak, A.'        1 
'Pylypenko, O.'  2 
'Niculae, A.'    3 
'Pyatkov, K.'    4 
'Goody, R.S.'    5 
'Alexandrov, K.' 6 
# 
_citation.id                        primary 
_citation.title                     
'Structure of the Rab7:REP-1 complex: insights into the mechanism of Rab prenylation and choroideremia disease' 
_citation.journal_abbrev            'Cell(Cambridge,Mass.)' 
_citation.journal_volume            117 
_citation.page_first                749 
_citation.page_last                 760 
_citation.year                      2004 
_citation.journal_id_ASTM           CELLB5 
_citation.country                   US 
_citation.journal_id_ISSN           0092-8674 
_citation.journal_id_CSD            0998 
_citation.book_publisher            ? 
_citation.pdbx_database_id_PubMed   15186776 
_citation.pdbx_database_id_DOI      10.1016/j.cell.2004.05.017 
# 
loop_
_citation_author.citation_id 
_citation_author.name 
_citation_author.ordinal 
_citation_author.identifier_ORCID 
primary 'Rak, A.'        1 ? 
primary 'Pylypenko, O.'  2 ? 
primary 'Niculae, A.'    3 ? 
primary 'Pyatkov, K.'    4 ? 
primary 'Goody, R.S.'    5 ? 
primary 'Alexandrov, K.' 6 ? 
# 
_cell.entry_id           1VG1 
_cell.length_a           64.500 
_cell.length_b           103.200 
_cell.length_c           51.700 
_cell.angle_alpha        90.00 
_cell.angle_beta         90.00 
_cell.angle_gamma        90.00 
_cell.Z_PDB              8 
_cell.pdbx_unique_axis   ? 
# 
_symmetry.entry_id                         1VG1 
_symmetry.space_group_name_H-M             'C 2 2 21' 
_symmetry.pdbx_full_space_group_name_H-M   ? 
_symmetry.cell_setting                     ? 
_symmetry.Int_Tables_number                20 
# 
loop_
_entity.id 
_entity.type 
_entity.src_method 
_entity.pdbx_description 
_entity.formula_weight 
_entity.pdbx_number_of_molecules 
_entity.pdbx_ec 
_entity.pdbx_mutation 
_entity.pdbx_fragment 
_entity.details 
1 polymer     man 'Ras-related protein Rab-7' 21120.998 1   ? ? 'Gtpase Domain' ? 
2 non-polymer syn 'MAGNESIUM ION'             24.305    1   ? ? ?               ? 
3 non-polymer syn "GUANOSINE-5'-DIPHOSPHATE"  443.201   1   ? ? ?               ? 
4 water       nat water                       18.015    144 ? ? ?               ? 
# 
_entity_name_com.entity_id   1 
_entity_name_com.name        'RAS-related protein P23, RAS-related protein BRL-RAS' 
# 
_entity_poly.entity_id                      1 
_entity_poly.type                           'polypeptide(L)' 
_entity_poly.nstd_linkage                   no 
_entity_poly.nstd_monomer                   no 
_entity_poly.pdbx_seq_one_letter_code       
;MTSRKKVLLKVIILGDSGVGKTSLMNQYVNKKFSNQYKATIGADFLTKEVMVDDRLVTMQIWDTAGQERFQSLGVAFYRG
ADCCVLVFDVTAPNTFKTLDSWRDEFLIQASPRDPENFPFVVLGNKIDLENRQVATKRAQAWCYSKNNIPYFETSAKEAI
NVEQAFQTIARNALKQETEVELYNE
;
_entity_poly.pdbx_seq_one_letter_code_can   
;MTSRKKVLLKVIILGDSGVGKTSLMNQYVNKKFSNQYKATIGADFLTKEVMVDDRLVTMQIWDTAGQERFQSLGVAFYRG
ADCCVLVFDVTAPNTFKTLDSWRDEFLIQASPRDPENFPFVVLGNKIDLENRQVATKRAQAWCYSKNNIPYFETSAKEAI
NVEQAFQTIARNALKQETEVELYNE
;
_entity_poly.pdbx_strand_id                 A 
_entity_poly.pdbx_target_identifier         ? 
# 
loop_
_entity_poly_seq.entity_id 
_entity_poly_seq.num 
_entity_poly_seq.mon_id 
_entity_poly_seq.hetero 
1 1   MET n 
1 2   THR n 
1 3   SER n 
1 4   ARG n 
1 5   LYS n 
1 6   LYS n 
1 7   VAL n 
1 8   LEU n 
1 9   LEU n 
1 10  LYS n 
1 11  VAL n 
1 12  ILE n 
1 13  ILE n 
1 14  LEU n 
1 15  GLY n 
1 16  ASP n 
1 17  SER n 
1 18  GLY n 
1 19  VAL n 
1 20  GLY n 
1 21  LYS n 
1 22  THR n 
1 23  SER n 
1 24  LEU n 
1 25  MET n 
1 26  ASN n 
1 27  GLN n 
1 28  TYR n 
1 29  VAL n 
1 30  ASN n 
1 31  LYS n 
1 32  LYS n 
1 33  PHE n 
1 34  SER n 
1 35  ASN n 
1 36  GLN n 
1 37  TYR n 
1 38  LYS n 
1 39  ALA n 
1 40  THR n 
1 41  ILE n 
1 42  GLY n 
1 43  ALA n 
1 44  ASP n 
1 45  PHE n 
1 46  LEU n 
1 47  THR n 
1 48  LYS n 
1 49  GLU n 
1 50  VAL n 
1 51  MET n 
1 52  VAL n 
1 53  ASP n 
1 54  ASP n 
1 55  ARG n 
1 56  LEU n 
1 57  VAL n 
1 58  THR n 
1 59  MET n 
1 60  GLN n 
1 61  ILE n 
1 62  TRP n 
1 63  ASP n 
1 64  THR n 
1 65  ALA n 
1 66  GLY n 
1 67  GLN n 
1 68  GLU n 
1 69  ARG n 
1 70  PHE n 
1 71  GLN n 
1 72  SER n 
1 73  LEU n 
1 74  GLY n 
1 75  VAL n 
1 76  ALA n 
1 77  PHE n 
1 78  TYR n 
1 79  ARG n 
1 80  GLY n 
1 81  ALA n 
1 82  ASP n 
1 83  CYS n 
1 84  CYS n 
1 85  VAL n 
1 86  LEU n 
1 87  VAL n 
1 88  PHE n 
1 89  ASP n 
1 90  VAL n 
1 91  THR n 
1 92  ALA n 
1 93  PRO n 
1 94  ASN n 
1 95  THR n 
1 96  PHE n 
1 97  LYS n 
1 98  THR n 
1 99  LEU n 
1 100 ASP n 
1 101 SER n 
1 102 TRP n 
1 103 ARG n 
1 104 ASP n 
1 105 GLU n 
1 106 PHE n 
1 107 LEU n 
1 108 ILE n 
1 109 GLN n 
1 110 ALA n 
1 111 SER n 
1 112 PRO n 
1 113 ARG n 
1 114 ASP n 
1 115 PRO n 
1 116 GLU n 
1 117 ASN n 
1 118 PHE n 
1 119 PRO n 
1 120 PHE n 
1 121 VAL n 
1 122 VAL n 
1 123 LEU n 
1 124 GLY n 
1 125 ASN n 
1 126 LYS n 
1 127 ILE n 
1 128 ASP n 
1 129 LEU n 
1 130 GLU n 
1 131 ASN n 
1 132 ARG n 
1 133 GLN n 
1 134 VAL n 
1 135 ALA n 
1 136 THR n 
1 137 LYS n 
1 138 ARG n 
1 139 ALA n 
1 140 GLN n 
1 141 ALA n 
1 142 TRP n 
1 143 CYS n 
1 144 TYR n 
1 145 SER n 
1 146 LYS n 
1 147 ASN n 
1 148 ASN n 
1 149 ILE n 
1 150 PRO n 
1 151 TYR n 
1 152 PHE n 
1 153 GLU n 
1 154 THR n 
1 155 SER n 
1 156 ALA n 
1 157 LYS n 
1 158 GLU n 
1 159 ALA n 
1 160 ILE n 
1 161 ASN n 
1 162 VAL n 
1 163 GLU n 
1 164 GLN n 
1 165 ALA n 
1 166 PHE n 
1 167 GLN n 
1 168 THR n 
1 169 ILE n 
1 170 ALA n 
1 171 ARG n 
1 172 ASN n 
1 173 ALA n 
1 174 LEU n 
1 175 LYS n 
1 176 GLN n 
1 177 GLU n 
1 178 THR n 
1 179 GLU n 
1 180 VAL n 
1 181 GLU n 
1 182 LEU n 
1 183 TYR n 
1 184 ASN n 
1 185 GLU n 
# 
_entity_src_gen.entity_id                          1 
_entity_src_gen.pdbx_src_id                        1 
_entity_src_gen.pdbx_alt_source_flag               sample 
_entity_src_gen.pdbx_seq_type                      ? 
_entity_src_gen.pdbx_beg_seq_num                   ? 
_entity_src_gen.pdbx_end_seq_num                   ? 
_entity_src_gen.gene_src_common_name               'Norway rat' 
_entity_src_gen.gene_src_genus                     Rattus 
_entity_src_gen.pdbx_gene_src_gene                 ? 
_entity_src_gen.gene_src_species                   ? 
_entity_src_gen.gene_src_strain                    ? 
_entity_src_gen.gene_src_tissue                    ? 
_entity_src_gen.gene_src_tissue_fraction           ? 
_entity_src_gen.gene_src_details                   ? 
_entity_src_gen.pdbx_gene_src_fragment             ? 
_entity_src_gen.pdbx_gene_src_scientific_name      'Rattus norvegicus' 
_entity_src_gen.pdbx_gene_src_ncbi_taxonomy_id     10116 
_entity_src_gen.pdbx_gene_src_variant              ? 
_entity_src_gen.pdbx_gene_src_cell_line            ? 
_entity_src_gen.pdbx_gene_src_atcc                 ? 
_entity_src_gen.pdbx_gene_src_organ                ? 
_entity_src_gen.pdbx_gene_src_organelle            ? 
_entity_src_gen.pdbx_gene_src_cell                 ? 
_entity_src_gen.pdbx_gene_src_cellular_location    ? 
_entity_src_gen.host_org_common_name               ? 
_entity_src_gen.pdbx_host_org_scientific_name      'Escherichia coli BL21(DE3)' 
_entity_src_gen.pdbx_host_org_ncbi_taxonomy_id     469008 
_entity_src_gen.host_org_genus                     Escherichia 
_entity_src_gen.pdbx_host_org_gene                 ? 
_entity_src_gen.pdbx_host_org_organ                ? 
_entity_src_gen.host_org_species                   'Escherichia coli' 
_entity_src_gen.pdbx_host_org_tissue               ? 
_entity_src_gen.pdbx_host_org_tissue_fraction      ? 
_entity_src_gen.pdbx_host_org_strain               'BL21(DE3)' 
_entity_src_gen.pdbx_host_org_variant              ? 
_entity_src_gen.pdbx_host_org_cell_line            ? 
_entity_src_gen.pdbx_host_org_atcc                 ? 
_entity_src_gen.pdbx_host_org_culture_collection   ? 
_entity_src_gen.pdbx_host_org_cell                 ? 
_entity_src_gen.pdbx_host_org_organelle            ? 
_entity_src_gen.pdbx_host_org_cellular_location    ? 
_entity_src_gen.pdbx_host_org_vector_type          PLASMID 
_entity_src_gen.pdbx_host_org_vector               ? 
_entity_src_gen.host_org_details                   ? 
_entity_src_gen.expression_system_id               ? 
_entity_src_gen.plasmid_name                       pET19 
_entity_src_gen.plasmid_details                    ? 
_entity_src_gen.pdbx_description                   ? 
# 
_struct_ref.id                         1 
_struct_ref.db_name                    UNP 
_struct_ref.db_code                    RAB7_RAT 
_struct_ref.pdbx_db_accession          P09527 
_struct_ref.entity_id                  1 
_struct_ref.pdbx_seq_one_letter_code   
;MTSRKKVLLKVIILGDSGVGKTSLMNQYVNKKFSNQYKATIGADFLTKEVMVDDRLVTMQIWDTAGQERFQSLGVAFYRG
ADCCVLVFDVTAPNTFKTLDSWRDEFLIQASPRDPENFPFVVLGNKIDLENRQVATKRAQAWCYSKNNIPYFETSAKEAI
NVEQAFQTIARNALKQETEVELYNE
;
_struct_ref.pdbx_align_begin           1 
_struct_ref.pdbx_db_isoform            ? 
# 
_struct_ref_seq.align_id                      1 
_struct_ref_seq.ref_id                        1 
_struct_ref_seq.pdbx_PDB_id_code              1VG1 
_struct_ref_seq.pdbx_strand_id                A 
_struct_ref_seq.seq_align_beg                 1 
_struct_ref_seq.pdbx_seq_align_beg_ins_code   ? 
_struct_ref_seq.seq_align_end                 185 
_struct_ref_seq.pdbx_seq_align_end_ins_code   ? 
_struct_ref_seq.pdbx_db_accession             P09527 
_struct_ref_seq.db_align_beg                  1 
_struct_ref_seq.pdbx_db_align_beg_ins_code    ? 
_struct_ref_seq.db_align_end                  185 
_struct_ref_seq.pdbx_db_align_end_ins_code    ? 
_struct_ref_seq.pdbx_auth_seq_align_beg       1 
_struct_ref_seq.pdbx_auth_seq_align_end       185 
# 
loop_
_chem_comp.id 
_chem_comp.type 
_chem_comp.mon_nstd_flag 
_chem_comp.name 
_chem_comp.pdbx_synonyms 
_chem_comp.formula 
_chem_comp.formula_weight 
ALA 'L-peptide linking' y ALANINE                    ? 'C3 H7 N O2'        89.093  
ARG 'L-peptide linking' y ARGININE                   ? 'C6 H15 N4 O2 1'    175.209 
ASN 'L-peptide linking' y ASPARAGINE                 ? 'C4 H8 N2 O3'       132.118 
ASP 'L-peptide linking' y 'ASPARTIC ACID'            ? 'C4 H7 N O4'        133.103 
CYS 'L-peptide linking' y CYSTEINE                   ? 'C3 H7 N O2 S'      121.158 
GDP 'RNA linking'       n "GUANOSINE-5'-DIPHOSPHATE" ? 'C10 H15 N5 O11 P2' 443.201 
GLN 'L-peptide linking' y GLUTAMINE                  ? 'C5 H10 N2 O3'      146.144 
GLU 'L-peptide linking' y 'GLUTAMIC ACID'            ? 'C5 H9 N O4'        147.129 
GLY 'peptide linking'   y GLYCINE                    ? 'C2 H5 N O2'        75.067  
HOH non-polymer         . WATER                      ? 'H2 O'              18.015  
ILE 'L-peptide linking' y ISOLEUCINE                 ? 'C6 H13 N O2'       131.173 
LEU 'L-peptide linking' y LEUCINE                    ? 'C6 H13 N O2'       131.173 
LYS 'L-peptide linking' y LYSINE                     ? 'C6 H15 N2 O2 1'    147.195 
MET 'L-peptide linking' y METHIONINE                 ? 'C5 H11 N O2 S'     149.211 
MG  non-polymer         . 'MAGNESIUM ION'            ? 'Mg 2'              24.305  
PHE 'L-peptide linking' y PHENYLALANINE              ? 'C9 H11 N O2'       165.189 
PRO 'L-peptide linking' y PROLINE                    ? 'C5 H9 N O2'        115.130 
SER 'L-peptide linking' y SERINE                     ? 'C3 H7 N O3'        105.093 
THR 'L-peptide linking' y THREONINE                  ? 'C4 H9 N O3'        119.119 
TRP 'L-peptide linking' y TRYPTOPHAN                 ? 'C11 H12 N2 O2'     204.225 
TYR 'L-peptide linking' y TYROSINE                   ? 'C9 H11 N O3'       181.189 
VAL 'L-peptide linking' y VALINE                     ? 'C5 H11 N O2'       117.146 
# 
_exptl.entry_id          1VG1 
_exptl.method            'X-RAY DIFFRACTION' 
_exptl.crystals_number   1 
# 
_exptl_crystal.id                    1 
_exptl_crystal.density_meas          ? 
_exptl_crystal.density_Matthews      2.14 
_exptl_crystal.density_percent_sol   42.5 
_exptl_crystal.description           ? 
# 
_exptl_crystal_grow.crystal_id      1 
_exptl_crystal_grow.method          'VAPOR DIFFUSION, HANGING DROP' 
_exptl_crystal_grow.temp            298 
_exptl_crystal_grow.temp_details    ? 
_exptl_crystal_grow.pH              7.2 
_exptl_crystal_grow.pdbx_details    
'25% PEG 3350, 0.25M Ammonium Phosphate, pH 7.2, VAPOR DIFFUSION, HANGING DROP, temperature 298K' 
_exptl_crystal_grow.pdbx_pH_range   . 
# 
_diffrn.id                     1 
_diffrn.ambient_temp           100 
_diffrn.ambient_temp_details   ? 
_diffrn.crystal_id             1 
# 
_diffrn_detector.diffrn_id              1 
_diffrn_detector.detector               'IMAGE PLATE' 
_diffrn_detector.type                   MARRESEARCH 
_diffrn_detector.pdbx_collection_date   2002-07-02 
_diffrn_detector.details                ? 
# 
_diffrn_radiation.diffrn_id                        1 
_diffrn_radiation.wavelength_id                    1 
_diffrn_radiation.pdbx_monochromatic_or_laue_m_l   M 
_diffrn_radiation.monochromator                    'Osmic mirrors' 
_diffrn_radiation.pdbx_diffrn_protocol             'SINGLE WAVELENGTH' 
_diffrn_radiation.pdbx_scattering_type             x-ray 
# 
_diffrn_radiation_wavelength.id           1 
_diffrn_radiation_wavelength.wavelength   1.5418 
_diffrn_radiation_wavelength.wt           1.0 
# 
_diffrn_source.diffrn_id                   1 
_diffrn_source.source                      'ROTATING ANODE' 
_diffrn_source.type                        'ENRAF-NONIUS FR591' 
_diffrn_source.pdbx_synchrotron_site       ? 
_diffrn_source.pdbx_synchrotron_beamline   ? 
_diffrn_source.pdbx_wavelength             1.5418 
_diffrn_source.pdbx_wavelength_list        ? 
# 
_reflns.entry_id                     1VG1 
_reflns.observed_criterion_sigma_I   1.0 
_reflns.observed_criterion_sigma_F   1.0 
_reflns.d_resolution_low             18.8 
_reflns.d_resolution_high            1.9 
_reflns.number_obs                   13877 
_reflns.number_all                   13877 
_reflns.percent_possible_obs         99.2 
_reflns.pdbx_Rmerge_I_obs            ? 
_reflns.pdbx_Rsym_value              0.057 
_reflns.pdbx_netI_over_sigmaI        20.2 
_reflns.B_iso_Wilson_estimate        27.7 
_reflns.pdbx_redundancy              5.7 
_reflns.R_free_details               ? 
_reflns.limit_h_max                  ? 
_reflns.limit_h_min                  ? 
_reflns.limit_k_max                  ? 
_reflns.limit_k_min                  ? 
_reflns.limit_l_max                  ? 
_reflns.limit_l_min                  ? 
_reflns.observed_criterion_F_max     ? 
_reflns.observed_criterion_F_min     ? 
_reflns.pdbx_diffrn_id               1 
_reflns.pdbx_ordinal                 1 
# 
_reflns_shell.d_res_high             1.9 
_reflns_shell.d_res_low              2.0 
_reflns_shell.percent_possible_all   99 
_reflns_shell.Rmerge_I_obs           ? 
_reflns_shell.pdbx_Rsym_value        0.322 
_reflns_shell.meanI_over_sigI_obs    5.7 
_reflns_shell.pdbx_redundancy        5.7 
_reflns_shell.percent_possible_obs   ? 
_reflns_shell.number_unique_all      1929 
_reflns_shell.pdbx_diffrn_id         ? 
_reflns_shell.pdbx_ordinal           1 
# 
_refine.entry_id                                 1VG1 
_refine.ls_number_reflns_obs                     13858 
_refine.ls_number_reflns_all                     13858 
_refine.pdbx_ls_sigma_I                          ? 
_refine.pdbx_ls_sigma_F                          0.0 
_refine.pdbx_data_cutoff_high_absF               2358514.38 
_refine.pdbx_data_cutoff_low_absF                0.000000 
_refine.pdbx_data_cutoff_high_rms_absF           ? 
_refine.ls_d_res_low                             18.79 
_refine.ls_d_res_high                            1.90 
_refine.ls_percent_reflns_obs                    99.4 
_refine.ls_R_factor_obs                          0.187 
_refine.ls_R_factor_all                          ? 
_refine.ls_R_factor_R_work                       0.187 
_refine.ls_R_factor_R_free                       0.247 
_refine.ls_R_factor_R_free_error                 0.009 
_refine.ls_R_factor_R_free_error_details         ? 
_refine.ls_percent_reflns_R_free                 5.0 
_refine.ls_number_reflns_R_free                  694 
_refine.ls_number_parameters                     ? 
_refine.ls_number_restraints                     ? 
_refine.occupancy_min                            ? 
_refine.occupancy_max                            ? 
_refine.correlation_coeff_Fo_to_Fc               ? 
_refine.correlation_coeff_Fo_to_Fc_free          ? 
_refine.B_iso_mean                               24.5 
_refine.aniso_B[1][1]                            0.00 
_refine.aniso_B[2][2]                            0.00 
_refine.aniso_B[3][3]                            0.00 
_refine.aniso_B[1][2]                            0.00 
_refine.aniso_B[1][3]                            0.00 
_refine.aniso_B[2][3]                            0.00 
_refine.solvent_model_details                    'FLAT MODEL' 
_refine.solvent_model_param_ksol                 0.380535 
_refine.solvent_model_param_bsol                 53.5484 
_refine.pdbx_solvent_vdw_probe_radii             ? 
_refine.pdbx_solvent_ion_probe_radii             ? 
_refine.pdbx_solvent_shrinkage_radii             ? 
_refine.pdbx_ls_cross_valid_method               THROUGHOUT 
_refine.details                                  ? 
_refine.pdbx_starting_model                      'Rab7 from REP1:Rab7 complex (PDB code 1VG0)' 
_refine.pdbx_method_to_determine_struct          'MOLECULAR REPLACEMENT' 
_refine.pdbx_isotropic_thermal_model             RESTRAINED 
_refine.pdbx_stereochemistry_target_values       'Engh & Huber' 
_refine.pdbx_stereochem_target_val_spec_case     ? 
_refine.pdbx_R_Free_selection_details            RANDOM 
_refine.pdbx_overall_ESU_R                       ? 
_refine.pdbx_overall_ESU_R_Free                  ? 
_refine.overall_SU_ML                            ? 
_refine.overall_SU_B                             ? 
_refine.ls_redundancy_reflns_obs                 ? 
_refine.B_iso_min                                ? 
_refine.B_iso_max                                ? 
_refine.overall_SU_R_Cruickshank_DPI             ? 
_refine.overall_SU_R_free                        ? 
_refine.pdbx_refine_id                           'X-RAY DIFFRACTION' 
_refine.pdbx_diffrn_id                           1 
_refine.pdbx_TLS_residual_ADP_flag               ? 
_refine.pdbx_overall_phase_error                 ? 
_refine.pdbx_overall_SU_R_free_Cruickshank_DPI   ? 
_refine.pdbx_overall_SU_R_Blow_DPI               ? 
_refine.pdbx_overall_SU_R_free_Blow_DPI          ? 
# 
_refine_analyze.entry_id                        1VG1 
_refine_analyze.Luzzati_coordinate_error_obs    0.20 
_refine_analyze.Luzzati_sigma_a_obs             0.12 
_refine_analyze.Luzzati_d_res_low_obs           5.00 
_refine_analyze.Luzzati_coordinate_error_free   0.27 
_refine_analyze.Luzzati_sigma_a_free            0.20 
_refine_analyze.Luzzati_d_res_low_free          ? 
_refine_analyze.number_disordered_residues      ? 
_refine_analyze.occupancy_sum_hydrogen          ? 
_refine_analyze.occupancy_sum_non_hydrogen      ? 
_refine_analyze.pdbx_Luzzati_d_res_high_obs     ? 
_refine_analyze.pdbx_refine_id                  'X-RAY DIFFRACTION' 
# 
_refine_hist.pdbx_refine_id                   'X-RAY DIFFRACTION' 
_refine_hist.cycle_id                         LAST 
_refine_hist.pdbx_number_atoms_protein        1333 
_refine_hist.pdbx_number_atoms_nucleic_acid   0 
_refine_hist.pdbx_number_atoms_ligand         29 
_refine_hist.number_atoms_solvent             144 
_refine_hist.number_atoms_total               1506 
_refine_hist.d_res_high                       1.90 
_refine_hist.d_res_low                        18.79 
# 
loop_
_refine_ls_restr.type 
_refine_ls_restr.dev_ideal 
_refine_ls_restr.dev_ideal_target 
_refine_ls_restr.weight 
_refine_ls_restr.number 
_refine_ls_restr.pdbx_refine_id 
_refine_ls_restr.pdbx_restraint_function 
c_bond_d                0.015 ?    ? ? 'X-RAY DIFFRACTION' ? 
c_bond_d_na             ?     ?    ? ? 'X-RAY DIFFRACTION' ? 
c_bond_d_prot           ?     ?    ? ? 'X-RAY DIFFRACTION' ? 
c_angle_d               ?     ?    ? ? 'X-RAY DIFFRACTION' ? 
c_angle_d_na            ?     ?    ? ? 'X-RAY DIFFRACTION' ? 
c_angle_d_prot          ?     ?    ? ? 'X-RAY DIFFRACTION' ? 
c_angle_deg             1.7   ?    ? ? 'X-RAY DIFFRACTION' ? 
c_angle_deg_na          ?     ?    ? ? 'X-RAY DIFFRACTION' ? 
c_angle_deg_prot        ?     ?    ? ? 'X-RAY DIFFRACTION' ? 
c_dihedral_angle_d      23.8  ?    ? ? 'X-RAY DIFFRACTION' ? 
c_dihedral_angle_d_na   ?     ?    ? ? 'X-RAY DIFFRACTION' ? 
c_dihedral_angle_d_prot ?     ?    ? ? 'X-RAY DIFFRACTION' ? 
c_improper_angle_d      1.09  ?    ? ? 'X-RAY DIFFRACTION' ? 
c_improper_angle_d_na   ?     ?    ? ? 'X-RAY DIFFRACTION' ? 
c_improper_angle_d_prot ?     ?    ? ? 'X-RAY DIFFRACTION' ? 
c_mcbond_it             3.09  1.50 ? ? 'X-RAY DIFFRACTION' ? 
c_mcangle_it            3.77  2.00 ? ? 'X-RAY DIFFRACTION' ? 
c_scbond_it             4.53  2.00 ? ? 'X-RAY DIFFRACTION' ? 
c_scangle_it            5.86  2.50 ? ? 'X-RAY DIFFRACTION' ? 
# 
_refine_ls_shell.pdbx_total_number_of_bins_used   6 
_refine_ls_shell.d_res_high                       1.90 
_refine_ls_shell.d_res_low                        2.02 
_refine_ls_shell.number_reflns_R_work             2140 
_refine_ls_shell.R_factor_R_work                  0.227 
_refine_ls_shell.percent_reflns_obs               99.1 
_refine_ls_shell.R_factor_R_free                  0.284 
_refine_ls_shell.R_factor_R_free_error            0.027 
_refine_ls_shell.percent_reflns_R_free            5.0 
_refine_ls_shell.number_reflns_R_free             113 
_refine_ls_shell.number_reflns_obs                ? 
_refine_ls_shell.redundancy_reflns_obs            ? 
_refine_ls_shell.number_reflns_all                ? 
_refine_ls_shell.pdbx_refine_id                   'X-RAY DIFFRACTION' 
_refine_ls_shell.R_factor_all                     ? 
# 
loop_
_pdbx_xplor_file.serial_no 
_pdbx_xplor_file.param_file 
_pdbx_xplor_file.topol_file 
_pdbx_xplor_file.pdbx_refine_id 
1 PROTEIN_REP.PARAM   PROTEIN.TOP 'X-RAY DIFFRACTION' 
2 PG4_XPLOR_PARAM.TXT ?           'X-RAY DIFFRACTION' 
3 WATER_REP.PARAM     ?           'X-RAY DIFFRACTION' 
4 ION.PARAM           ?           'X-RAY DIFFRACTION' 
5 GDP_XPLOR_PARAM.TXT ?           'X-RAY DIFFRACTION' 
# 
_struct.entry_id                  1VG1 
_struct.title                     'GDP-Bound Rab7' 
_struct.pdbx_model_details        ? 
_struct.pdbx_CASP_flag            ? 
_struct.pdbx_model_type_details   ? 
# 
_struct_keywords.entry_id        1VG1 
_struct_keywords.pdbx_keywords   'PROTEIN TRANSPORT' 
_struct_keywords.text            'GTP-binding protein, PROTEIN TRANSPORT' 
# 
loop_
_struct_asym.id 
_struct_asym.pdbx_blank_PDB_chainid_flag 
_struct_asym.pdbx_modified 
_struct_asym.entity_id 
_struct_asym.details 
A N N 1 ? 
B N N 2 ? 
C N N 3 ? 
D N N 4 ? 
# 
_struct_biol.id                    1 
_struct_biol.pdbx_parent_biol_id   ? 
_struct_biol.details               ? 
# 
loop_
_struct_conf.conf_type_id 
_struct_conf.id 
_struct_conf.pdbx_PDB_helix_id 
_struct_conf.beg_label_comp_id 
_struct_conf.beg_label_asym_id 
_struct_conf.beg_label_seq_id 
_struct_conf.pdbx_beg_PDB_ins_code 
_struct_conf.end_label_comp_id 
_struct_conf.end_label_asym_id 
_struct_conf.end_label_seq_id 
_struct_conf.pdbx_end_PDB_ins_code 
_struct_conf.beg_auth_comp_id 
_struct_conf.beg_auth_asym_id 
_struct_conf.beg_auth_seq_id 
_struct_conf.end_auth_comp_id 
_struct_conf.end_auth_asym_id 
_struct_conf.end_auth_seq_id 
_struct_conf.pdbx_PDB_helix_class 
_struct_conf.details 
_struct_conf.pdbx_PDB_helix_length 
HELX_P HELX_P1 1 GLY A 20  ? LYS A 31  ? GLY A 20  LYS A 31  1 ? 12 
HELX_P HELX_P2 2 GLY A 74  ? GLY A 80  ? GLY A 74  GLY A 80  1 ? 7  
HELX_P HELX_P3 3 ALA A 92  ? THR A 98  ? ALA A 92  THR A 98  1 ? 7  
HELX_P HELX_P4 4 THR A 98  ? SER A 111 ? THR A 98  SER A 111 1 ? 14 
HELX_P HELX_P5 5 ALA A 135 ? SER A 145 ? ALA A 135 SER A 145 1 ? 11 
HELX_P HELX_P6 6 ASN A 161 ? TYR A 183 ? ASN A 161 TYR A 183 1 ? 23 
# 
_struct_conf_type.id          HELX_P 
_struct_conf_type.criteria    ? 
_struct_conf_type.reference   ? 
# 
loop_
_struct_conn.id 
_struct_conn.conn_type_id 
_struct_conn.pdbx_leaving_atom_flag 
_struct_conn.pdbx_PDB_id 
_struct_conn.ptnr1_label_asym_id 
_struct_conn.ptnr1_label_comp_id 
_struct_conn.ptnr1_label_seq_id 
_struct_conn.ptnr1_label_atom_id 
_struct_conn.pdbx_ptnr1_label_alt_id 
_struct_conn.pdbx_ptnr1_PDB_ins_code 
_struct_conn.pdbx_ptnr1_standard_comp_id 
_struct_conn.ptnr1_symmetry 
_struct_conn.ptnr2_label_asym_id 
_struct_conn.ptnr2_label_comp_id 
_struct_conn.ptnr2_label_seq_id 
_struct_conn.ptnr2_label_atom_id 
_struct_conn.pdbx_ptnr2_label_alt_id 
_struct_conn.pdbx_ptnr2_PDB_ins_code 
_struct_conn.ptnr1_auth_asym_id 
_struct_conn.ptnr1_auth_comp_id 
_struct_conn.ptnr1_auth_seq_id 
_struct_conn.ptnr2_auth_asym_id 
_struct_conn.ptnr2_auth_comp_id 
_struct_conn.ptnr2_auth_seq_id 
_struct_conn.ptnr2_symmetry 
_struct_conn.pdbx_ptnr3_label_atom_id 
_struct_conn.pdbx_ptnr3_label_seq_id 
_struct_conn.pdbx_ptnr3_label_comp_id 
_struct_conn.pdbx_ptnr3_label_asym_id 
_struct_conn.pdbx_ptnr3_label_alt_id 
_struct_conn.pdbx_ptnr3_PDB_ins_code 
_struct_conn.details 
_struct_conn.pdbx_dist_value 
_struct_conn.pdbx_value_order 
_struct_conn.pdbx_role 
metalc1 metalc ? ? A THR 22 OG1 ? ? ? 1_555 B MG . MG ? ? A THR 22   A MG 3000 1_555 ? ? ? ? ? ? ? 2.409 ? ? 
metalc2 metalc ? ? D HOH .  O   ? ? ? 1_555 B MG . MG ? ? A HOH 1085 A MG 3000 1_555 ? ? ? ? ? ? ? 2.448 ? ? 
metalc3 metalc ? ? D HOH .  O   ? ? ? 1_555 B MG . MG ? ? A HOH 1087 A MG 3000 1_555 ? ? ? ? ? ? ? 2.040 ? ? 
metalc4 metalc ? ? D HOH .  O   ? ? ? 1_555 B MG . MG ? ? A HOH 1088 A MG 3000 1_555 ? ? ? ? ? ? ? 2.166 ? ? 
metalc5 metalc ? ? D HOH .  O   ? ? ? 1_555 B MG . MG ? ? A HOH 1153 A MG 3000 1_555 ? ? ? ? ? ? ? 2.201 ? ? 
metalc6 metalc ? ? C GDP .  O3B ? ? ? 1_555 B MG . MG ? ? A GDP 1557 A MG 3000 1_555 ? ? ? ? ? ? ? 2.125 ? ? 
# 
_struct_conn_type.id          metalc 
_struct_conn_type.criteria    ? 
_struct_conn_type.reference   ? 
# 
_struct_sheet.id               A 
_struct_sheet.type             ? 
_struct_sheet.number_strands   6 
_struct_sheet.details          ? 
# 
loop_
_struct_sheet_order.sheet_id 
_struct_sheet_order.range_id_1 
_struct_sheet_order.range_id_2 
_struct_sheet_order.offset 
_struct_sheet_order.sense 
A 1 2 ? anti-parallel 
A 2 3 ? parallel      
A 3 4 ? parallel      
A 4 5 ? parallel      
A 5 6 ? parallel      
# 
loop_
_struct_sheet_range.sheet_id 
_struct_sheet_range.id 
_struct_sheet_range.beg_label_comp_id 
_struct_sheet_range.beg_label_asym_id 
_struct_sheet_range.beg_label_seq_id 
_struct_sheet_range.pdbx_beg_PDB_ins_code 
_struct_sheet_range.end_label_comp_id 
_struct_sheet_range.end_label_asym_id 
_struct_sheet_range.end_label_seq_id 
_struct_sheet_range.pdbx_end_PDB_ins_code 
_struct_sheet_range.beg_auth_comp_id 
_struct_sheet_range.beg_auth_asym_id 
_struct_sheet_range.beg_auth_seq_id 
_struct_sheet_range.end_auth_comp_id 
_struct_sheet_range.end_auth_asym_id 
_struct_sheet_range.end_auth_seq_id 
A 1 ASP A 44  ? VAL A 52  ? ASP A 44  VAL A 52  
A 2 ARG A 55  ? ASP A 63  ? ARG A 55  ASP A 63  
A 3 LEU A 8   ? LEU A 14  ? LEU A 8   LEU A 14  
A 4 CYS A 83  ? ASP A 89  ? CYS A 83  ASP A 89  
A 5 PHE A 120 ? ASN A 125 ? PHE A 120 ASN A 125 
A 6 TYR A 151 ? THR A 154 ? TYR A 151 THR A 154 
# 
loop_
_pdbx_struct_sheet_hbond.sheet_id 
_pdbx_struct_sheet_hbond.range_id_1 
_pdbx_struct_sheet_hbond.range_id_2 
_pdbx_struct_sheet_hbond.range_1_label_atom_id 
_pdbx_struct_sheet_hbond.range_1_label_comp_id 
_pdbx_struct_sheet_hbond.range_1_label_asym_id 
_pdbx_struct_sheet_hbond.range_1_label_seq_id 
_pdbx_struct_sheet_hbond.range_1_PDB_ins_code 
_pdbx_struct_sheet_hbond.range_1_auth_atom_id 
_pdbx_struct_sheet_hbond.range_1_auth_comp_id 
_pdbx_struct_sheet_hbond.range_1_auth_asym_id 
_pdbx_struct_sheet_hbond.range_1_auth_seq_id 
_pdbx_struct_sheet_hbond.range_2_label_atom_id 
_pdbx_struct_sheet_hbond.range_2_label_comp_id 
_pdbx_struct_sheet_hbond.range_2_label_asym_id 
_pdbx_struct_sheet_hbond.range_2_label_seq_id 
_pdbx_struct_sheet_hbond.range_2_PDB_ins_code 
_pdbx_struct_sheet_hbond.range_2_auth_atom_id 
_pdbx_struct_sheet_hbond.range_2_auth_comp_id 
_pdbx_struct_sheet_hbond.range_2_auth_asym_id 
_pdbx_struct_sheet_hbond.range_2_auth_seq_id 
A 1 2 N VAL A 52  ? N VAL A 52  O ARG A 55  ? O ARG A 55  
A 2 3 O TRP A 62  ? O TRP A 62  N VAL A 11  ? N VAL A 11  
A 3 4 N ILE A 12  ? N ILE A 12  O VAL A 85  ? O VAL A 85  
A 4 5 N LEU A 86  ? N LEU A 86  O VAL A 121 ? O VAL A 121 
A 5 6 N GLY A 124 ? N GLY A 124 O PHE A 152 ? O PHE A 152 
# 
loop_
_struct_site.id 
_struct_site.pdbx_evidence_code 
_struct_site.pdbx_auth_asym_id 
_struct_site.pdbx_auth_comp_id 
_struct_site.pdbx_auth_seq_id 
_struct_site.pdbx_auth_ins_code 
_struct_site.pdbx_num_residues 
_struct_site.details 
AC1 Software A MG  3000 ? 6  'BINDING SITE FOR RESIDUE MG A 3000'  
AC2 Software A GDP 1557 ? 21 'BINDING SITE FOR RESIDUE GDP A 1557' 
# 
loop_
_struct_site_gen.id 
_struct_site_gen.site_id 
_struct_site_gen.pdbx_num_res 
_struct_site_gen.label_comp_id 
_struct_site_gen.label_asym_id 
_struct_site_gen.label_seq_id 
_struct_site_gen.pdbx_auth_ins_code 
_struct_site_gen.auth_comp_id 
_struct_site_gen.auth_asym_id 
_struct_site_gen.auth_seq_id 
_struct_site_gen.label_atom_id 
_struct_site_gen.label_alt_id 
_struct_site_gen.symmetry 
_struct_site_gen.details 
1  AC1 6  THR A 22  ? THR A 22   . ? 1_555 ? 
2  AC1 6  HOH D .   ? HOH A 1085 . ? 1_555 ? 
3  AC1 6  HOH D .   ? HOH A 1087 . ? 1_555 ? 
4  AC1 6  HOH D .   ? HOH A 1088 . ? 1_555 ? 
5  AC1 6  HOH D .   ? HOH A 1153 . ? 1_555 ? 
6  AC1 6  GDP C .   ? GDP A 1557 . ? 1_555 ? 
7  AC2 21 GLY A 18  ? GLY A 18   . ? 1_555 ? 
8  AC2 21 VAL A 19  ? VAL A 19   . ? 1_555 ? 
9  AC2 21 GLY A 20  ? GLY A 20   . ? 1_555 ? 
10 AC2 21 LYS A 21  ? LYS A 21   . ? 1_555 ? 
11 AC2 21 THR A 22  ? THR A 22   . ? 1_555 ? 
12 AC2 21 SER A 23  ? SER A 23   . ? 1_555 ? 
13 AC2 21 PHE A 33  ? PHE A 33   . ? 1_555 ? 
14 AC2 21 ASN A 125 ? ASN A 125  . ? 1_555 ? 
15 AC2 21 LYS A 126 ? LYS A 126  . ? 1_555 ? 
16 AC2 21 ASP A 128 ? ASP A 128  . ? 1_555 ? 
17 AC2 21 LEU A 129 ? LEU A 129  . ? 1_555 ? 
18 AC2 21 SER A 155 ? SER A 155  . ? 1_555 ? 
19 AC2 21 ALA A 156 ? ALA A 156  . ? 1_555 ? 
20 AC2 21 LYS A 157 ? LYS A 157  . ? 1_555 ? 
21 AC2 21 HOH D .   ? HOH A 1033 . ? 1_555 ? 
22 AC2 21 HOH D .   ? HOH A 1048 . ? 1_555 ? 
23 AC2 21 HOH D .   ? HOH A 1085 . ? 1_555 ? 
24 AC2 21 HOH D .   ? HOH A 1087 . ? 1_555 ? 
25 AC2 21 HOH D .   ? HOH A 1088 . ? 1_555 ? 
26 AC2 21 HOH D .   ? HOH A 1091 . ? 1_555 ? 
27 AC2 21 MG  B .   ? MG  A 3000 . ? 1_555 ? 
# 
_atom_sites.entry_id                    1VG1 
_atom_sites.fract_transf_matrix[1][1]   0.01017055 
_atom_sites.fract_transf_matrix[1][2]   -0.01162239 
_atom_sites.fract_transf_matrix[1][3]   0.00136162 
_atom_sites.fract_transf_matrix[2][1]   0.00295728 
_atom_sites.fract_transf_matrix[2][2]   0.00358406 
_atom_sites.fract_transf_matrix[2][3]   0.00850324 
_atom_sites.fract_transf_matrix[3][1]   -0.01335200 
_atom_sites.fract_transf_matrix[3][2]   -0.01061588 
_atom_sites.fract_transf_matrix[3][3]   0.00911812 
_atom_sites.fract_transf_vector[1]      0.254973 
_atom_sites.fract_transf_vector[2]      0.380844 
_atom_sites.fract_transf_vector[3]      0.212539 
# 
loop_
_atom_type.symbol 
C  
MG 
N  
O  
P  
S  
# 
loop_
_atom_site.group_PDB 
_atom_site.id 
_atom_site.type_symbol 
_atom_site.label_atom_id 
_atom_site.label_alt_id 
_atom_site.label_comp_id 
_atom_site.label_asym_id 
_atom_site.label_entity_id 
_atom_site.label_seq_id 
_atom_site.pdbx_PDB_ins_code 
_atom_site.Cartn_x 
_atom_site.Cartn_y 
_atom_site.Cartn_z 
_atom_site.occupancy 
_atom_site.B_iso_or_equiv 
_atom_site.pdbx_formal_charge 
_atom_site.auth_seq_id 
_atom_site.auth_comp_id 
_atom_site.auth_asym_id 
_atom_site.auth_atom_id 
_atom_site.pdbx_PDB_model_num 
ATOM   1    N  N     . LYS A 1 5   ? -23.336 4.269   11.649  1.00 33.01 ? 5    LYS A N     1 
ATOM   2    C  CA    . LYS A 1 5   ? -22.060 4.727   11.009  1.00 32.69 ? 5    LYS A CA    1 
ATOM   3    C  C     . LYS A 1 5   ? -21.372 3.525   10.363  1.00 31.00 ? 5    LYS A C     1 
ATOM   4    O  O     . LYS A 1 5   ? -21.272 2.458   10.992  1.00 30.01 ? 5    LYS A O     1 
ATOM   5    C  CB    . LYS A 1 5   ? -21.135 5.343   12.064  1.00 33.25 ? 5    LYS A CB    1 
ATOM   6    C  CG    . LYS A 1 5   ? -21.674 6.599   12.710  1.00 36.23 ? 5    LYS A CG    1 
ATOM   7    C  CD    . LYS A 1 5   ? -20.727 7.152   13.804  1.00 22.12 ? 5    LYS A CD    1 
ATOM   8    C  CE    . LYS A 1 5   ? -21.310 8.452   14.340  1.00 31.21 ? 5    LYS A CE    1 
ATOM   9    N  NZ    . LYS A 1 5   ? -20.363 9.187   15.221  1.00 26.15 ? 5    LYS A NZ    1 
ATOM   10   N  N     . LYS A 1 6   ? -20.940 3.681   9.104   1.00 28.28 ? 6    LYS A N     1 
ATOM   11   C  CA    . LYS A 1 6   ? -20.247 2.589   8.385   1.00 28.57 ? 6    LYS A CA    1 
ATOM   12   C  C     . LYS A 1 6   ? -18.786 2.874   8.376   1.00 17.44 ? 6    LYS A C     1 
ATOM   13   O  O     . LYS A 1 6   ? -18.376 4.040   8.654   1.00 30.26 ? 6    LYS A O     1 
ATOM   14   C  CB    . LYS A 1 6   ? -20.761 2.434   6.955   1.00 35.00 ? 6    LYS A CB    1 
ATOM   15   C  CG    . LYS A 1 6   ? -22.014 1.576   6.890   1.00 42.28 ? 6    LYS A CG    1 
ATOM   16   C  CD    . LYS A 1 6   ? -22.403 1.318   5.440   1.00 42.07 ? 6    LYS A CD    1 
ATOM   17   C  CE    . LYS A 1 6   ? -21.210 0.785   4.634   1.00 44.04 ? 6    LYS A CE    1 
ATOM   18   N  NZ    . LYS A 1 6   ? -21.563 0.507   3.203   1.00 44.35 ? 6    LYS A NZ    1 
ATOM   19   N  N     . VAL A 1 7   ? -17.974 1.838   8.130   1.00 25.72 ? 7    VAL A N     1 
ATOM   20   C  CA    . VAL A 1 7   ? -16.510 2.030   8.128   1.00 19.57 ? 7    VAL A CA    1 
ATOM   21   C  C     . VAL A 1 7   ? -15.867 2.003   6.730   1.00 16.71 ? 7    VAL A C     1 
ATOM   22   O  O     . VAL A 1 7   ? -15.696 0.952   6.120   1.00 17.91 ? 7    VAL A O     1 
ATOM   23   C  CB    . VAL A 1 7   ? -15.780 0.994   9.022   1.00 19.34 ? 7    VAL A CB    1 
ATOM   24   C  CG1   . VAL A 1 7   ? -14.274 1.317   9.044   1.00 22.21 ? 7    VAL A CG1   1 
ATOM   25   C  CG2   . VAL A 1 7   ? -16.356 1.033   10.462  1.00 25.30 ? 7    VAL A CG2   1 
ATOM   26   N  N     . LEU A 1 8   ? -15.471 3.190   6.287   1.00 15.91 ? 8    LEU A N     1 
ATOM   27   C  CA    . LEU A 1 8   ? -14.831 3.407   4.996   1.00 16.38 ? 8    LEU A CA    1 
ATOM   28   C  C     . LEU A 1 8   ? -13.312 3.715   5.182   1.00 15.77 ? 8    LEU A C     1 
ATOM   29   O  O     . LEU A 1 8   ? -12.930 4.653   5.903   1.00 16.88 ? 8    LEU A O     1 
ATOM   30   C  CB    . LEU A 1 8   ? -15.535 4.574   4.307   1.00 17.27 ? 8    LEU A CB    1 
ATOM   31   C  CG    . LEU A 1 8   ? -15.042 4.940   2.907   1.00 21.53 ? 8    LEU A CG    1 
ATOM   32   C  CD1   . LEU A 1 8   ? -15.284 3.731   2.001   1.00 21.78 ? 8    LEU A CD1   1 
ATOM   33   C  CD2   . LEU A 1 8   ? -15.804 6.144   2.352   1.00 28.78 ? 8    LEU A CD2   1 
ATOM   34   N  N     . LEU A 1 9   ? -12.466 2.925   4.525   1.00 13.75 ? 9    LEU A N     1 
ATOM   35   C  CA    . LEU A 1 9   ? -11.037 3.074   4.635   1.00 13.73 ? 9    LEU A CA    1 
ATOM   36   C  C     . LEU A 1 9   ? -10.452 3.514   3.307   1.00 14.69 ? 9    LEU A C     1 
ATOM   37   O  O     . LEU A 1 9   ? -10.641 2.850   2.306   1.00 19.87 ? 9    LEU A O     1 
ATOM   38   C  CB    . LEU A 1 9   ? -10.410 1.739   5.039   1.00 14.85 ? 9    LEU A CB    1 
ATOM   39   C  CG    . LEU A 1 9   ? -10.961 1.036   6.280   1.00 18.73 ? 9    LEU A CG    1 
ATOM   40   C  CD1   . LEU A 1 9   ? -10.137 -0.236  6.534   1.00 14.38 ? 9    LEU A CD1   1 
ATOM   41   C  CD2   . LEU A 1 9   ? -10.861 1.940   7.490   1.00 16.43 ? 9    LEU A CD2   1 
ATOM   42   N  N     . LYS A 1 10  ? -9.728  4.630   3.302   1.00 13.09 ? 10   LYS A N     1 
ATOM   43   C  CA    . LYS A 1 10  ? -9.129  5.109   2.062   1.00 13.71 ? 10   LYS A CA    1 
ATOM   44   C  C     . LYS A 1 10  ? -7.692  4.620   1.962   1.00 12.54 ? 10   LYS A C     1 
ATOM   45   O  O     . LYS A 1 10  ? -6.897  4.806   2.892   1.00 14.63 ? 10   LYS A O     1 
ATOM   46   C  CB    . LYS A 1 10  ? -9.129  6.625   2.033   1.00 17.51 ? 10   LYS A CB    1 
ATOM   47   C  CG    . LYS A 1 10  ? -8.565  7.203   0.768   1.00 23.52 ? 10   LYS A CG    1 
ATOM   48   C  CD    . LYS A 1 10  ? -8.508  8.731   0.856   1.00 24.37 ? 10   LYS A CD    1 
ATOM   49   C  CE    . LYS A 1 10  ? -8.372  9.344   -0.529  1.00 29.76 ? 10   LYS A CE    1 
ATOM   50   N  NZ    . LYS A 1 10  ? -8.387  10.840  -0.371  1.00 36.30 ? 10   LYS A NZ    1 
ATOM   51   N  N     . VAL A 1 11  ? -7.365  3.977   0.847   1.00 11.17 ? 11   VAL A N     1 
ATOM   52   C  CA    . VAL A 1 11  ? -6.021  3.461   0.682   1.00 15.86 ? 11   VAL A CA    1 
ATOM   53   C  C     . VAL A 1 11  ? -5.519  4.008   -0.642  1.00 14.51 ? 11   VAL A C     1 
ATOM   54   O  O     . VAL A 1 11  ? -6.270  4.029   -1.615  1.00 17.25 ? 11   VAL A O     1 
ATOM   55   C  CB    . VAL A 1 11  ? -6.037  1.921   0.638   1.00 17.14 ? 11   VAL A CB    1 
ATOM   56   C  CG1   . VAL A 1 11  ? -4.701  1.395   0.149   1.00 21.37 ? 11   VAL A CG1   1 
ATOM   57   C  CG2   . VAL A 1 11  ? -6.370  1.364   2.067   1.00 20.91 ? 11   VAL A CG2   1 
ATOM   58   N  N     . ILE A 1 12  ? -4.278  4.473   -0.662  1.00 14.38 ? 12   ILE A N     1 
ATOM   59   C  CA    . ILE A 1 12  ? -3.698  4.971   -1.918  1.00 16.04 ? 12   ILE A CA    1 
ATOM   60   C  C     . ILE A 1 12  ? -2.431  4.159   -2.200  1.00 14.92 ? 12   ILE A C     1 
ATOM   61   O  O     . ILE A 1 12  ? -1.739  3.719   -1.272  1.00 15.61 ? 12   ILE A O     1 
ATOM   62   C  CB    . ILE A 1 12  ? -3.345  6.477   -1.865  1.00 17.11 ? 12   ILE A CB    1 
ATOM   63   C  CG1   . ILE A 1 12  ? -2.161  6.702   -0.954  1.00 23.01 ? 12   ILE A CG1   1 
ATOM   64   C  CG2   . ILE A 1 12  ? -4.553  7.312   -1.394  1.00 12.57 ? 12   ILE A CG2   1 
ATOM   65   C  CD1   . ILE A 1 12  ? -1.888  8.183   -0.751  1.00 26.14 ? 12   ILE A CD1   1 
ATOM   66   N  N     . ILE A 1 13  ? -2.156  3.966   -3.494  1.00 13.34 ? 13   ILE A N     1 
ATOM   67   C  CA    . ILE A 1 13  ? -1.005  3.183   -3.955  1.00 12.16 ? 13   ILE A CA    1 
ATOM   68   C  C     . ILE A 1 13  ? -0.074  4.091   -4.748  1.00 12.70 ? 13   ILE A C     1 
ATOM   69   O  O     . ILE A 1 13  ? -0.511  4.757   -5.687  1.00 16.90 ? 13   ILE A O     1 
ATOM   70   C  CB    . ILE A 1 13  ? -1.466  2.043   -4.845  1.00 15.62 ? 13   ILE A CB    1 
ATOM   71   C  CG1   . ILE A 1 13  ? -2.499  1.193   -4.065  1.00 21.00 ? 13   ILE A CG1   1 
ATOM   72   C  CG2   . ILE A 1 13  ? -0.279  1.188   -5.267  1.00 14.04 ? 13   ILE A CG2   1 
ATOM   73   C  CD1   . ILE A 1 13  ? -3.117  0.088   -4.893  1.00 27.87 ? 13   ILE A CD1   1 
ATOM   74   N  N     . LEU A 1 14  ? 1.192   4.102   -4.338  1.00 11.55 ? 14   LEU A N     1 
ATOM   75   C  CA    . LEU A 1 14  ? 2.239   4.923   -4.954  1.00 15.28 ? 14   LEU A CA    1 
ATOM   76   C  C     . LEU A 1 14  ? 3.362   4.046   -5.432  1.00 16.39 ? 14   LEU A C     1 
ATOM   77   O  O     . LEU A 1 14  ? 3.534   2.934   -4.945  1.00 17.06 ? 14   LEU A O     1 
ATOM   78   C  CB    . LEU A 1 14  ? 2.832   5.923   -3.941  1.00 13.88 ? 14   LEU A CB    1 
ATOM   79   C  CG    . LEU A 1 14  ? 1.840   6.862   -3.233  1.00 18.95 ? 14   LEU A CG    1 
ATOM   80   C  CD1   . LEU A 1 14  ? 2.606   7.770   -2.239  1.00 20.23 ? 14   LEU A CD1   1 
ATOM   81   C  CD2   . LEU A 1 14  ? 1.071   7.713   -4.307  1.00 20.75 ? 14   LEU A CD2   1 
ATOM   82   N  N     . GLY A 1 15  ? 4.132   4.561   -6.389  1.00 14.63 ? 15   GLY A N     1 
ATOM   83   C  CA    . GLY A 1 15  ? 5.267   3.821   -6.905  1.00 15.12 ? 15   GLY A CA    1 
ATOM   84   C  C     . GLY A 1 15  ? 5.508   4.157   -8.367  1.00 16.06 ? 15   GLY A C     1 
ATOM   85   O  O     . GLY A 1 15  ? 4.600   4.627   -9.039  1.00 18.92 ? 15   GLY A O     1 
ATOM   86   N  N     . ASP A 1 16  ? 6.717   3.882   -8.869  1.00 19.38 ? 16   ASP A N     1 
ATOM   87   C  CA    . ASP A 1 16  ? 7.019   4.198   -10.258 1.00 19.49 ? 16   ASP A CA    1 
ATOM   88   C  C     . ASP A 1 16  ? 6.120   3.541   -11.279 1.00 22.59 ? 16   ASP A C     1 
ATOM   89   O  O     . ASP A 1 16  ? 5.548   2.480   -11.051 1.00 17.28 ? 16   ASP A O     1 
ATOM   90   C  CB    . ASP A 1 16  ? 8.473   3.846   -10.562 1.00 20.74 ? 16   ASP A CB    1 
ATOM   91   C  CG    . ASP A 1 16  ? 9.437   4.647   -9.731  1.00 23.88 ? 16   ASP A CG    1 
ATOM   92   O  OD1   . ASP A 1 16  ? 9.019   5.667   -9.119  1.00 20.58 ? 16   ASP A OD1   1 
ATOM   93   O  OD2   . ASP A 1 16  ? 10.612  4.257   -9.689  1.00 28.43 ? 16   ASP A OD2   1 
ATOM   94   N  N     . SER A 1 17  ? 6.010   4.188   -12.435 1.00 19.35 ? 17   SER A N     1 
ATOM   95   C  CA    . SER A 1 17  ? 5.216   3.664   -13.504 1.00 22.61 ? 17   SER A CA    1 
ATOM   96   C  C     . SER A 1 17  ? 5.743   2.277   -13.906 1.00 19.09 ? 17   SER A C     1 
ATOM   97   O  O     . SER A 1 17  ? 6.946   2.076   -13.989 1.00 21.38 ? 17   SER A O     1 
ATOM   98   C  CB    . SER A 1 17  ? 5.293   4.629   -14.703 1.00 25.45 ? 17   SER A CB    1 
ATOM   99   O  OG    . SER A 1 17  ? 4.696   4.022   -15.824 1.00 29.38 ? 17   SER A OG    1 
ATOM   100  N  N     . GLY A 1 18  ? 4.834   1.324   -14.102 1.00 22.50 ? 18   GLY A N     1 
ATOM   101  C  CA    . GLY A 1 18  ? 5.212   -0.014  -14.522 1.00 24.73 ? 18   GLY A CA    1 
ATOM   102  C  C     . GLY A 1 18  ? 5.579   -1.039  -13.462 1.00 21.77 ? 18   GLY A C     1 
ATOM   103  O  O     . GLY A 1 18  ? 5.977   -2.146  -13.810 1.00 20.19 ? 18   GLY A O     1 
ATOM   104  N  N     . VAL A 1 19  ? 5.446   -0.705  -12.187 1.00 19.50 ? 19   VAL A N     1 
ATOM   105  C  CA    . VAL A 1 19  ? 5.810   -1.675  -11.145 1.00 17.04 ? 19   VAL A CA    1 
ATOM   106  C  C     . VAL A 1 19  ? 4.681   -2.669  -10.897 1.00 13.00 ? 19   VAL A C     1 
ATOM   107  O  O     . VAL A 1 19  ? 4.939   -3.737  -10.382 1.00 16.36 ? 19   VAL A O     1 
ATOM   108  C  CB    . VAL A 1 19  ? 6.195   -0.984  -9.799  1.00 16.52 ? 19   VAL A CB    1 
ATOM   109  C  CG1   . VAL A 1 19  ? 7.462   -0.099  -10.001 1.00 12.53 ? 19   VAL A CG1   1 
ATOM   110  C  CG2   . VAL A 1 19  ? 5.046   -0.128  -9.301  1.00 14.78 ? 19   VAL A CG2   1 
ATOM   111  N  N     . GLY A 1 20  ? 3.438   -2.302  -11.261 1.00 14.20 ? 20   GLY A N     1 
ATOM   112  C  CA    . GLY A 1 20  ? 2.313   -3.188  -11.072 1.00 18.83 ? 20   GLY A CA    1 
ATOM   113  C  C     . GLY A 1 20  ? 1.182   -2.684  -10.162 1.00 18.95 ? 20   GLY A C     1 
ATOM   114  O  O     . GLY A 1 20  ? 0.383   -3.482  -9.701  1.00 17.93 ? 20   GLY A O     1 
ATOM   115  N  N     . LYS A 1 21  ? 1.086   -1.382  -9.927  1.00 15.86 ? 21   LYS A N     1 
ATOM   116  C  CA    . LYS A 1 21  ? 0.029   -0.838  -9.076  1.00 18.40 ? 21   LYS A CA    1 
ATOM   117  C  C     . LYS A 1 21  ? -1.380  -1.203  -9.608  1.00 23.24 ? 21   LYS A C     1 
ATOM   118  O  O     . LYS A 1 21  ? -2.186  -1.774  -8.898  1.00 15.18 ? 21   LYS A O     1 
ATOM   119  C  CB    . LYS A 1 21  ? 0.176   0.680   -8.947  1.00 18.67 ? 21   LYS A CB    1 
ATOM   120  C  CG    . LYS A 1 21  ? 1.558   1.133   -8.438  1.00 10.09 ? 21   LYS A CG    1 
ATOM   121  C  CD    . LYS A 1 21  ? 1.640   2.664   -8.309  1.00 16.69 ? 21   LYS A CD    1 
ATOM   122  C  CE    . LYS A 1 21  ? 1.554   3.433   -9.663  1.00 17.16 ? 21   LYS A CE    1 
ATOM   123  N  NZ    . LYS A 1 21  ? 2.684   3.098   -10.610 1.00 18.44 ? 21   LYS A NZ    1 
ATOM   124  N  N     . THR A 1 22  ? -1.678  -0.874  -10.858 1.00 18.31 ? 22   THR A N     1 
ATOM   125  C  CA    . THR A 1 22  ? -2.993  -1.188  -11.394 1.00 19.53 ? 22   THR A CA    1 
ATOM   126  C  C     . THR A 1 22  ? -3.298  -2.667  -11.378 1.00 14.49 ? 22   THR A C     1 
ATOM   127  O  O     . THR A 1 22  ? -4.404  -3.065  -11.025 1.00 18.52 ? 22   THR A O     1 
ATOM   128  C  CB    . THR A 1 22  ? -3.143  -0.664  -12.833 1.00 22.00 ? 22   THR A CB    1 
ATOM   129  O  OG1   . THR A 1 22  ? -2.840  0.739   -12.839 1.00 24.52 ? 22   THR A OG1   1 
ATOM   130  C  CG2   . THR A 1 22  ? -4.569  -0.877  -13.317 1.00 24.47 ? 22   THR A CG2   1 
ATOM   131  N  N     . SER A 1 23  ? -2.316  -3.483  -11.728 1.00 13.53 ? 23   SER A N     1 
ATOM   132  C  CA    . SER A 1 23  ? -2.501  -4.926  -11.757 1.00 14.80 ? 23   SER A CA    1 
ATOM   133  C  C     . SER A 1 23  ? -2.782  -5.469  -10.353 1.00 14.81 ? 23   SER A C     1 
ATOM   134  O  O     . SER A 1 23  ? -3.622  -6.354  -10.174 1.00 17.26 ? 23   SER A O     1 
ATOM   135  C  CB    . SER A 1 23  ? -1.243  -5.600  -12.339 1.00 18.63 ? 23   SER A CB    1 
ATOM   136  O  OG    . SER A 1 23  ? -1.054  -5.237  -13.713 1.00 19.77 ? 23   SER A OG    1 
ATOM   137  N  N     . LEU A 1 24  ? -2.056  -4.971  -9.352  1.00 14.40 ? 24   LEU A N     1 
ATOM   138  C  CA    . LEU A 1 24  ? -2.284  -5.465  -7.983  1.00 13.18 ? 24   LEU A CA    1 
ATOM   139  C  C     . LEU A 1 24  ? -3.707  -5.105  -7.529  1.00 14.51 ? 24   LEU A C     1 
ATOM   140  O  O     . LEU A 1 24  ? -4.370  -5.885  -6.853  1.00 14.93 ? 24   LEU A O     1 
ATOM   141  C  CB    . LEU A 1 24  ? -1.273  -4.850  -7.016  1.00 13.44 ? 24   LEU A CB    1 
ATOM   142  C  CG    . LEU A 1 24  ? 0.114   -5.508  -7.116  1.00 13.37 ? 24   LEU A CG    1 
ATOM   143  C  CD1   . LEU A 1 24  ? 1.200   -4.606  -6.466  1.00 14.23 ? 24   LEU A CD1   1 
ATOM   144  C  CD2   . LEU A 1 24  ? 0.028   -6.909  -6.471  1.00 12.69 ? 24   LEU A CD2   1 
ATOM   145  N  N     . MET A 1 25  ? -4.154  -3.889  -7.863  1.00 12.52 ? 25   MET A N     1 
ATOM   146  C  CA    . MET A 1 25  ? -5.498  -3.467  -7.457  1.00 16.26 ? 25   MET A CA    1 
ATOM   147  C  C     . MET A 1 25  ? -6.534  -4.343  -8.115  1.00 16.68 ? 25   MET A C     1 
ATOM   148  O  O     . MET A 1 25  ? -7.465  -4.799  -7.475  1.00 18.45 ? 25   MET A O     1 
ATOM   149  C  CB    . MET A 1 25  ? -5.769  -1.995  -7.789  1.00 20.01 ? 25   MET A CB    1 
ATOM   150  C  CG    . MET A 1 25  ? -7.199  -1.516  -7.552  1.00 26.14 ? 25   MET A CG    1 
ATOM   151  S  SD    . MET A 1 25  ? -7.405  0.219   -7.979  1.00 28.83 ? 25   MET A SD    1 
ATOM   152  C  CE    . MET A 1 25  ? -5.709  0.686   -8.327  1.00 16.98 ? 25   MET A CE    1 
ATOM   153  N  N     . ASN A 1 26  ? -6.383  -4.577  -9.413  1.00 18.47 ? 26   ASN A N     1 
ATOM   154  C  CA    . ASN A 1 26  ? -7.340  -5.420  -10.106 1.00 22.84 ? 26   ASN A CA    1 
ATOM   155  C  C     . ASN A 1 26  ? -7.308  -6.874  -9.656  1.00 19.64 ? 26   ASN A C     1 
ATOM   156  O  O     . ASN A 1 26  ? -8.357  -7.489  -9.557  1.00 17.21 ? 26   ASN A O     1 
ATOM   157  C  CB    . ASN A 1 26  ? -7.120  -5.282  -11.608 1.00 20.28 ? 26   ASN A CB    1 
ATOM   158  C  CG    . ASN A 1 26  ? -7.637  -3.956  -12.117 1.00 31.14 ? 26   ASN A CG    1 
ATOM   159  O  OD1   . ASN A 1 26  ? -8.832  -3.796  -12.357 1.00 39.61 ? 26   ASN A OD1   1 
ATOM   160  N  ND2   . ASN A 1 26  ? -6.755  -2.977  -12.223 1.00 40.17 ? 26   ASN A ND2   1 
ATOM   161  N  N     . GLN A 1 27  ? -6.107  -7.429  -9.423  1.00 16.80 ? 27   GLN A N     1 
ATOM   162  C  CA    . GLN A 1 27  ? -5.992  -8.805  -8.964  1.00 18.85 ? 27   GLN A CA    1 
ATOM   163  C  C     . GLN A 1 27  ? -6.719  -8.956  -7.610  1.00 21.12 ? 27   GLN A C     1 
ATOM   164  O  O     . GLN A 1 27  ? -7.511  -9.910  -7.386  1.00 14.50 ? 27   GLN A O     1 
ATOM   165  C  CB    . GLN A 1 27  ? -4.514  -9.219  -8.818  1.00 21.33 ? 27   GLN A CB    1 
ATOM   166  C  CG    . GLN A 1 27  ? -4.314  -10.664 -8.273  1.00 22.64 ? 27   GLN A CG    1 
ATOM   167  C  CD    . GLN A 1 27  ? -5.031  -11.725 -9.129  1.00 29.14 ? 27   GLN A CD    1 
ATOM   168  O  OE1   . GLN A 1 27  ? -5.999  -12.326 -8.693  1.00 31.68 ? 27   GLN A OE1   1 
ATOM   169  N  NE2   . GLN A 1 27  ? -4.555  -11.933 -10.353 1.00 25.29 ? 27   GLN A NE2   1 
ATOM   170  N  N     . TYR A 1 28  ? -6.479  -8.004  -6.709  1.00 17.49 ? 28   TYR A N     1 
ATOM   171  C  CA    . TYR A 1 28  ? -7.120  -8.065  -5.400  1.00 18.07 ? 28   TYR A CA    1 
ATOM   172  C  C     . TYR A 1 28  ? -8.662  -7.917  -5.455  1.00 15.07 ? 28   TYR A C     1 
ATOM   173  O  O     . TYR A 1 28  ? -9.413  -8.734  -4.920  1.00 18.66 ? 28   TYR A O     1 
ATOM   174  C  CB    . TYR A 1 28  ? -6.544  -6.973  -4.476  1.00 13.46 ? 28   TYR A CB    1 
ATOM   175  C  CG    . TYR A 1 28  ? -7.200  -6.983  -3.116  1.00 18.60 ? 28   TYR A CG    1 
ATOM   176  C  CD1   . TYR A 1 28  ? -7.223  -8.161  -2.334  1.00 17.40 ? 28   TYR A CD1   1 
ATOM   177  C  CD2   . TYR A 1 28  ? -7.824  -5.845  -2.617  1.00 20.34 ? 28   TYR A CD2   1 
ATOM   178  C  CE1   . TYR A 1 28  ? -7.856  -8.189  -1.104  1.00 20.29 ? 28   TYR A CE1   1 
ATOM   179  C  CE2   . TYR A 1 28  ? -8.467  -5.870  -1.376  1.00 21.97 ? 28   TYR A CE2   1 
ATOM   180  C  CZ    . TYR A 1 28  ? -8.474  -7.040  -0.634  1.00 20.27 ? 28   TYR A CZ    1 
ATOM   181  O  OH    . TYR A 1 28  ? -9.084  -7.043  0.594   1.00 28.56 ? 28   TYR A OH    1 
ATOM   182  N  N     . VAL A 1 29  ? -9.132  -6.876  -6.114  1.00 12.61 ? 29   VAL A N     1 
ATOM   183  C  CA    . VAL A 1 29  ? -10.570 -6.622  -6.146  1.00 16.40 ? 29   VAL A CA    1 
ATOM   184  C  C     . VAL A 1 29  ? -11.378 -7.551  -7.063  1.00 19.69 ? 29   VAL A C     1 
ATOM   185  O  O     . VAL A 1 29  ? -12.469 -8.009  -6.711  1.00 19.60 ? 29   VAL A O     1 
ATOM   186  C  CB    . VAL A 1 29  ? -10.840 -5.146  -6.578  1.00 19.93 ? 29   VAL A CB    1 
ATOM   187  C  CG1   . VAL A 1 29  ? -12.371 -4.864  -6.564  1.00 17.84 ? 29   VAL A CG1   1 
ATOM   188  C  CG2   . VAL A 1 29  ? -10.128 -4.154  -5.625  1.00 17.42 ? 29   VAL A CG2   1 
ATOM   189  N  N     . ASN A 1 30  ? -10.810 -7.864  -8.220  1.00 20.08 ? 30   ASN A N     1 
ATOM   190  C  CA    . ASN A 1 30  ? -11.495 -8.651  -9.248  1.00 27.42 ? 30   ASN A CA    1 
ATOM   191  C  C     . ASN A 1 30  ? -10.903 -9.998  -9.572  1.00 25.01 ? 30   ASN A C     1 
ATOM   192  O  O     . ASN A 1 30  ? -11.500 -10.766 -10.316 1.00 26.57 ? 30   ASN A O     1 
ATOM   193  C  CB    . ASN A 1 30  ? -11.539 -7.853  -10.567 1.00 25.56 ? 30   ASN A CB    1 
ATOM   194  C  CG    . ASN A 1 30  ? -12.244 -6.511  -10.424 1.00 31.06 ? 30   ASN A CG    1 
ATOM   195  O  OD1   . ASN A 1 30  ? -13.307 -6.436  -9.828  1.00 29.77 ? 30   ASN A OD1   1 
ATOM   196  N  ND2   . ASN A 1 30  ? -11.652 -5.452  -10.982 1.00 22.34 ? 30   ASN A ND2   1 
ATOM   197  N  N     . LYS A 1 31  ? -9.733  -10.285 -9.029  1.00 22.89 ? 31   LYS A N     1 
ATOM   198  C  CA    . LYS A 1 31  ? -9.050  -11.534 -9.295  1.00 26.70 ? 31   LYS A CA    1 
ATOM   199  C  C     . LYS A 1 31  ? -8.863  -11.716 -10.787 1.00 28.23 ? 31   LYS A C     1 
ATOM   200  O  O     . LYS A 1 31  ? -8.988  -12.822 -11.311 1.00 31.77 ? 31   LYS A O     1 
ATOM   201  C  CB    . LYS A 1 31  ? -9.828  -12.712 -8.711  1.00 26.48 ? 31   LYS A CB    1 
ATOM   202  C  CG    . LYS A 1 31  ? -10.060 -12.549 -7.236  1.00 25.83 ? 31   LYS A CG    1 
ATOM   203  C  CD    . LYS A 1 31  ? -9.906  -13.861 -6.519  1.00 33.76 ? 31   LYS A CD    1 
ATOM   204  C  CE    . LYS A 1 31  ? -9.863  -13.648 -5.001  1.00 38.64 ? 31   LYS A CE    1 
ATOM   205  N  NZ    . LYS A 1 31  ? -11.210 -13.329 -4.429  1.00 42.05 ? 31   LYS A NZ    1 
ATOM   206  N  N     . LYS A 1 32  ? -8.569  -10.623 -11.468 1.00 25.79 ? 32   LYS A N     1 
ATOM   207  C  CA    . LYS A 1 32  ? -8.349  -10.669 -12.895 1.00 31.24 ? 32   LYS A CA    1 
ATOM   208  C  C     . LYS A 1 32  ? -7.022  -9.935  -13.169 1.00 31.64 ? 32   LYS A C     1 
ATOM   209  O  O     . LYS A 1 32  ? -6.676  -8.980  -12.467 1.00 29.57 ? 32   LYS A O     1 
ATOM   210  C  CB    . LYS A 1 32  ? -9.524  -9.979  -13.599 1.00 32.84 ? 32   LYS A CB    1 
ATOM   211  C  CG    . LYS A 1 32  ? -9.630  -10.218 -15.108 1.00 41.57 ? 32   LYS A CG    1 
ATOM   212  C  CD    . LYS A 1 32  ? -9.579  -8.890  -15.899 1.00 40.16 ? 32   LYS A CD    1 
ATOM   213  C  CE    . LYS A 1 32  ? -9.470  -9.109  -17.441 1.00 38.14 ? 32   LYS A CE    1 
ATOM   214  N  NZ    . LYS A 1 32  ? -10.780 -9.428  -18.094 1.00 39.01 ? 32   LYS A NZ    1 
ATOM   215  N  N     . PHE A 1 33  ? -6.284  -10.388 -14.182 1.00 29.31 ? 33   PHE A N     1 
ATOM   216  C  CA    . PHE A 1 33  ? -5.001  -9.782  -14.573 1.00 32.11 ? 33   PHE A CA    1 
ATOM   217  C  C     . PHE A 1 33  ? -5.004  -9.476  -16.095 1.00 34.25 ? 33   PHE A C     1 
ATOM   218  O  O     . PHE A 1 33  ? -5.462  -10.289 -16.888 1.00 38.02 ? 33   PHE A O     1 
ATOM   219  C  CB    . PHE A 1 33  ? -3.843  -10.750 -14.211 1.00 26.28 ? 33   PHE A CB    1 
ATOM   220  C  CG    . PHE A 1 33  ? -2.472  -10.289 -14.689 1.00 23.10 ? 33   PHE A CG    1 
ATOM   221  C  CD1   . PHE A 1 33  ? -1.794  -9.279  -14.025 1.00 24.41 ? 33   PHE A CD1   1 
ATOM   222  C  CD2   . PHE A 1 33  ? -1.875  -10.871 -15.803 1.00 27.99 ? 33   PHE A CD2   1 
ATOM   223  C  CE1   . PHE A 1 33  ? -0.529  -8.841  -14.453 1.00 28.18 ? 33   PHE A CE1   1 
ATOM   224  C  CE2   . PHE A 1 33  ? -0.612  -10.446 -16.244 1.00 31.04 ? 33   PHE A CE2   1 
ATOM   225  C  CZ    . PHE A 1 33  ? 0.065   -9.424  -15.563 1.00 26.79 ? 33   PHE A CZ    1 
ATOM   226  N  N     . SER A 1 34  ? -4.509  -8.312  -16.509 1.00 38.19 ? 34   SER A N     1 
ATOM   227  C  CA    . SER A 1 34  ? -4.488  -7.997  -17.947 1.00 38.83 ? 34   SER A CA    1 
ATOM   228  C  C     . SER A 1 34  ? -3.125  -7.525  -18.454 1.00 41.25 ? 34   SER A C     1 
ATOM   229  O  O     . SER A 1 34  ? -2.787  -7.681  -19.644 1.00 42.80 ? 34   SER A O     1 
ATOM   230  C  CB    . SER A 1 34  ? -5.544  -6.934  -18.272 1.00 39.26 ? 34   SER A CB    1 
ATOM   231  O  OG    . SER A 1 34  ? -6.383  -7.381  -19.325 1.00 48.51 ? 34   SER A OG    1 
ATOM   232  N  N     . ALA A 1 43  ? -6.496  9.035   -9.852  1.00 40.63 ? 43   ALA A N     1 
ATOM   233  C  CA    . ALA A 1 43  ? -7.704  9.810   -10.149 1.00 40.52 ? 43   ALA A CA    1 
ATOM   234  C  C     . ALA A 1 43  ? -8.987  8.962   -10.045 1.00 42.89 ? 43   ALA A C     1 
ATOM   235  O  O     . ALA A 1 43  ? -10.099 9.506   -10.006 1.00 43.85 ? 43   ALA A O     1 
ATOM   236  C  CB    . ALA A 1 43  ? -7.592  10.455  -11.567 1.00 38.02 ? 43   ALA A CB    1 
ATOM   237  N  N     . ASP A 1 44  ? -8.818  7.635   -9.971  1.00 45.42 ? 44   ASP A N     1 
ATOM   238  C  CA    . ASP A 1 44  ? -9.929  6.659   -9.874  1.00 44.07 ? 44   ASP A CA    1 
ATOM   239  C  C     . ASP A 1 44  ? -9.732  5.692   -8.692  1.00 41.07 ? 44   ASP A C     1 
ATOM   240  O  O     . ASP A 1 44  ? -8.650  5.642   -8.092  1.00 38.94 ? 44   ASP A O     1 
ATOM   241  C  CB    . ASP A 1 44  ? -10.004 5.805   -11.151 1.00 41.54 ? 44   ASP A CB    1 
ATOM   242  C  CG    . ASP A 1 44  ? -8.711  5.008   -11.404 1.00 43.51 ? 44   ASP A CG    1 
ATOM   243  O  OD1   . ASP A 1 44  ? -8.781  3.771   -11.598 1.00 45.16 ? 44   ASP A OD1   1 
ATOM   244  O  OD2   . ASP A 1 44  ? -7.618  5.620   -11.424 1.00 46.23 ? 44   ASP A OD2   1 
ATOM   245  N  N     . PHE A 1 45  ? -10.760 4.896   -8.390  1.00 37.95 ? 45   PHE A N     1 
ATOM   246  C  CA    . PHE A 1 45  ? -10.674 3.936   -7.287  1.00 24.77 ? 45   PHE A CA    1 
ATOM   247  C  C     . PHE A 1 45  ? -11.622 2.753   -7.413  1.00 29.50 ? 45   PHE A C     1 
ATOM   248  O  O     . PHE A 1 45  ? -12.650 2.837   -8.098  1.00 26.56 ? 45   PHE A O     1 
ATOM   249  C  CB    . PHE A 1 45  ? -10.992 4.641   -5.968  1.00 27.07 ? 45   PHE A CB    1 
ATOM   250  C  CG    . PHE A 1 45  ? -12.420 5.091   -5.836  1.00 34.53 ? 45   PHE A CG    1 
ATOM   251  C  CD1   . PHE A 1 45  ? -13.407 4.223   -5.357  1.00 30.34 ? 45   PHE A CD1   1 
ATOM   252  C  CD2   . PHE A 1 45  ? -12.782 6.387   -6.172  1.00 38.29 ? 45   PHE A CD2   1 
ATOM   253  C  CE1   . PHE A 1 45  ? -14.732 4.644   -5.216  1.00 36.93 ? 45   PHE A CE1   1 
ATOM   254  C  CE2   . PHE A 1 45  ? -14.110 6.827   -6.034  1.00 32.18 ? 45   PHE A CE2   1 
ATOM   255  C  CZ    . PHE A 1 45  ? -15.084 5.952   -5.556  1.00 38.92 ? 45   PHE A CZ    1 
ATOM   256  N  N     . LEU A 1 46  ? -11.282 1.655   -6.732  1.00 18.76 ? 46   LEU A N     1 
ATOM   257  C  CA    . LEU A 1 46  ? -12.136 0.475   -6.714  1.00 20.18 ? 46   LEU A CA    1 
ATOM   258  C  C     . LEU A 1 46  ? -12.508 0.273   -5.246  1.00 20.01 ? 46   LEU A C     1 
ATOM   259  O  O     . LEU A 1 46  ? -11.789 0.702   -4.362  1.00 21.79 ? 46   LEU A O     1 
ATOM   260  C  CB    . LEU A 1 46  ? -11.380 -0.754  -7.219  1.00 24.59 ? 46   LEU A CB    1 
ATOM   261  C  CG    . LEU A 1 46  ? -10.909 -0.734  -8.674  1.00 27.69 ? 46   LEU A CG    1 
ATOM   262  C  CD1   . LEU A 1 46  ? -10.385 -2.124  -9.055  1.00 30.10 ? 46   LEU A CD1   1 
ATOM   263  C  CD2   . LEU A 1 46  ? -12.068 -0.328  -9.580  1.00 31.16 ? 46   LEU A CD2   1 
ATOM   264  N  N     . THR A 1 47  ? -13.614 -0.394  -4.995  1.00 20.67 ? 47   THR A N     1 
ATOM   265  C  CA    . THR A 1 47  ? -14.055 -0.625  -3.619  1.00 25.10 ? 47   THR A CA    1 
ATOM   266  C  C     . THR A 1 47  ? -14.266 -2.115  -3.355  1.00 25.31 ? 47   THR A C     1 
ATOM   267  O  O     . THR A 1 47  ? -14.712 -2.851  -4.243  1.00 22.98 ? 47   THR A O     1 
ATOM   268  C  CB    . THR A 1 47  ? -15.383 0.111   -3.316  1.00 28.13 ? 47   THR A CB    1 
ATOM   269  O  OG1   . THR A 1 47  ? -16.476 -0.600  -3.907  1.00 37.27 ? 47   THR A OG1   1 
ATOM   270  C  CG2   . THR A 1 47  ? -15.358 1.469   -3.887  1.00 26.07 ? 47   THR A CG2   1 
ATOM   271  N  N     . LYS A 1 48  ? -13.925 -2.553  -2.143  1.00 21.43 ? 48   LYS A N     1 
ATOM   272  C  CA    . LYS A 1 48  ? -14.097 -3.938  -1.759  1.00 18.35 ? 48   LYS A CA    1 
ATOM   273  C  C     . LYS A 1 48  ? -14.471 -4.041  -0.285  1.00 18.97 ? 48   LYS A C     1 
ATOM   274  O  O     . LYS A 1 48  ? -13.848 -3.407  0.553   1.00 20.00 ? 48   LYS A O     1 
ATOM   275  C  CB    . LYS A 1 48  ? -12.817 -4.745  -2.015  1.00 20.10 ? 48   LYS A CB    1 
ATOM   276  C  CG    . LYS A 1 48  ? -13.019 -6.245  -1.763  1.00 16.15 ? 48   LYS A CG    1 
ATOM   277  C  CD    . LYS A 1 48  ? -11.864 -7.095  -2.198  1.00 17.52 ? 48   LYS A CD    1 
ATOM   278  C  CE    . LYS A 1 48  ? -12.204 -8.560  -1.980  1.00 32.08 ? 48   LYS A CE    1 
ATOM   279  N  NZ    . LYS A 1 48  ? -11.021 -9.445  -2.222  1.00 34.50 ? 48   LYS A NZ    1 
ATOM   280  N  N     . GLU A 1 49  ? -15.503 -4.821  0.022   1.00 22.30 ? 49   GLU A N     1 
ATOM   281  C  CA    . GLU A 1 49  ? -15.929 -5.018  1.401   1.00 23.92 ? 49   GLU A CA    1 
ATOM   282  C  C     . GLU A 1 49  ? -15.067 -6.157  1.898   1.00 28.47 ? 49   GLU A C     1 
ATOM   283  O  O     . GLU A 1 49  ? -14.928 -7.185  1.229   1.00 32.42 ? 49   GLU A O     1 
ATOM   284  C  CB    . GLU A 1 49  ? -17.424 -5.364  1.452   1.00 30.77 ? 49   GLU A CB    1 
ATOM   285  C  CG    . GLU A 1 49  ? -18.288 -4.311  0.763   1.00 34.82 ? 49   GLU A CG    1 
ATOM   286  C  CD    . GLU A 1 49  ? -19.625 -4.063  1.477   1.00 48.06 ? 49   GLU A CD    1 
ATOM   287  O  OE1   . GLU A 1 49  ? -20.431 -3.261  0.946   1.00 49.14 ? 49   GLU A OE1   1 
ATOM   288  O  OE2   . GLU A 1 49  ? -19.874 -4.659  2.561   1.00 47.16 ? 49   GLU A OE2   1 
ATOM   289  N  N     . VAL A 1 50  ? -14.459 -5.950  3.054   1.00 22.84 ? 50   VAL A N     1 
ATOM   290  C  CA    . VAL A 1 50  ? -13.565 -6.923  3.651   1.00 30.63 ? 50   VAL A CA    1 
ATOM   291  C  C     . VAL A 1 50  ? -13.866 -7.067  5.144   1.00 28.07 ? 50   VAL A C     1 
ATOM   292  O  O     . VAL A 1 50  ? -14.303 -6.126  5.787   1.00 25.31 ? 50   VAL A O     1 
ATOM   293  C  CB    . VAL A 1 50  ? -12.076 -6.454  3.539   1.00 34.21 ? 50   VAL A CB    1 
ATOM   294  C  CG1   . VAL A 1 50  ? -11.168 -7.571  3.961   1.00 34.05 ? 50   VAL A CG1   1 
ATOM   295  C  CG2   . VAL A 1 50  ? -11.747 -6.005  2.107   1.00 36.38 ? 50   VAL A CG2   1 
ATOM   296  N  N     . MET A 1 51  ? -13.604 -8.250  5.688   1.00 30.25 ? 51   MET A N     1 
ATOM   297  C  CA    . MET A 1 51  ? -13.798 -8.496  7.113   1.00 28.22 ? 51   MET A CA    1 
ATOM   298  C  C     . MET A 1 51  ? -12.406 -8.378  7.734   1.00 31.77 ? 51   MET A C     1 
ATOM   299  O  O     . MET A 1 51  ? -11.441 -8.915  7.182   1.00 32.70 ? 51   MET A O     1 
ATOM   300  C  CB    . MET A 1 51  ? -14.260 -9.935  7.352   1.00 34.64 ? 51   MET A CB    1 
ATOM   301  C  CG    . MET A 1 51  ? -15.678 -10.246 6.972   1.00 37.39 ? 51   MET A CG    1 
ATOM   302  S  SD    . MET A 1 51  ? -16.776 -9.368  8.032   1.00 45.34 ? 51   MET A SD    1 
ATOM   303  C  CE    . MET A 1 51  ? -16.505 -10.218 9.624   1.00 38.33 ? 51   MET A CE    1 
ATOM   304  N  N     . VAL A 1 52  ? -12.297 -7.673  8.853   1.00 34.27 ? 52   VAL A N     1 
ATOM   305  C  CA    . VAL A 1 52  ? -11.068 -7.570  9.593   1.00 35.09 ? 52   VAL A CA    1 
ATOM   306  C  C     . VAL A 1 52  ? -11.411 -8.171  10.927  1.00 37.95 ? 52   VAL A C     1 
ATOM   307  O  O     . VAL A 1 52  ? -12.055 -7.532  11.762  1.00 37.37 ? 52   VAL A O     1 
ATOM   308  C  CB    . VAL A 1 52  ? -10.554 -6.135  9.790   1.00 33.60 ? 52   VAL A CB    1 
ATOM   309  C  CG1   . VAL A 1 52  ? -9.299  -6.134  10.643  1.00 30.62 ? 52   VAL A CG1   1 
ATOM   310  C  CG2   . VAL A 1 52  ? -10.284 -5.483  8.443   1.00 29.36 ? 52   VAL A CG2   1 
ATOM   311  N  N     . ASP A 1 53  ? -10.961 -9.401  11.163  1.00 37.79 ? 53   ASP A N     1 
ATOM   312  C  CA    . ASP A 1 53  ? -11.337 -10.149 12.351  1.00 37.22 ? 53   ASP A CA    1 
ATOM   313  C  C     . ASP A 1 53  ? -12.848 -10.341 12.182  1.00 37.64 ? 53   ASP A C     1 
ATOM   314  O  O     . ASP A 1 53  ? -13.258 -11.109 11.306  1.00 40.83 ? 53   ASP A O     1 
ATOM   315  C  CB    . ASP A 1 53  ? -10.977 -9.391  13.627  1.00 40.01 ? 53   ASP A CB    1 
ATOM   316  C  CG    . ASP A 1 53  ? -9.468  -9.117  13.728  1.00 46.46 ? 53   ASP A CG    1 
ATOM   317  O  OD1   . ASP A 1 53  ? -8.669  -10.021 13.380  1.00 48.56 ? 53   ASP A OD1   1 
ATOM   318  O  OD2   . ASP A 1 53  ? -9.077  -8.009  14.154  1.00 50.51 ? 53   ASP A OD2   1 
ATOM   319  N  N     . ASP A 1 54  ? -13.680 -9.647  12.965  1.00 40.07 ? 54   ASP A N     1 
ATOM   320  C  CA    . ASP A 1 54  ? -15.133 -9.800  12.830  1.00 35.64 ? 54   ASP A CA    1 
ATOM   321  C  C     . ASP A 1 54  ? -15.794 -8.506  12.450  1.00 38.12 ? 54   ASP A C     1 
ATOM   322  O  O     . ASP A 1 54  ? -17.025 -8.383  12.482  1.00 37.91 ? 54   ASP A O     1 
ATOM   323  C  CB    . ASP A 1 54  ? -15.750 -10.327 14.132  1.00 39.46 ? 54   ASP A CB    1 
ATOM   324  C  CG    . ASP A 1 54  ? -15.669 -11.850 14.244  1.00 48.39 ? 54   ASP A CG    1 
ATOM   325  O  OD1   . ASP A 1 54  ? -16.308 -12.539 13.400  1.00 54.36 ? 54   ASP A OD1   1 
ATOM   326  O  OD2   . ASP A 1 54  ? -14.979 -12.360 15.167  1.00 51.64 ? 54   ASP A OD2   1 
ATOM   327  N  N     . ARG A 1 55  ? -14.967 -7.534  12.069  1.00 37.92 ? 55   ARG A N     1 
ATOM   328  C  CA    . ARG A 1 55  ? -15.460 -6.222  11.680  1.00 33.02 ? 55   ARG A CA    1 
ATOM   329  C  C     . ARG A 1 55  ? -15.509 -6.084  10.153  1.00 31.16 ? 55   ARG A C     1 
ATOM   330  O  O     . ARG A 1 55  ? -14.528 -6.355  9.462   1.00 32.13 ? 55   ARG A O     1 
ATOM   331  C  CB    . ARG A 1 55  ? -14.545 -5.141  12.274  1.00 35.77 ? 55   ARG A CB    1 
ATOM   332  C  CG    . ARG A 1 55  ? -14.582 -5.086  13.803  1.00 40.45 ? 55   ARG A CG    1 
ATOM   333  C  CD    . ARG A 1 55  ? -13.373 -4.357  14.393  1.00 41.48 ? 55   ARG A CD    1 
ATOM   334  N  NE    . ARG A 1 55  ? -13.324 -4.457  15.858  1.00 45.23 ? 55   ARG A NE    1 
ATOM   335  C  CZ    . ARG A 1 55  ? -13.629 -3.466  16.694  1.00 47.14 ? 55   ARG A CZ    1 
ATOM   336  N  NH1   . ARG A 1 55  ? -14.020 -2.287  16.213  1.00 50.66 ? 55   ARG A NH1   1 
ATOM   337  N  NH2   . ARG A 1 55  ? -13.502 -3.634  18.014  1.00 41.36 ? 55   ARG A NH2   1 
ATOM   338  N  N     . LEU A 1 56  ? -16.655 -5.678  9.640   1.00 27.25 ? 56   LEU A N     1 
ATOM   339  C  CA    . LEU A 1 56  ? -16.819 -5.473  8.204   1.00 30.09 ? 56   LEU A CA    1 
ATOM   340  C  C     . LEU A 1 56  ? -16.419 -4.027  7.874   1.00 24.12 ? 56   LEU A C     1 
ATOM   341  O  O     . LEU A 1 56  ? -16.835 -3.097  8.558   1.00 22.50 ? 56   LEU A O     1 
ATOM   342  C  CB    . LEU A 1 56  ? -18.278 -5.687  7.804   1.00 29.15 ? 56   LEU A CB    1 
ATOM   343  C  CG    . LEU A 1 56  ? -18.617 -5.655  6.311   1.00 25.90 ? 56   LEU A CG    1 
ATOM   344  C  CD1   . LEU A 1 56  ? -18.021 -6.807  5.580   1.00 24.45 ? 56   LEU A CD1   1 
ATOM   345  C  CD2   . LEU A 1 56  ? -20.114 -5.710  6.167   1.00 32.36 ? 56   LEU A CD2   1 
ATOM   346  N  N     . VAL A 1 57  ? -15.626 -3.861  6.821   1.00 21.95 ? 57   VAL A N     1 
ATOM   347  C  CA    . VAL A 1 57  ? -15.170 -2.554  6.421   1.00 20.37 ? 57   VAL A CA    1 
ATOM   348  C  C     . VAL A 1 57  ? -15.206 -2.484  4.903   1.00 20.92 ? 57   VAL A C     1 
ATOM   349  O  O     . VAL A 1 57  ? -15.210 -3.500  4.241   1.00 24.67 ? 57   VAL A O     1 
ATOM   350  C  CB    . VAL A 1 57  ? -13.704 -2.310  6.876   1.00 20.54 ? 57   VAL A CB    1 
ATOM   351  C  CG1   . VAL A 1 57  ? -13.595 -2.501  8.381   1.00 24.90 ? 57   VAL A CG1   1 
ATOM   352  C  CG2   . VAL A 1 57  ? -12.722 -3.292  6.150   1.00 17.56 ? 57   VAL A CG2   1 
ATOM   353  N  N     . THR A 1 58  ? -15.246 -1.279  4.358   1.00 22.16 ? 58   THR A N     1 
ATOM   354  C  CA    . THR A 1 58  ? -15.211 -1.110  2.913   1.00 17.34 ? 58   THR A CA    1 
ATOM   355  C  C     . THR A 1 58  ? -13.872 -0.423  2.606   1.00 18.61 ? 58   THR A C     1 
ATOM   356  O  O     . THR A 1 58  ? -13.585 0.667   3.121   1.00 19.37 ? 58   THR A O     1 
ATOM   357  C  CB    . THR A 1 58  ? -16.336 -0.224  2.430   1.00 22.66 ? 58   THR A CB    1 
ATOM   358  O  OG1   . THR A 1 58  ? -17.600 -0.825  2.769   1.00 23.96 ? 58   THR A OG1   1 
ATOM   359  C  CG2   . THR A 1 58  ? -16.227 -0.055  0.901   1.00 24.96 ? 58   THR A CG2   1 
ATOM   360  N  N     . MET A 1 59  ? -13.046 -1.061  1.778   1.00 16.21 ? 59   MET A N     1 
ATOM   361  C  CA    . MET A 1 59  ? -11.775 -0.469  1.423   1.00 17.77 ? 59   MET A CA    1 
ATOM   362  C  C     . MET A 1 59  ? -11.986 0.227   0.083   1.00 17.47 ? 59   MET A C     1 
ATOM   363  O  O     . MET A 1 59  ? -12.583 -0.341  -0.843  1.00 21.18 ? 59   MET A O     1 
ATOM   364  C  CB    . MET A 1 59  ? -10.717 -1.556  1.326   1.00 18.64 ? 59   MET A CB    1 
ATOM   365  C  CG    . MET A 1 59  ? -9.304  -1.024  1.240   1.00 31.15 ? 59   MET A CG    1 
ATOM   366  S  SD    . MET A 1 59  ? -8.148  -2.128  2.129   1.00 35.91 ? 59   MET A SD    1 
ATOM   367  C  CE    . MET A 1 59  ? -8.231  -3.527  1.132   1.00 33.25 ? 59   MET A CE    1 
ATOM   368  N  N     . GLN A 1 60  ? -11.562 1.455   0.014   1.00 14.74 ? 60   GLN A N     1 
ATOM   369  C  CA    . GLN A 1 60  ? -11.671 2.272   -1.174  1.00 16.40 ? 60   GLN A CA    1 
ATOM   370  C  C     . GLN A 1 60  ? -10.249 2.438   -1.625  1.00 17.40 ? 60   GLN A C     1 
ATOM   371  O  O     . GLN A 1 60  ? -9.512  3.201   -1.013  1.00 16.93 ? 60   GLN A O     1 
ATOM   372  C  CB    . GLN A 1 60  ? -12.294 3.625   -0.845  1.00 24.32 ? 60   GLN A CB    1 
ATOM   373  C  CG    . GLN A 1 60  ? -12.777 4.496   -2.006  1.00 31.41 ? 60   GLN A CG    1 
ATOM   374  C  CD    . GLN A 1 60  ? -13.445 5.743   -1.469  1.00 27.69 ? 60   GLN A CD    1 
ATOM   375  O  OE1   . GLN A 1 60  ? -12.797 6.750   -1.217  1.00 33.99 ? 60   GLN A OE1   1 
ATOM   376  N  NE2   . GLN A 1 60  ? -14.745 5.890   -1.216  1.00 33.58 ? 60   GLN A NE2   1 
ATOM   377  N  N     . ILE A 1 61  ? -9.844  1.750   -2.679  1.00 16.46 ? 61   ILE A N     1 
ATOM   378  C  CA    . ILE A 1 61  ? -8.464  1.802   -3.129  1.00 13.88 ? 61   ILE A CA    1 
ATOM   379  C  C     . ILE A 1 61  ? -8.245  2.758   -4.309  1.00 19.07 ? 61   ILE A C     1 
ATOM   380  O  O     . ILE A 1 61  ? -8.845  2.592   -5.377  1.00 19.96 ? 61   ILE A O     1 
ATOM   381  C  CB    . ILE A 1 61  ? -8.007  0.374   -3.531  1.00 12.95 ? 61   ILE A CB    1 
ATOM   382  C  CG1   . ILE A 1 61  ? -8.335  -0.603  -2.379  1.00 20.51 ? 61   ILE A CG1   1 
ATOM   383  C  CG2   . ILE A 1 61  ? -6.525  0.364   -3.822  1.00 16.37 ? 61   ILE A CG2   1 
ATOM   384  C  CD1   . ILE A 1 61  ? -8.380  -2.124  -2.766  1.00 20.84 ? 61   ILE A CD1   1 
ATOM   385  N  N     . TRP A 1 62  ? -7.373  3.732   -4.123  1.00 13.78 ? 62   TRP A N     1 
ATOM   386  C  CA    . TRP A 1 62  ? -7.097  4.714   -5.161  1.00 18.41 ? 62   TRP A CA    1 
ATOM   387  C  C     . TRP A 1 62  ? -5.765  4.480   -5.851  1.00 23.47 ? 62   TRP A C     1 
ATOM   388  O  O     . TRP A 1 62  ? -4.713  4.413   -5.224  1.00 24.36 ? 62   TRP A O     1 
ATOM   389  C  CB    . TRP A 1 62  ? -7.100  6.120   -4.560  1.00 19.77 ? 62   TRP A CB    1 
ATOM   390  C  CG    . TRP A 1 62  ? -8.417  6.508   -3.980  1.00 22.67 ? 62   TRP A CG    1 
ATOM   391  C  CD1   . TRP A 1 62  ? -8.969  6.074   -2.799  1.00 20.01 ? 62   TRP A CD1   1 
ATOM   392  C  CD2   . TRP A 1 62  ? -9.304  7.482   -4.509  1.00 21.68 ? 62   TRP A CD2   1 
ATOM   393  N  NE1   . TRP A 1 62  ? -10.154 6.743   -2.558  1.00 23.62 ? 62   TRP A NE1   1 
ATOM   394  C  CE2   . TRP A 1 62  ? -10.379 7.619   -3.588  1.00 26.67 ? 62   TRP A CE2   1 
ATOM   395  C  CE3   . TRP A 1 62  ? -9.295  8.276   -5.674  1.00 22.62 ? 62   TRP A CE3   1 
ATOM   396  C  CZ2   . TRP A 1 62  ? -11.439 8.516   -3.800  1.00 24.84 ? 62   TRP A CZ2   1 
ATOM   397  C  CZ3   . TRP A 1 62  ? -10.352 9.163   -5.888  1.00 25.33 ? 62   TRP A CZ3   1 
ATOM   398  C  CH2   . TRP A 1 62  ? -11.404 9.277   -4.954  1.00 25.89 ? 62   TRP A CH2   1 
ATOM   399  N  N     . ASP A 1 63  ? -5.845  4.447   -7.168  1.00 29.23 ? 63   ASP A N     1 
ATOM   400  C  CA    . ASP A 1 63  ? -4.739  4.204   -8.083  1.00 31.72 ? 63   ASP A CA    1 
ATOM   401  C  C     . ASP A 1 63  ? -4.193  5.539   -8.621  1.00 38.38 ? 63   ASP A C     1 
ATOM   402  O  O     . ASP A 1 63  ? -4.967  6.407   -9.026  1.00 44.83 ? 63   ASP A O     1 
ATOM   403  C  CB    . ASP A 1 63  ? -5.323  3.378   -9.228  1.00 31.67 ? 63   ASP A CB    1 
ATOM   404  C  CG    . ASP A 1 63  ? -4.281  2.684   -10.056 1.00 31.76 ? 63   ASP A CG    1 
ATOM   405  O  OD1   . ASP A 1 63  ? -4.707  2.006   -11.019 1.00 27.00 ? 63   ASP A OD1   1 
ATOM   406  O  OD2   . ASP A 1 63  ? -3.072  2.811   -9.752  1.00 32.00 ? 63   ASP A OD2   1 
ATOM   407  N  N     . THR A 1 64  ? -2.869  5.694   -8.647  1.00 41.55 ? 64   THR A N     1 
ATOM   408  C  CA    . THR A 1 64  ? -2.221  6.929   -9.136  1.00 41.69 ? 64   THR A CA    1 
ATOM   409  C  C     . THR A 1 64  ? -1.507  6.623   -10.446 1.00 43.41 ? 64   THR A C     1 
ATOM   410  O  O     . THR A 1 64  ? -0.952  5.525   -10.614 1.00 47.72 ? 64   THR A O     1 
ATOM   411  C  CB    . THR A 1 64  ? -1.146  7.454   -8.144  1.00 40.37 ? 64   THR A CB    1 
ATOM   412  O  OG1   . THR A 1 64  ? -0.166  6.420   -7.899  1.00 35.70 ? 64   THR A OG1   1 
ATOM   413  C  CG2   . THR A 1 64  ? -1.779  7.883   -6.832  1.00 36.93 ? 64   THR A CG2   1 
ATOM   414  N  N     . SER A 1 72  ? -0.351  17.163  -10.168 1.00 48.08 ? 72   SER A N     1 
ATOM   415  C  CA    . SER A 1 72  ? -0.615  16.641  -8.834  1.00 44.98 ? 72   SER A CA    1 
ATOM   416  C  C     . SER A 1 72  ? -2.099  16.402  -8.621  1.00 45.76 ? 72   SER A C     1 
ATOM   417  O  O     . SER A 1 72  ? -2.946  16.905  -9.384  1.00 47.75 ? 72   SER A O     1 
ATOM   418  C  CB    . SER A 1 72  ? -0.110  17.606  -7.755  1.00 42.19 ? 72   SER A CB    1 
ATOM   419  O  OG    . SER A 1 72  ? -0.329  17.057  -6.459  1.00 49.36 ? 72   SER A OG    1 
ATOM   420  N  N     . LEU A 1 73  ? -2.394  15.634  -7.569  1.00 44.09 ? 73   LEU A N     1 
ATOM   421  C  CA    . LEU A 1 73  ? -3.753  15.283  -7.186  1.00 37.73 ? 73   LEU A CA    1 
ATOM   422  C  C     . LEU A 1 73  ? -4.283  16.226  -6.099  1.00 37.99 ? 73   LEU A C     1 
ATOM   423  O  O     . LEU A 1 73  ? -5.466  16.183  -5.755  1.00 41.71 ? 73   LEU A O     1 
ATOM   424  C  CB    . LEU A 1 73  ? -3.787  13.844  -6.659  1.00 37.21 ? 73   LEU A CB    1 
ATOM   425  C  CG    . LEU A 1 73  ? -3.603  12.657  -7.614  1.00 38.72 ? 73   LEU A CG    1 
ATOM   426  C  CD1   . LEU A 1 73  ? -4.708  12.697  -8.659  1.00 41.12 ? 73   LEU A CD1   1 
ATOM   427  C  CD2   . LEU A 1 73  ? -2.232  12.703  -8.281  1.00 41.32 ? 73   LEU A CD2   1 
ATOM   428  N  N     . GLY A 1 74  ? -3.412  17.067  -5.559  1.00 34.37 ? 74   GLY A N     1 
ATOM   429  C  CA    . GLY A 1 74  ? -3.846  17.970  -4.499  1.00 31.87 ? 74   GLY A CA    1 
ATOM   430  C  C     . GLY A 1 74  ? -3.745  17.349  -3.114  1.00 28.38 ? 74   GLY A C     1 
ATOM   431  O  O     . GLY A 1 74  ? -4.027  16.156  -2.925  1.00 22.15 ? 74   GLY A O     1 
ATOM   432  N  N     . VAL A 1 75  ? -3.337  18.169  -2.145  1.00 22.53 ? 75   VAL A N     1 
ATOM   433  C  CA    . VAL A 1 75  ? -3.176  17.769  -0.754  1.00 19.76 ? 75   VAL A CA    1 
ATOM   434  C  C     . VAL A 1 75  ? -4.301  16.927  -0.136  1.00 23.00 ? 75   VAL A C     1 
ATOM   435  O  O     . VAL A 1 75  ? -4.005  15.937  0.545   1.00 18.92 ? 75   VAL A O     1 
ATOM   436  C  CB    . VAL A 1 75  ? -2.961  19.042  0.135   1.00 21.20 ? 75   VAL A CB    1 
ATOM   437  C  CG1   . VAL A 1 75  ? -3.077  18.696  1.582   1.00 21.93 ? 75   VAL A CG1   1 
ATOM   438  C  CG2   . VAL A 1 75  ? -1.570  19.692  -0.198  1.00 22.38 ? 75   VAL A CG2   1 
ATOM   439  N  N     . ALA A 1 76  ? -5.571  17.321  -0.322  1.00 18.58 ? 76   ALA A N     1 
ATOM   440  C  CA    . ALA A 1 76  ? -6.713  16.579  0.273   1.00 22.59 ? 76   ALA A CA    1 
ATOM   441  C  C     . ALA A 1 76  ? -6.803  15.124  -0.167  1.00 20.74 ? 76   ALA A C     1 
ATOM   442  O  O     . ALA A 1 76  ? -7.309  14.270  0.575   1.00 29.24 ? 76   ALA A O     1 
ATOM   443  C  CB    . ALA A 1 76  ? -8.065  17.301  -0.027  1.00 25.21 ? 76   ALA A CB    1 
ATOM   444  N  N     . PHE A 1 77  ? -6.267  14.837  -1.347  1.00 21.06 ? 77   PHE A N     1 
ATOM   445  C  CA    . PHE A 1 77  ? -6.262  13.471  -1.861  1.00 22.71 ? 77   PHE A CA    1 
ATOM   446  C  C     . PHE A 1 77  ? -5.434  12.589  -0.909  1.00 23.35 ? 77   PHE A C     1 
ATOM   447  O  O     . PHE A 1 77  ? -5.822  11.465  -0.570  1.00 22.59 ? 77   PHE A O     1 
ATOM   448  C  CB    . PHE A 1 77  ? -5.609  13.407  -3.243  1.00 22.25 ? 77   PHE A CB    1 
ATOM   449  C  CG    . PHE A 1 77  ? -5.455  12.000  -3.748  1.00 30.13 ? 77   PHE A CG    1 
ATOM   450  C  CD1   . PHE A 1 77  ? -6.590  11.179  -3.906  1.00 32.72 ? 77   PHE A CD1   1 
ATOM   451  C  CD2   . PHE A 1 77  ? -4.194  11.456  -3.969  1.00 34.85 ? 77   PHE A CD2   1 
ATOM   452  C  CE1   . PHE A 1 77  ? -6.458  9.838   -4.265  1.00 35.55 ? 77   PHE A CE1   1 
ATOM   453  C  CE2   . PHE A 1 77  ? -4.047  10.113  -4.332  1.00 29.90 ? 77   PHE A CE2   1 
ATOM   454  C  CZ    . PHE A 1 77  ? -5.181  9.306   -4.477  1.00 37.35 ? 77   PHE A CZ    1 
ATOM   455  N  N     . TYR A 1 78  ? -4.280  13.114  -0.505  1.00 18.68 ? 78   TYR A N     1 
ATOM   456  C  CA    . TYR A 1 78  ? -3.359  12.410  0.386   1.00 18.46 ? 78   TYR A CA    1 
ATOM   457  C  C     . TYR A 1 78  ? -3.791  12.453  1.840   1.00 18.03 ? 78   TYR A C     1 
ATOM   458  O  O     . TYR A 1 78  ? -3.746  11.438  2.548   1.00 20.73 ? 78   TYR A O     1 
ATOM   459  C  CB    . TYR A 1 78  ? -1.943  13.008  0.254   1.00 15.69 ? 78   TYR A CB    1 
ATOM   460  C  CG    . TYR A 1 78  ? -1.437  12.921  -1.163  1.00 22.43 ? 78   TYR A CG    1 
ATOM   461  C  CD1   . TYR A 1 78  ? -1.641  13.974  -2.067  1.00 19.50 ? 78   TYR A CD1   1 
ATOM   462  C  CD2   . TYR A 1 78  ? -0.782  11.789  -1.612  1.00 25.59 ? 78   TYR A CD2   1 
ATOM   463  C  CE1   . TYR A 1 78  ? -1.185  13.897  -3.390  1.00 23.17 ? 78   TYR A CE1   1 
ATOM   464  C  CE2   . TYR A 1 78  ? -0.331  11.697  -2.921  1.00 31.36 ? 78   TYR A CE2   1 
ATOM   465  C  CZ    . TYR A 1 78  ? -0.529  12.758  -3.804  1.00 31.48 ? 78   TYR A CZ    1 
ATOM   466  O  OH    . TYR A 1 78  ? -0.035  12.691  -5.090  1.00 33.58 ? 78   TYR A OH    1 
ATOM   467  N  N     . ARG A 1 79  ? -4.256  13.620  2.269   1.00 14.10 ? 79   ARG A N     1 
ATOM   468  C  CA    . ARG A 1 79  ? -4.683  13.799  3.648   1.00 15.11 ? 79   ARG A CA    1 
ATOM   469  C  C     . ARG A 1 79  ? -5.765  12.821  4.090   1.00 18.96 ? 79   ARG A C     1 
ATOM   470  O  O     . ARG A 1 79  ? -5.839  12.432  5.265   1.00 19.46 ? 79   ARG A O     1 
ATOM   471  C  CB    . ARG A 1 79  ? -5.196  15.225  3.851   1.00 21.31 ? 79   ARG A CB    1 
ATOM   472  C  CG    . ARG A 1 79  ? -5.368  15.625  5.294   1.00 36.31 ? 79   ARG A CG    1 
ATOM   473  C  CD    . ARG A 1 79  ? -5.832  17.094  5.404   1.00 36.31 ? 79   ARG A CD    1 
ATOM   474  N  NE    . ARG A 1 79  ? -7.171  17.221  4.833   1.00 37.08 ? 79   ARG A NE    1 
ATOM   475  C  CZ    . ARG A 1 79  ? -7.478  18.001  3.806   1.00 31.97 ? 79   ARG A CZ    1 
ATOM   476  N  NH1   . ARG A 1 79  ? -6.544  18.754  3.227   1.00 37.46 ? 79   ARG A NH1   1 
ATOM   477  N  NH2   . ARG A 1 79  ? -8.715  18.002  3.339   1.00 33.87 ? 79   ARG A NH2   1 
ATOM   478  N  N     . GLY A 1 80  ? -6.622  12.407  3.180   1.00 19.34 ? 80   GLY A N     1 
ATOM   479  C  CA    . GLY A 1 80  ? -7.660  11.496  3.654   1.00 30.00 ? 80   GLY A CA    1 
ATOM   480  C  C     . GLY A 1 80  ? -7.238  10.022  3.735   1.00 29.00 ? 80   GLY A C     1 
ATOM   481  O  O     . GLY A 1 80  ? -8.021  9.157   4.104   1.00 22.60 ? 80   GLY A O     1 
ATOM   482  N  N     . ALA A 1 81  ? -5.987  9.725   3.436   1.00 20.64 ? 81   ALA A N     1 
ATOM   483  C  CA    . ALA A 1 81  ? -5.619  8.322   3.390   1.00 15.83 ? 81   ALA A CA    1 
ATOM   484  C  C     . ALA A 1 81  ? -5.413  7.650   4.733   1.00 15.70 ? 81   ALA A C     1 
ATOM   485  O  O     . ALA A 1 81  ? -4.890  8.248   5.664   1.00 17.41 ? 81   ALA A O     1 
ATOM   486  C  CB    . ALA A 1 81  ? -4.397  8.152   2.483   1.00 13.81 ? 81   ALA A CB    1 
ATOM   487  N  N     . ASP A 1 82  ? -5.853  6.387   4.823   1.00 13.81 ? 82   ASP A N     1 
ATOM   488  C  CA    . ASP A 1 82  ? -5.695  5.562   6.028   1.00 10.61 ? 82   ASP A CA    1 
ATOM   489  C  C     . ASP A 1 82  ? -4.465  4.633   5.925   1.00 14.10 ? 82   ASP A C     1 
ATOM   490  O  O     . ASP A 1 82  ? -4.021  4.089   6.914   1.00 12.20 ? 82   ASP A O     1 
ATOM   491  C  CB    . ASP A 1 82  ? -6.941  4.724   6.266   1.00 14.92 ? 82   ASP A CB    1 
ATOM   492  C  CG    . ASP A 1 82  ? -8.065  5.532   6.870   1.00 19.07 ? 82   ASP A CG    1 
ATOM   493  O  OD1   . ASP A 1 82  ? -9.221  5.221   6.604   1.00 19.82 ? 82   ASP A OD1   1 
ATOM   494  O  OD2   . ASP A 1 82  ? -7.780  6.482   7.609   1.00 16.96 ? 82   ASP A OD2   1 
ATOM   495  N  N     . CYS A 1 83  ? -3.940  4.432   4.717   1.00 13.98 ? 83   CYS A N     1 
ATOM   496  C  CA    . CYS A 1 83  ? -2.745  3.585   4.567   1.00 10.04 ? 83   CYS A CA    1 
ATOM   497  C  C     . CYS A 1 83  ? -2.145  3.978   3.240   1.00 15.15 ? 83   CYS A C     1 
ATOM   498  O  O     . CYS A 1 83  ? -2.884  4.205   2.276   1.00 14.05 ? 83   CYS A O     1 
ATOM   499  C  CB    . CYS A 1 83  ? -3.134  2.082   4.537   1.00 9.54  ? 83   CYS A CB    1 
ATOM   500  S  SG    . CYS A 1 83  ? -1.696  0.966   4.229   1.00 15.72 ? 83   CYS A SG    1 
ATOM   501  N  N     . CYS A 1 84  ? -0.820  4.089   3.194   1.00 12.69 ? 84   CYS A N     1 
ATOM   502  C  CA    . CYS A 1 84  ? -0.140  4.438   1.949   1.00 13.33 ? 84   CYS A CA    1 
ATOM   503  C  C     . CYS A 1 84  ? 0.622   3.193   1.503   1.00 12.70 ? 84   CYS A C     1 
ATOM   504  O  O     . CYS A 1 84  ? 1.494   2.714   2.239   1.00 17.06 ? 84   CYS A O     1 
ATOM   505  C  CB    . CYS A 1 84  ? 0.835   5.604   2.183   1.00 12.05 ? 84   CYS A CB    1 
ATOM   506  S  SG    . CYS A 1 84  ? 1.696   6.059   0.647   1.00 16.07 ? 84   CYS A SG    1 
ATOM   507  N  N     . VAL A 1 85  ? 0.268   2.644   0.338   1.00 10.57 ? 85   VAL A N     1 
ATOM   508  C  CA    . VAL A 1 85  ? 0.939   1.443   -0.162  1.00 9.96  ? 85   VAL A CA    1 
ATOM   509  C  C     . VAL A 1 85  ? 2.060   1.868   -1.132  1.00 12.11 ? 85   VAL A C     1 
ATOM   510  O  O     . VAL A 1 85  ? 1.821   2.681   -2.038  1.00 12.01 ? 85   VAL A O     1 
ATOM   511  C  CB    . VAL A 1 85  ? -0.053  0.494   -0.903  1.00 10.95 ? 85   VAL A CB    1 
ATOM   512  C  CG1   . VAL A 1 85  ? 0.707   -0.812  -1.302  1.00 8.09  ? 85   VAL A CG1   1 
ATOM   513  C  CG2   . VAL A 1 85  ? -1.265  0.111   0.060   1.00 11.82 ? 85   VAL A CG2   1 
ATOM   514  N  N     . LEU A 1 86  ? 3.272   1.346   -0.919  1.00 13.11 ? 86   LEU A N     1 
ATOM   515  C  CA    . LEU A 1 86  ? 4.399   1.698   -1.791  1.00 14.15 ? 86   LEU A CA    1 
ATOM   516  C  C     . LEU A 1 86  ? 4.780   0.445   -2.556  1.00 12.55 ? 86   LEU A C     1 
ATOM   517  O  O     . LEU A 1 86  ? 5.077   -0.578  -1.958  1.00 14.97 ? 86   LEU A O     1 
ATOM   518  C  CB    . LEU A 1 86  ? 5.612   2.169   -0.980  1.00 13.76 ? 86   LEU A CB    1 
ATOM   519  C  CG    . LEU A 1 86  ? 5.411   3.293   0.062   1.00 17.46 ? 86   LEU A CG    1 
ATOM   520  C  CD1   . LEU A 1 86  ? 6.683   3.501   0.886   1.00 22.60 ? 86   LEU A CD1   1 
ATOM   521  C  CD2   . LEU A 1 86  ? 5.044   4.575   -0.686  1.00 15.35 ? 86   LEU A CD2   1 
ATOM   522  N  N     . VAL A 1 87  ? 4.835   0.549   -3.877  1.00 13.01 ? 87   VAL A N     1 
ATOM   523  C  CA    . VAL A 1 87  ? 5.148   -0.622  -4.704  1.00 11.66 ? 87   VAL A CA    1 
ATOM   524  C  C     . VAL A 1 87  ? 6.420   -0.453  -5.544  1.00 11.58 ? 87   VAL A C     1 
ATOM   525  O  O     . VAL A 1 87  ? 6.686   0.630   -6.096  1.00 11.86 ? 87   VAL A O     1 
ATOM   526  C  CB    . VAL A 1 87  ? 3.962   -0.927  -5.689  1.00 12.32 ? 87   VAL A CB    1 
ATOM   527  C  CG1   . VAL A 1 87  ? 4.209   -2.280  -6.431  1.00 12.38 ? 87   VAL A CG1   1 
ATOM   528  C  CG2   . VAL A 1 87  ? 2.621   -1.020  -4.919  1.00 13.40 ? 87   VAL A CG2   1 
ATOM   529  N  N     . PHE A 1 88  ? 7.229   -1.503  -5.602  1.00 12.97 ? 88   PHE A N     1 
ATOM   530  C  CA    . PHE A 1 88  ? 8.376   -1.480  -6.487  1.00 16.38 ? 88   PHE A CA    1 
ATOM   531  C  C     . PHE A 1 88  ? 8.389   -2.829  -7.239  1.00 18.62 ? 88   PHE A C     1 
ATOM   532  O  O     . PHE A 1 88  ? 7.589   -3.734  -6.947  1.00 18.65 ? 88   PHE A O     1 
ATOM   533  C  CB    . PHE A 1 88  ? 9.694   -1.191  -5.751  1.00 17.06 ? 88   PHE A CB    1 
ATOM   534  C  CG    . PHE A 1 88  ? 10.212  -2.347  -4.918  1.00 15.65 ? 88   PHE A CG    1 
ATOM   535  C  CD1   . PHE A 1 88  ? 11.122  -3.273  -5.456  1.00 15.58 ? 88   PHE A CD1   1 
ATOM   536  C  CD2   . PHE A 1 88  ? 9.791   -2.509  -3.616  1.00 17.32 ? 88   PHE A CD2   1 
ATOM   537  C  CE1   . PHE A 1 88  ? 11.597  -4.353  -4.687  1.00 15.45 ? 88   PHE A CE1   1 
ATOM   538  C  CE2   . PHE A 1 88  ? 10.257  -3.592  -2.829  1.00 20.72 ? 88   PHE A CE2   1 
ATOM   539  C  CZ    . PHE A 1 88  ? 11.161  -4.513  -3.381  1.00 13.61 ? 88   PHE A CZ    1 
ATOM   540  N  N     . ASP A 1 89  ? 9.260   -2.925  -8.238  1.00 17.34 ? 89   ASP A N     1 
ATOM   541  C  CA    . ASP A 1 89  ? 9.401   -4.107  -9.114  1.00 17.40 ? 89   ASP A CA    1 
ATOM   542  C  C     . ASP A 1 89  ? 10.726  -4.768  -8.722  1.00 18.84 ? 89   ASP A C     1 
ATOM   543  O  O     . ASP A 1 89  ? 11.796  -4.141  -8.863  1.00 21.17 ? 89   ASP A O     1 
ATOM   544  C  CB    . ASP A 1 89  ? 9.418   -3.573  -10.569 1.00 16.93 ? 89   ASP A CB    1 
ATOM   545  C  CG    . ASP A 1 89  ? 9.684   -4.641  -11.613 1.00 21.60 ? 89   ASP A CG    1 
ATOM   546  O  OD1   . ASP A 1 89  ? 10.194  -5.735  -11.285 1.00 18.51 ? 89   ASP A OD1   1 
ATOM   547  O  OD2   . ASP A 1 89  ? 9.388   -4.337  -12.780 1.00 20.33 ? 89   ASP A OD2   1 
ATOM   548  N  N     . VAL A 1 90  ? 10.679  -6.016  -8.231  1.00 14.74 ? 90   VAL A N     1 
ATOM   549  C  CA    . VAL A 1 90  ? 11.892  -6.674  -7.764  1.00 19.49 ? 90   VAL A CA    1 
ATOM   550  C  C     . VAL A 1 90  ? 12.932  -6.909  -8.844  1.00 21.73 ? 90   VAL A C     1 
ATOM   551  O  O     . VAL A 1 90  ? 14.079  -7.249  -8.533  1.00 20.15 ? 90   VAL A O     1 
ATOM   552  C  CB    . VAL A 1 90  ? 11.635  -8.038  -7.046  1.00 13.86 ? 90   VAL A CB    1 
ATOM   553  C  CG1   . VAL A 1 90  ? 10.624  -7.856  -5.896  1.00 20.43 ? 90   VAL A CG1   1 
ATOM   554  C  CG2   . VAL A 1 90  ? 11.157  -9.085  -8.028  1.00 14.70 ? 90   VAL A CG2   1 
ATOM   555  N  N     . THR A 1 91  ? 12.539  -6.729  -10.097 1.00 22.87 ? 91   THR A N     1 
ATOM   556  C  CA    . THR A 1 91  ? 13.467  -6.935  -11.210 1.00 26.66 ? 91   THR A CA    1 
ATOM   557  C  C     . THR A 1 91  ? 14.061  -5.608  -11.659 1.00 30.31 ? 91   THR A C     1 
ATOM   558  O  O     . THR A 1 91  ? 14.896  -5.606  -12.559 1.00 27.13 ? 91   THR A O     1 
ATOM   559  C  CB    . THR A 1 91  ? 12.757  -7.568  -12.447 1.00 24.55 ? 91   THR A CB    1 
ATOM   560  O  OG1   . THR A 1 91  ? 11.864  -6.607  -13.029 1.00 21.54 ? 91   THR A OG1   1 
ATOM   561  C  CG2   . THR A 1 91  ? 11.967  -8.835  -12.055 1.00 25.03 ? 91   THR A CG2   1 
ATOM   562  N  N     . ALA A 1 92  ? 13.627  -4.490  -11.055 1.00 26.24 ? 92   ALA A N     1 
ATOM   563  C  CA    . ALA A 1 92  ? 14.114  -3.151  -11.456 1.00 23.90 ? 92   ALA A CA    1 
ATOM   564  C  C     . ALA A 1 92  ? 14.598  -2.355  -10.247 1.00 23.82 ? 92   ALA A C     1 
ATOM   565  O  O     . ALA A 1 92  ? 13.809  -1.662  -9.589  1.00 21.29 ? 92   ALA A O     1 
ATOM   566  C  CB    . ALA A 1 92  ? 12.990  -2.401  -12.181 1.00 23.37 ? 92   ALA A CB    1 
ATOM   567  N  N     . PRO A 1 93  ? 15.908  -2.452  -9.924  1.00 22.76 ? 93   PRO A N     1 
ATOM   568  C  CA    . PRO A 1 93  ? 16.499  -1.760  -8.784  1.00 24.38 ? 93   PRO A CA    1 
ATOM   569  C  C     . PRO A 1 93  ? 16.150  -0.268  -8.691  1.00 26.04 ? 93   PRO A C     1 
ATOM   570  O  O     . PRO A 1 93  ? 16.016  0.263   -7.585  1.00 20.67 ? 93   PRO A O     1 
ATOM   571  C  CB    . PRO A 1 93  ? 18.002  -2.015  -8.957  1.00 25.58 ? 93   PRO A CB    1 
ATOM   572  C  CG    . PRO A 1 93  ? 18.047  -3.373  -9.588  1.00 23.48 ? 93   PRO A CG    1 
ATOM   573  C  CD    . PRO A 1 93  ? 16.928  -3.235  -10.649 1.00 24.32 ? 93   PRO A CD    1 
ATOM   574  N  N     . ASN A 1 94  ? 15.980  0.391   -9.840  1.00 25.70 ? 94   ASN A N     1 
ATOM   575  C  CA    . ASN A 1 94  ? 15.641  1.814   -9.826  1.00 26.90 ? 94   ASN A CA    1 
ATOM   576  C  C     . ASN A 1 94  ? 14.281  2.110   -9.151  1.00 28.82 ? 94   ASN A C     1 
ATOM   577  O  O     . ASN A 1 94  ? 14.137  3.157   -8.534  1.00 24.00 ? 94   ASN A O     1 
ATOM   578  C  CB    . ASN A 1 94  ? 15.641  2.387   -11.239 1.00 24.76 ? 94   ASN A CB    1 
ATOM   579  C  CG    . ASN A 1 94  ? 14.862  1.508   -12.240 1.00 36.08 ? 94   ASN A CG    1 
ATOM   580  O  OD1   . ASN A 1 94  ? 15.188  0.321   -12.455 1.00 40.80 ? 94   ASN A OD1   1 
ATOM   581  N  ND2   . ASN A 1 94  ? 13.841  2.095   -12.867 1.00 41.37 ? 94   ASN A ND2   1 
ATOM   582  N  N     . THR A 1 95  ? 13.303  1.202   -9.273  1.00 25.44 ? 95   THR A N     1 
ATOM   583  C  CA    . THR A 1 95  ? 11.988  1.422   -8.651  1.00 16.75 ? 95   THR A CA    1 
ATOM   584  C  C     . THR A 1 95  ? 12.073  1.218   -7.138  1.00 18.77 ? 95   THR A C     1 
ATOM   585  O  O     . THR A 1 95  ? 11.217  1.721   -6.382  1.00 19.02 ? 95   THR A O     1 
ATOM   586  C  CB    . THR A 1 95  ? 10.910  0.482   -9.276  1.00 18.34 ? 95   THR A CB    1 
ATOM   587  O  OG1   . THR A 1 95  ? 11.200  -0.883  -8.936  1.00 18.25 ? 95   THR A OG1   1 
ATOM   588  C  CG2   . THR A 1 95  ? 10.891  0.646   -10.838 1.00 18.66 ? 95   THR A CG2   1 
ATOM   589  N  N     . PHE A 1 96  ? 13.073  0.457   -6.673  1.00 16.66 ? 96   PHE A N     1 
ATOM   590  C  CA    . PHE A 1 96  ? 13.256  0.270   -5.236  1.00 17.66 ? 96   PHE A CA    1 
ATOM   591  C  C     . PHE A 1 96  ? 13.948  1.513   -4.650  1.00 19.88 ? 96   PHE A C     1 
ATOM   592  O  O     . PHE A 1 96  ? 13.690  1.916   -3.508  1.00 19.07 ? 96   PHE A O     1 
ATOM   593  C  CB    . PHE A 1 96  ? 14.112  -0.983  -4.938  1.00 19.23 ? 96   PHE A CB    1 
ATOM   594  C  CG    . PHE A 1 96  ? 14.458  -1.154  -3.475  1.00 18.26 ? 96   PHE A CG    1 
ATOM   595  C  CD1   . PHE A 1 96  ? 15.768  -0.954  -3.017  1.00 25.20 ? 96   PHE A CD1   1 
ATOM   596  C  CD2   . PHE A 1 96  ? 13.492  -1.520  -2.550  1.00 18.80 ? 96   PHE A CD2   1 
ATOM   597  C  CE1   . PHE A 1 96  ? 16.097  -1.120  -1.676  1.00 22.33 ? 96   PHE A CE1   1 
ATOM   598  C  CE2   . PHE A 1 96  ? 13.818  -1.690  -1.195  1.00 19.74 ? 96   PHE A CE2   1 
ATOM   599  C  CZ    . PHE A 1 96  ? 15.127  -1.490  -0.758  1.00 21.81 ? 96   PHE A CZ    1 
ATOM   600  N  N     . LYS A 1 97  ? 14.817  2.113   -5.458  1.00 22.73 ? 97   LYS A N     1 
ATOM   601  C  CA    . LYS A 1 97  ? 15.590  3.287   -5.062  1.00 24.22 ? 97   LYS A CA    1 
ATOM   602  C  C     . LYS A 1 97  ? 14.777  4.508   -4.833  1.00 19.87 ? 97   LYS A C     1 
ATOM   603  O  O     . LYS A 1 97  ? 15.168  5.357   -4.054  1.00 20.66 ? 97   LYS A O     1 
ATOM   604  C  CB    . LYS A 1 97  ? 16.666  3.577   -6.096  1.00 22.43 ? 97   LYS A CB    1 
ATOM   605  C  CG    . LYS A 1 97  ? 17.768  2.523   -6.069  1.00 35.21 ? 97   LYS A CG    1 
ATOM   606  C  CD    . LYS A 1 97  ? 18.774  2.675   -7.222  1.00 39.93 ? 97   LYS A CD    1 
ATOM   607  C  CE    . LYS A 1 97  ? 19.672  1.443   -7.316  1.00 44.12 ? 97   LYS A CE    1 
ATOM   608  N  NZ    . LYS A 1 97  ? 20.323  1.178   -6.011  1.00 43.90 ? 97   LYS A NZ    1 
ATOM   609  N  N     . THR A 1 98  ? 13.640  4.598   -5.511  1.00 23.64 ? 98   THR A N     1 
ATOM   610  C  CA    . THR A 1 98  ? 12.742  5.738   -5.380  1.00 19.75 ? 98   THR A CA    1 
ATOM   611  C  C     . THR A 1 98  ? 11.809  5.617   -4.164  1.00 18.60 ? 98   THR A C     1 
ATOM   612  O  O     . THR A 1 98  ? 11.060  6.533   -3.886  1.00 18.28 ? 98   THR A O     1 
ATOM   613  C  CB    . THR A 1 98  ? 11.861  5.902   -6.634  1.00 25.21 ? 98   THR A CB    1 
ATOM   614  O  OG1   . THR A 1 98  ? 11.089  4.702   -6.821  1.00 26.93 ? 98   THR A OG1   1 
ATOM   615  C  CG2   . THR A 1 98  ? 12.711  6.129   -7.891  1.00 22.96 ? 98   THR A CG2   1 
ATOM   616  N  N     . LEU A 1 99  ? 11.851  4.511   -3.415  1.00 21.10 ? 99   LEU A N     1 
ATOM   617  C  CA    . LEU A 1 99  ? 10.917  4.394   -2.294  1.00 17.91 ? 99   LEU A CA    1 
ATOM   618  C  C     . LEU A 1 99  ? 11.039  5.520   -1.296  1.00 19.47 ? 99   LEU A C     1 
ATOM   619  O  O     . LEU A 1 99  ? 10.037  5.929   -0.723  1.00 15.36 ? 99   LEU A O     1 
ATOM   620  C  CB    . LEU A 1 99  ? 11.089  3.068   -1.522  1.00 15.98 ? 99   LEU A CB    1 
ATOM   621  C  CG    . LEU A 1 99  ? 10.727  1.754   -2.220  1.00 18.04 ? 99   LEU A CG    1 
ATOM   622  C  CD1   . LEU A 1 99  ? 11.117  0.586   -1.346  1.00 18.09 ? 99   LEU A CD1   1 
ATOM   623  C  CD2   . LEU A 1 99  ? 9.238   1.703   -2.468  1.00 19.07 ? 99   LEU A CD2   1 
ATOM   624  N  N     . ASP A 1 100 ? 12.246  6.020   -1.039  1.00 16.92 ? 100  ASP A N     1 
ATOM   625  C  CA    . ASP A 1 100 ? 12.311  7.089   -0.037  1.00 19.21 ? 100  ASP A CA    1 
ATOM   626  C  C     . ASP A 1 100 ? 11.594  8.327   -0.522  1.00 13.40 ? 100  ASP A C     1 
ATOM   627  O  O     . ASP A 1 100 ? 10.898  8.985   0.271   1.00 16.60 ? 100  ASP A O     1 
ATOM   628  C  CB    . ASP A 1 100 ? 13.756  7.427   0.358   1.00 18.55 ? 100  ASP A CB    1 
ATOM   629  C  CG    . ASP A 1 100 ? 14.343  6.389   1.277   1.00 24.39 ? 100  ASP A CG    1 
ATOM   630  O  OD1   . ASP A 1 100 ? 15.162  5.604   0.813   1.00 28.23 ? 100  ASP A OD1   1 
ATOM   631  O  OD2   . ASP A 1 100 ? 13.950  6.343   2.451   1.00 27.66 ? 100  ASP A OD2   1 
ATOM   632  N  N     . SER A 1 101 ? 11.752  8.638   -1.805  1.00 13.50 ? 101  SER A N     1 
ATOM   633  C  CA    . SER A 1 101 ? 11.095  9.797   -2.400  1.00 17.18 ? 101  SER A CA    1 
ATOM   634  C  C     . SER A 1 101 ? 9.587   9.694   -2.351  1.00 15.72 ? 101  SER A C     1 
ATOM   635  O  O     . SER A 1 101 ? 8.899   10.671  -2.060  1.00 15.27 ? 101  SER A O     1 
ATOM   636  C  CB    . SER A 1 101 ? 11.536  9.987   -3.841  1.00 21.69 ? 101  SER A CB    1 
ATOM   637  O  OG    . SER A 1 101 ? 11.033  8.956   -4.642  1.00 33.31 ? 101  SER A OG    1 
ATOM   638  N  N     . TRP A 1 102 ? 9.058   8.500   -2.625  1.00 14.72 ? 102  TRP A N     1 
ATOM   639  C  CA    . TRP A 1 102 ? 7.599   8.287   -2.556  1.00 12.80 ? 102  TRP A CA    1 
ATOM   640  C  C     . TRP A 1 102 ? 7.121   8.425   -1.118  1.00 10.92 ? 102  TRP A C     1 
ATOM   641  O  O     . TRP A 1 102 ? 6.119   9.068   -0.881  1.00 14.96 ? 102  TRP A O     1 
ATOM   642  C  CB    . TRP A 1 102 ? 7.218   6.896   -3.086  1.00 14.13 ? 102  TRP A CB    1 
ATOM   643  C  CG    . TRP A 1 102 ? 7.311   6.816   -4.570  1.00 15.65 ? 102  TRP A CG    1 
ATOM   644  C  CD1   . TRP A 1 102 ? 8.205   6.082   -5.299  1.00 14.72 ? 102  TRP A CD1   1 
ATOM   645  C  CD2   . TRP A 1 102 ? 6.478   7.488   -5.506  1.00 18.35 ? 102  TRP A CD2   1 
ATOM   646  N  NE1   . TRP A 1 102 ? 7.976   6.264   -6.640  1.00 13.51 ? 102  TRP A NE1   1 
ATOM   647  C  CE2   . TRP A 1 102 ? 6.916   7.118   -6.798  1.00 15.14 ? 102  TRP A CE2   1 
ATOM   648  C  CE3   . TRP A 1 102 ? 5.385   8.368   -5.385  1.00 25.38 ? 102  TRP A CE3   1 
ATOM   649  C  CZ2   . TRP A 1 102 ? 6.298   7.590   -7.968  1.00 20.57 ? 102  TRP A CZ2   1 
ATOM   650  C  CZ3   . TRP A 1 102 ? 4.763   8.840   -6.552  1.00 21.85 ? 102  TRP A CZ3   1 
ATOM   651  C  CH2   . TRP A 1 102 ? 5.227   8.442   -7.827  1.00 24.38 ? 102  TRP A CH2   1 
ATOM   652  N  N     . ARG A 1 103 ? 7.833   7.826   -0.159  1.00 14.04 ? 103  ARG A N     1 
ATOM   653  C  CA    . ARG A 1 103 ? 7.435   7.934   1.248   1.00 14.52 ? 103  ARG A CA    1 
ATOM   654  C  C     . ARG A 1 103 ? 7.460   9.395   1.750   1.00 16.14 ? 103  ARG A C     1 
ATOM   655  O  O     . ARG A 1 103 ? 6.529   9.863   2.422   1.00 16.01 ? 103  ARG A O     1 
ATOM   656  C  CB    . ARG A 1 103 ? 8.372   7.088   2.125   1.00 15.65 ? 103  ARG A CB    1 
ATOM   657  C  CG    . ARG A 1 103 ? 8.180   7.277   3.634   1.00 19.06 ? 103  ARG A CG    1 
ATOM   658  C  CD    . ARG A 1 103 ? 8.996   6.237   4.447   1.00 19.52 ? 103  ARG A CD    1 
ATOM   659  N  NE    . ARG A 1 103 ? 8.872   6.420   5.896   1.00 22.53 ? 103  ARG A NE    1 
ATOM   660  C  CZ    . ARG A 1 103 ? 9.390   7.433   6.604   1.00 17.04 ? 103  ARG A CZ    1 
ATOM   661  N  NH1   . ARG A 1 103 ? 10.104  8.402   6.032   1.00 21.59 ? 103  ARG A NH1   1 
ATOM   662  N  NH2   . ARG A 1 103 ? 9.171   7.480   7.910   1.00 19.05 ? 103  ARG A NH2   1 
ATOM   663  N  N     . ASP A 1 104 ? 8.550   10.089  1.451   1.00 17.49 ? 104  ASP A N     1 
ATOM   664  C  CA    . ASP A 1 104 ? 8.735   11.479  1.902   1.00 16.53 ? 104  ASP A CA    1 
ATOM   665  C  C     . ASP A 1 104 ? 7.697   12.414  1.284   1.00 17.48 ? 104  ASP A C     1 
ATOM   666  O  O     . ASP A 1 104 ? 7.157   13.299  1.965   1.00 18.18 ? 104  ASP A O     1 
ATOM   667  C  CB    . ASP A 1 104 ? 10.153  11.940  1.566   1.00 18.83 ? 104  ASP A CB    1 
ATOM   668  C  CG    . ASP A 1 104 ? 11.221  11.248  2.437   1.00 21.58 ? 104  ASP A CG    1 
ATOM   669  O  OD1   . ASP A 1 104 ? 12.386  11.203  2.002   1.00 25.55 ? 104  ASP A OD1   1 
ATOM   670  O  OD2   . ASP A 1 104 ? 10.906  10.766  3.551   1.00 22.58 ? 104  ASP A OD2   1 
ATOM   671  N  N     . GLU A 1 105 ? 7.413   12.212  0.005   1.00 18.71 ? 105  GLU A N     1 
ATOM   672  C  CA    . GLU A 1 105 ? 6.413   13.010  -0.695  1.00 21.36 ? 105  GLU A CA    1 
ATOM   673  C  C     . GLU A 1 105 ? 5.036   12.783  -0.066  1.00 17.52 ? 105  GLU A C     1 
ATOM   674  O  O     . GLU A 1 105 ? 4.273   13.726  0.155   1.00 19.26 ? 105  GLU A O     1 
ATOM   675  C  CB    . GLU A 1 105 ? 6.395   12.638  -2.190  1.00 29.55 ? 105  GLU A CB    1 
ATOM   676  C  CG    . GLU A 1 105 ? 5.205   13.235  -2.994  1.00 41.41 ? 105  GLU A CG    1 
ATOM   677  C  CD    . GLU A 1 105 ? 4.595   12.241  -4.033  1.00 43.95 ? 105  GLU A CD    1 
ATOM   678  O  OE1   . GLU A 1 105 ? 4.942   12.305  -5.242  1.00 39.21 ? 105  GLU A OE1   1 
ATOM   679  O  OE2   . GLU A 1 105 ? 3.767   11.393  -3.628  1.00 42.50 ? 105  GLU A OE2   1 
ATOM   680  N  N     . PHE A 1 106 ? 4.697   11.541  0.244   1.00 18.95 ? 106  PHE A N     1 
ATOM   681  C  CA    . PHE A 1 106 ? 3.407   11.290  0.887   1.00 19.28 ? 106  PHE A CA    1 
ATOM   682  C  C     . PHE A 1 106 ? 3.376   11.998  2.238   1.00 15.88 ? 106  PHE A C     1 
ATOM   683  O  O     . PHE A 1 106 ? 2.387   12.629  2.593   1.00 16.16 ? 106  PHE A O     1 
ATOM   684  C  CB    . PHE A 1 106 ? 3.164   9.810   1.149   1.00 18.14 ? 106  PHE A CB    1 
ATOM   685  C  CG    . PHE A 1 106 ? 1.922   9.552   1.966   1.00 19.98 ? 106  PHE A CG    1 
ATOM   686  C  CD1   . PHE A 1 106 ? 0.654   9.561   1.362   1.00 18.47 ? 106  PHE A CD1   1 
ATOM   687  C  CD2   . PHE A 1 106 ? 2.002   9.396   3.345   1.00 14.05 ? 106  PHE A CD2   1 
ATOM   688  C  CE1   . PHE A 1 106 ? -0.487  9.424   2.134   1.00 13.06 ? 106  PHE A CE1   1 
ATOM   689  C  CE2   . PHE A 1 106 ? 0.851   9.261   4.132   1.00 13.88 ? 106  PHE A CE2   1 
ATOM   690  C  CZ    . PHE A 1 106 ? -0.395  9.278   3.528   1.00 15.24 ? 106  PHE A CZ    1 
ATOM   691  N  N     . LEU A 1 107 ? 4.457   11.912  2.999   1.00 14.70 ? 107  LEU A N     1 
ATOM   692  C  CA    . LEU A 1 107 ? 4.467   12.585  4.311   1.00 15.48 ? 107  LEU A CA    1 
ATOM   693  C  C     . LEU A 1 107 ? 4.228   14.088  4.187   1.00 10.81 ? 107  LEU A C     1 
ATOM   694  O  O     . LEU A 1 107 ? 3.491   14.669  4.978   1.00 17.09 ? 107  LEU A O     1 
ATOM   695  C  CB    . LEU A 1 107 ? 5.809   12.346  5.040   1.00 17.32 ? 107  LEU A CB    1 
ATOM   696  C  CG    . LEU A 1 107 ? 6.066   10.913  5.556   1.00 17.15 ? 107  LEU A CG    1 
ATOM   697  C  CD1   . LEU A 1 107 ? 7.401   10.862  6.305   1.00 12.83 ? 107  LEU A CD1   1 
ATOM   698  C  CD2   . LEU A 1 107 ? 4.934   10.462  6.483   1.00 16.33 ? 107  LEU A CD2   1 
ATOM   699  N  N     . ILE A 1 108 ? 4.852   14.692  3.177   1.00 13.37 ? 108  ILE A N     1 
ATOM   700  C  CA    . ILE A 1 108 ? 4.798   16.129  2.940   1.00 14.71 ? 108  ILE A CA    1 
ATOM   701  C  C     . ILE A 1 108 ? 3.372   16.526  2.550   1.00 16.76 ? 108  ILE A C     1 
ATOM   702  O  O     . ILE A 1 108 ? 2.855   17.527  3.019   1.00 15.44 ? 108  ILE A O     1 
ATOM   703  C  CB    . ILE A 1 108 ? 5.808   16.557  1.840   1.00 14.59 ? 108  ILE A CB    1 
ATOM   704  C  CG1   . ILE A 1 108 ? 7.223   16.489  2.402   1.00 15.14 ? 108  ILE A CG1   1 
ATOM   705  C  CG2   . ILE A 1 108 ? 5.491   17.963  1.342   1.00 12.02 ? 108  ILE A CG2   1 
ATOM   706  C  CD1   . ILE A 1 108 ? 8.306   16.619  1.352   1.00 23.81 ? 108  ILE A CD1   1 
ATOM   707  N  N     . GLN A 1 109 ? 2.764   15.716  1.681   1.00 15.17 ? 109  GLN A N     1 
ATOM   708  C  CA    . GLN A 1 109 ? 1.423   16.029  1.212   1.00 14.96 ? 109  GLN A CA    1 
ATOM   709  C  C     . GLN A 1 109 ? 0.330   15.761  2.220   1.00 15.90 ? 109  GLN A C     1 
ATOM   710  O  O     . GLN A 1 109 ? -0.585  16.568  2.365   1.00 19.78 ? 109  GLN A O     1 
ATOM   711  C  CB    . GLN A 1 109 ? 1.120   15.256  -0.080  1.00 17.55 ? 109  GLN A CB    1 
ATOM   712  C  CG    . GLN A 1 109 ? 2.099   15.573  -1.184  1.00 19.84 ? 109  GLN A CG    1 
ATOM   713  C  CD    . GLN A 1 109 ? 1.790   16.875  -1.900  1.00 34.56 ? 109  GLN A CD    1 
ATOM   714  O  OE1   . GLN A 1 109 ? 0.631   17.280  -2.019  1.00 27.68 ? 109  GLN A OE1   1 
ATOM   715  N  NE2   . GLN A 1 109 ? 2.825   17.512  -2.422  1.00 29.21 ? 109  GLN A NE2   1 
ATOM   716  N  N     . ALA A 1 110 ? 0.416   14.624  2.900   1.00 16.37 ? 110  ALA A N     1 
ATOM   717  C  CA    . ALA A 1 110 ? -0.573  14.219  3.911   1.00 18.29 ? 110  ALA A CA    1 
ATOM   718  C  C     . ALA A 1 110 ? -0.360  14.825  5.305   1.00 21.65 ? 110  ALA A C     1 
ATOM   719  O  O     . ALA A 1 110 ? -1.303  14.913  6.086   1.00 18.83 ? 110  ALA A O     1 
ATOM   720  C  CB    . ALA A 1 110 ? -0.606  12.675  4.025   1.00 10.44 ? 110  ALA A CB    1 
ATOM   721  N  N     . SER A 1 111 ? 0.872   15.243  5.623   1.00 17.07 ? 111  SER A N     1 
ATOM   722  C  CA    . SER A 1 111 ? 1.155   15.844  6.936   1.00 18.52 ? 111  SER A CA    1 
ATOM   723  C  C     . SER A 1 111 ? 0.566   15.072  8.125   1.00 17.43 ? 111  SER A C     1 
ATOM   724  O  O     . SER A 1 111 ? -0.069  15.667  9.012   1.00 16.30 ? 111  SER A O     1 
ATOM   725  C  CB    . SER A 1 111 ? 0.637   17.302  6.963   1.00 19.65 ? 111  SER A CB    1 
ATOM   726  O  OG    . SER A 1 111 ? 1.343   18.099  6.011   1.00 28.05 ? 111  SER A OG    1 
ATOM   727  N  N     . PRO A 1 112 ? 0.812   13.741  8.203   1.00 18.52 ? 112  PRO A N     1 
ATOM   728  C  CA    . PRO A 1 112 ? 0.250   12.965  9.320   1.00 20.59 ? 112  PRO A CA    1 
ATOM   729  C  C     . PRO A 1 112 ? 0.771   13.429  10.665  1.00 24.03 ? 112  PRO A C     1 
ATOM   730  O  O     . PRO A 1 112 ? 1.900   13.869  10.742  1.00 23.08 ? 112  PRO A O     1 
ATOM   731  C  CB    . PRO A 1 112 ? 0.666   11.515  8.995   1.00 20.61 ? 112  PRO A CB    1 
ATOM   732  C  CG    . PRO A 1 112 ? 1.947   11.699  8.258   1.00 21.00 ? 112  PRO A CG    1 
ATOM   733  C  CD    . PRO A 1 112 ? 1.681   12.898  7.351   1.00 16.55 ? 112  PRO A CD    1 
ATOM   734  N  N     . ARG A 1 113 ? -0.052  13.323  11.708  1.00 23.15 ? 113  ARG A N     1 
ATOM   735  C  CA    . ARG A 1 113 ? 0.354   13.750  13.044  1.00 32.75 ? 113  ARG A CA    1 
ATOM   736  C  C     . ARG A 1 113 ? 1.436   12.869  13.720  1.00 35.44 ? 113  ARG A C     1 
ATOM   737  O  O     . ARG A 1 113 ? 2.186   13.341  14.578  1.00 35.70 ? 113  ARG A O     1 
ATOM   738  C  CB    . ARG A 1 113 ? -0.877  13.832  13.953  1.00 36.55 ? 113  ARG A CB    1 
ATOM   739  C  CG    . ARG A 1 113 ? -1.715  12.544  13.994  1.00 44.64 ? 113  ARG A CG    1 
ATOM   740  C  CD    . ARG A 1 113 ? -2.354  12.322  15.378  1.00 48.04 ? 113  ARG A CD    1 
ATOM   741  N  NE    . ARG A 1 113 ? -1.322  12.098  16.394  1.00 47.69 ? 113  ARG A NE    1 
ATOM   742  C  CZ    . ARG A 1 113 ? -1.568  11.837  17.676  1.00 48.62 ? 113  ARG A CZ    1 
ATOM   743  N  NH1   . ARG A 1 113 ? -2.822  11.757  18.112  1.00 48.25 ? 113  ARG A NH1   1 
ATOM   744  N  NH2   . ARG A 1 113 ? -0.553  11.679  18.529  1.00 50.20 ? 113  ARG A NH2   1 
ATOM   745  N  N     . ASP A 1 114 ? 1.525   11.596  13.346  1.00 30.90 ? 114  ASP A N     1 
ATOM   746  C  CA    . ASP A 1 114 ? 2.520   10.705  13.957  1.00 28.13 ? 114  ASP A CA    1 
ATOM   747  C  C     . ASP A 1 114 ? 3.195   10.019  12.776  1.00 25.12 ? 114  ASP A C     1 
ATOM   748  O  O     . ASP A 1 114 ? 2.951   8.855   12.483  1.00 21.97 ? 114  ASP A O     1 
ATOM   749  C  CB    . ASP A 1 114 ? 1.787   9.707   14.864  1.00 32.31 ? 114  ASP A CB    1 
ATOM   750  C  CG    . ASP A 1 114 ? 2.729   8.792   15.624  1.00 35.33 ? 114  ASP A CG    1 
ATOM   751  O  OD1   . ASP A 1 114 ? 2.223   7.951   16.408  1.00 38.60 ? 114  ASP A OD1   1 
ATOM   752  O  OD2   . ASP A 1 114 ? 3.958   8.903   15.440  1.00 39.96 ? 114  ASP A OD2   1 
ATOM   753  N  N     . PRO A 1 115 ? 4.061   10.757  12.072  1.00 23.15 ? 115  PRO A N     1 
ATOM   754  C  CA    . PRO A 1 115 ? 4.800   10.322  10.890  1.00 21.73 ? 115  PRO A CA    1 
ATOM   755  C  C     . PRO A 1 115 ? 5.448   8.956   10.969  1.00 20.29 ? 115  PRO A C     1 
ATOM   756  O  O     . PRO A 1 115 ? 5.369   8.169   10.013  1.00 17.79 ? 115  PRO A O     1 
ATOM   757  C  CB    . PRO A 1 115 ? 5.850   11.422  10.708  1.00 28.89 ? 115  PRO A CB    1 
ATOM   758  C  CG    . PRO A 1 115 ? 5.276   12.596  11.391  1.00 26.81 ? 115  PRO A CG    1 
ATOM   759  C  CD    . PRO A 1 115 ? 4.617   12.020  12.588  1.00 26.95 ? 115  PRO A CD    1 
ATOM   760  N  N     . GLU A 1 116 ? 6.085   8.666   12.104  1.00 17.98 ? 116  GLU A N     1 
ATOM   761  C  CA    . GLU A 1 116 ? 6.802   7.399   12.244  1.00 19.26 ? 116  GLU A CA    1 
ATOM   762  C  C     . GLU A 1 116 ? 5.866   6.214   12.516  1.00 19.75 ? 116  GLU A C     1 
ATOM   763  O  O     . GLU A 1 116 ? 6.286   5.064   12.505  1.00 20.99 ? 116  GLU A O     1 
ATOM   764  C  CB    . GLU A 1 116 ? 7.859   7.495   13.365  1.00 22.56 ? 116  GLU A CB    1 
ATOM   765  C  CG    . GLU A 1 116 ? 8.816   8.689   13.248  1.00 22.09 ? 116  GLU A CG    1 
ATOM   766  C  CD    . GLU A 1 116 ? 9.360   8.849   11.873  1.00 19.57 ? 116  GLU A CD    1 
ATOM   767  O  OE1   . GLU A 1 116 ? 9.200   9.949   11.303  1.00 24.19 ? 116  GLU A OE1   1 
ATOM   768  O  OE2   . GLU A 1 116 ? 9.944   7.880   11.333  1.00 25.25 ? 116  GLU A OE2   1 
ATOM   769  N  N     . ASN A 1 117 ? 4.601   6.501   12.771  1.00 23.17 ? 117  ASN A N     1 
ATOM   770  C  CA    . ASN A 1 117 ? 3.657   5.425   13.029  1.00 22.24 ? 117  ASN A CA    1 
ATOM   771  C  C     . ASN A 1 117 ? 2.541   5.338   12.000  1.00 22.32 ? 117  ASN A C     1 
ATOM   772  O  O     . ASN A 1 117 ? 1.724   4.408   12.057  1.00 20.07 ? 117  ASN A O     1 
ATOM   773  C  CB    . ASN A 1 117 ? 3.086   5.569   14.436  1.00 26.34 ? 117  ASN A CB    1 
ATOM   774  C  CG    . ASN A 1 117 ? 4.146   5.344   15.493  1.00 29.85 ? 117  ASN A CG    1 
ATOM   775  O  OD1   . ASN A 1 117 ? 4.605   4.222   15.688  1.00 32.14 ? 117  ASN A OD1   1 
ATOM   776  N  ND2   . ASN A 1 117 ? 4.579   6.416   16.137  1.00 28.06 ? 117  ASN A ND2   1 
ATOM   777  N  N     . PHE A 1 118 ? 2.493   6.279   11.077  1.00 17.08 ? 118  PHE A N     1 
ATOM   778  C  CA    . PHE A 1 118 ? 1.482   6.233   10.024  1.00 14.22 ? 118  PHE A CA    1 
ATOM   779  C  C     . PHE A 1 118 ? 1.659   4.941   9.269   1.00 17.42 ? 118  PHE A C     1 
ATOM   780  O  O     . PHE A 1 118 ? 2.782   4.565   8.982   1.00 17.64 ? 118  PHE A O     1 
ATOM   781  C  CB    . PHE A 1 118 ? 1.575   7.434   9.047   1.00 17.37 ? 118  PHE A CB    1 
ATOM   782  C  CG    . PHE A 1 118 ? 0.467   7.375   8.046   1.00 20.36 ? 118  PHE A CG    1 
ATOM   783  C  CD1   . PHE A 1 118 ? -0.771  7.962   8.274   1.00 20.74 ? 118  PHE A CD1   1 
ATOM   784  C  CD2   . PHE A 1 118 ? 0.653   6.689   6.845   1.00 14.47 ? 118  PHE A CD2   1 
ATOM   785  C  CE1   . PHE A 1 118 ? -1.812  7.854   7.376   1.00 16.92 ? 118  PHE A CE1   1 
ATOM   786  C  CE2   . PHE A 1 118 ? -0.411  6.576   5.958   1.00 13.43 ? 118  PHE A CE2   1 
ATOM   787  C  CZ    . PHE A 1 118 ? -1.628  7.149   6.222   1.00 15.00 ? 118  PHE A CZ    1 
ATOM   788  N  N     . PRO A 1 119 ? 0.595   4.245   8.919   1.00 14.01 ? 119  PRO A N     1 
ATOM   789  C  CA    . PRO A 1 119 ? 0.807   2.975   8.223   1.00 15.31 ? 119  PRO A CA    1 
ATOM   790  C  C     . PRO A 1 119 ? 1.213   2.970   6.762   1.00 20.24 ? 119  PRO A C     1 
ATOM   791  O  O     . PRO A 1 119 ? 0.447   3.427   5.895   1.00 17.89 ? 119  PRO A O     1 
ATOM   792  C  CB    . PRO A 1 119 ? -0.516  2.209   8.460   1.00 16.55 ? 119  PRO A CB    1 
ATOM   793  C  CG    . PRO A 1 119 ? -1.531  3.301   8.510   1.00 18.31 ? 119  PRO A CG    1 
ATOM   794  C  CD    . PRO A 1 119 ? -0.824  4.488   9.215   1.00 14.72 ? 119  PRO A CD    1 
ATOM   795  N  N     . PHE A 1 120 ? 2.442   2.492   6.504   1.00 12.93 ? 120  PHE A N     1 
ATOM   796  C  CA    . PHE A 1 120 ? 2.884   2.297   5.127   1.00 13.71 ? 120  PHE A CA    1 
ATOM   797  C  C     . PHE A 1 120 ? 2.947   0.761   4.985   1.00 14.85 ? 120  PHE A C     1 
ATOM   798  O  O     . PHE A 1 120 ? 3.118   0.053   5.977   1.00 13.85 ? 120  PHE A O     1 
ATOM   799  C  CB    . PHE A 1 120 ? 4.298   2.865   4.877   1.00 8.90  ? 120  PHE A CB    1 
ATOM   800  C  CG    . PHE A 1 120 ? 4.357   4.384   4.834   1.00 11.33 ? 120  PHE A CG    1 
ATOM   801  C  CD1   . PHE A 1 120 ? 4.752   5.101   5.970   1.00 15.03 ? 120  PHE A CD1   1 
ATOM   802  C  CD2   . PHE A 1 120 ? 4.016   5.080   3.666   1.00 14.94 ? 120  PHE A CD2   1 
ATOM   803  C  CE1   . PHE A 1 120 ? 4.811   6.498   5.962   1.00 15.89 ? 120  PHE A CE1   1 
ATOM   804  C  CE2   . PHE A 1 120 ? 4.078   6.484   3.622   1.00 17.33 ? 120  PHE A CE2   1 
ATOM   805  C  CZ    . PHE A 1 120 ? 4.478   7.206   4.779   1.00 13.41 ? 120  PHE A CZ    1 
ATOM   806  N  N     . VAL A 1 121 ? 2.742   0.266   3.768   1.00 12.14 ? 121  VAL A N     1 
ATOM   807  C  CA    . VAL A 1 121 ? 2.907   -1.168  3.471   1.00 13.89 ? 121  VAL A CA    1 
ATOM   808  C  C     . VAL A 1 121 ? 3.683   -1.191  2.141   1.00 14.34 ? 121  VAL A C     1 
ATOM   809  O  O     . VAL A 1 121 ? 3.323   -0.506  1.144   1.00 14.92 ? 121  VAL A O     1 
ATOM   810  C  CB    . VAL A 1 121 ? 1.583   -1.969  3.314   1.00 12.56 ? 121  VAL A CB    1 
ATOM   811  C  CG1   . VAL A 1 121 ? 1.919   -3.402  2.827   1.00 11.00 ? 121  VAL A CG1   1 
ATOM   812  C  CG2   . VAL A 1 121 ? 0.842   -2.039  4.652   1.00 12.45 ? 121  VAL A CG2   1 
ATOM   813  N  N     . VAL A 1 122 ? 4.776   -1.936  2.126   1.00 13.77 ? 122  VAL A N     1 
ATOM   814  C  CA    . VAL A 1 122 ? 5.586   -1.994  0.913   1.00 9.53  ? 122  VAL A CA    1 
ATOM   815  C  C     . VAL A 1 122 ? 5.374   -3.328  0.207   1.00 13.19 ? 122  VAL A C     1 
ATOM   816  O  O     . VAL A 1 122 ? 5.389   -4.365  0.851   1.00 10.16 ? 122  VAL A O     1 
ATOM   817  C  CB    . VAL A 1 122 ? 7.101   -1.858  1.254   1.00 14.48 ? 122  VAL A CB    1 
ATOM   818  C  CG1   . VAL A 1 122 ? 7.935   -2.088  0.008   1.00 14.35 ? 122  VAL A CG1   1 
ATOM   819  C  CG2   . VAL A 1 122 ? 7.370   -0.480  1.801   1.00 11.93 ? 122  VAL A CG2   1 
ATOM   820  N  N     . LEU A 1 123 ? 5.145   -3.280  -1.107  1.00 12.58 ? 123  LEU A N     1 
ATOM   821  C  CA    . LEU A 1 123 ? 4.988   -4.518  -1.889  1.00 13.37 ? 123  LEU A CA    1 
ATOM   822  C  C     . LEU A 1 123 ? 6.112   -4.646  -2.928  1.00 12.94 ? 123  LEU A C     1 
ATOM   823  O  O     . LEU A 1 123 ? 6.242   -3.761  -3.760  1.00 14.60 ? 123  LEU A O     1 
ATOM   824  C  CB    . LEU A 1 123 ? 3.647   -4.537  -2.658  1.00 14.79 ? 123  LEU A CB    1 
ATOM   825  C  CG    . LEU A 1 123 ? 2.402   -4.190  -1.833  1.00 15.41 ? 123  LEU A CG    1 
ATOM   826  C  CD1   . LEU A 1 123 ? 1.125   -4.248  -2.671  1.00 14.48 ? 123  LEU A CD1   1 
ATOM   827  C  CD2   . LEU A 1 123 ? 2.334   -5.170  -0.713  1.00 10.39 ? 123  LEU A CD2   1 
ATOM   828  N  N     . GLY A 1 124 ? 6.928   -5.713  -2.842  1.00 14.72 ? 124  GLY A N     1 
ATOM   829  C  CA    . GLY A 1 124 ? 7.957   -5.982  -3.847  1.00 15.33 ? 124  GLY A CA    1 
ATOM   830  C  C     . GLY A 1 124 ? 7.252   -6.936  -4.829  1.00 14.84 ? 124  GLY A C     1 
ATOM   831  O  O     . GLY A 1 124 ? 7.094   -8.140  -4.553  1.00 13.81 ? 124  GLY A O     1 
ATOM   832  N  N     . ASN A 1 125 ? 6.831   -6.387  -5.965  1.00 13.98 ? 125  ASN A N     1 
ATOM   833  C  CA    . ASN A 1 125 ? 6.055   -7.103  -6.959  1.00 14.90 ? 125  ASN A CA    1 
ATOM   834  C  C     . ASN A 1 125 ? 6.867   -7.730  -8.097  1.00 18.58 ? 125  ASN A C     1 
ATOM   835  O  O     . ASN A 1 125 ? 8.027   -7.362  -8.333  1.00 16.09 ? 125  ASN A O     1 
ATOM   836  C  CB    . ASN A 1 125 ? 4.973   -6.144  -7.528  1.00 14.68 ? 125  ASN A CB    1 
ATOM   837  C  CG    . ASN A 1 125 ? 3.882   -6.867  -8.336  1.00 18.13 ? 125  ASN A CG    1 
ATOM   838  O  OD1   . ASN A 1 125 ? 3.373   -7.915  -7.946  1.00 15.78 ? 125  ASN A OD1   1 
ATOM   839  N  ND2   . ASN A 1 125 ? 3.518   -6.286  -9.459  1.00 12.95 ? 125  ASN A ND2   1 
ATOM   840  N  N     . LYS A 1 126 ? 6.206   -8.666  -8.779  1.00 17.33 ? 126  LYS A N     1 
ATOM   841  C  CA    . LYS A 1 126 ? 6.730   -9.431  -9.923  1.00 19.51 ? 126  LYS A CA    1 
ATOM   842  C  C     . LYS A 1 126 ? 7.708   -10.540 -9.554  1.00 17.71 ? 126  LYS A C     1 
ATOM   843  O  O     . LYS A 1 126 ? 8.605   -10.857 -10.348 1.00 17.63 ? 126  LYS A O     1 
ATOM   844  C  CB    . LYS A 1 126 ? 7.370   -8.491  -10.968 1.00 21.37 ? 126  LYS A CB    1 
ATOM   845  C  CG    . LYS A 1 126 ? 6.492   -7.333  -11.431 1.00 18.95 ? 126  LYS A CG    1 
ATOM   846  C  CD    . LYS A 1 126 ? 7.012   -6.761  -12.787 1.00 19.79 ? 126  LYS A CD    1 
ATOM   847  C  CE    . LYS A 1 126 ? 6.341   -5.454  -13.116 1.00 21.90 ? 126  LYS A CE    1 
ATOM   848  N  NZ    . LYS A 1 126 ? 6.702   -4.896  -14.468 1.00 23.09 ? 126  LYS A NZ    1 
ATOM   849  N  N     . ILE A 1 127 ? 7.547   -11.135 -8.364  1.00 15.79 ? 127  ILE A N     1 
ATOM   850  C  CA    . ILE A 1 127 ? 8.437   -12.210 -7.943  1.00 16.59 ? 127  ILE A CA    1 
ATOM   851  C  C     . ILE A 1 127 ? 8.314   -13.455 -8.858  1.00 19.83 ? 127  ILE A C     1 
ATOM   852  O  O     . ILE A 1 127 ? 9.143   -14.366 -8.795  1.00 17.24 ? 127  ILE A O     1 
ATOM   853  C  CB    . ILE A 1 127 ? 8.219   -12.613 -6.443  1.00 14.65 ? 127  ILE A CB    1 
ATOM   854  C  CG1   . ILE A 1 127 ? 6.822   -13.230 -6.243  1.00 16.45 ? 127  ILE A CG1   1 
ATOM   855  C  CG2   . ILE A 1 127 ? 8.410   -11.353 -5.541  1.00 16.46 ? 127  ILE A CG2   1 
ATOM   856  C  CD1   . ILE A 1 127 ? 6.574   -13.715 -4.787  1.00 16.96 ? 127  ILE A CD1   1 
ATOM   857  N  N     . ASP A 1 128 ? 7.282   -13.480 -9.698  1.00 16.93 ? 128  ASP A N     1 
ATOM   858  C  CA    . ASP A 1 128 ? 7.137   -14.569 -10.674 1.00 21.53 ? 128  ASP A CA    1 
ATOM   859  C  C     . ASP A 1 128 ? 8.283   -14.515 -11.738 1.00 24.00 ? 128  ASP A C     1 
ATOM   860  O  O     . ASP A 1 128 ? 8.526   -15.488 -12.450 1.00 21.68 ? 128  ASP A O     1 
ATOM   861  C  CB    . ASP A 1 128 ? 5.756   -14.499 -11.358 1.00 22.69 ? 128  ASP A CB    1 
ATOM   862  C  CG    . ASP A 1 128 ? 5.540   -13.204 -12.100 1.00 24.90 ? 128  ASP A CG    1 
ATOM   863  O  OD1   . ASP A 1 128 ? 5.651   -13.206 -13.341 1.00 21.98 ? 128  ASP A OD1   1 
ATOM   864  O  OD2   . ASP A 1 128 ? 5.275   -12.168 -11.456 1.00 19.50 ? 128  ASP A OD2   1 
ATOM   865  N  N     . LEU A 1 129 ? 8.982   -13.387 -11.851 1.00 16.49 ? 129  LEU A N     1 
ATOM   866  C  CA    . LEU A 1 129 ? 10.094  -13.254 -12.801 1.00 26.55 ? 129  LEU A CA    1 
ATOM   867  C  C     . LEU A 1 129 ? 11.337  -13.731 -12.008 1.00 25.01 ? 129  LEU A C     1 
ATOM   868  O  O     . LEU A 1 129 ? 11.893  -12.987 -11.231 1.00 31.60 ? 129  LEU A O     1 
ATOM   869  C  CB    . LEU A 1 129 ? 10.218  -11.781 -13.255 1.00 22.56 ? 129  LEU A CB    1 
ATOM   870  C  CG    . LEU A 1 129 ? 8.962   -11.246 -14.007 1.00 23.25 ? 129  LEU A CG    1 
ATOM   871  C  CD1   . LEU A 1 129 ? 9.142   -9.819  -14.498 1.00 19.56 ? 129  LEU A CD1   1 
ATOM   872  C  CD2   . LEU A 1 129 ? 8.663   -12.143 -15.176 1.00 28.53 ? 129  LEU A CD2   1 
ATOM   873  N  N     . GLU A 1 130 ? 11.725  -14.994 -12.180 1.00 34.93 ? 130  GLU A N     1 
ATOM   874  C  CA    . GLU A 1 130 ? 12.852  -15.599 -11.438 1.00 38.85 ? 130  GLU A CA    1 
ATOM   875  C  C     . GLU A 1 130 ? 14.176  -14.801 -11.300 1.00 37.77 ? 130  GLU A C     1 
ATOM   876  O  O     . GLU A 1 130 ? 14.841  -14.890 -10.233 1.00 34.03 ? 130  GLU A O     1 
ATOM   877  C  CB    . GLU A 1 130 ? 13.163  -16.995 -12.012 1.00 41.19 ? 130  GLU A CB    1 
ATOM   878  C  CG    . GLU A 1 130 ? 13.508  -16.941 -13.495 1.00 45.27 ? 130  GLU A CG    1 
ATOM   879  C  CD    . GLU A 1 130 ? 13.672  -18.309 -14.141 1.00 49.04 ? 130  GLU A CD    1 
ATOM   880  O  OE1   . GLU A 1 130 ? 14.578  -19.069 -13.710 1.00 48.89 ? 130  GLU A OE1   1 
ATOM   881  O  OE2   . GLU A 1 130 ? 12.894  -18.607 -15.089 1.00 51.31 ? 130  GLU A OE2   1 
ATOM   882  N  N     . ASN A 1 131 ? 14.562  -14.053 -12.349 1.00 32.86 ? 131  ASN A N     1 
ATOM   883  C  CA    . ASN A 1 131 ? 15.802  -13.250 -12.309 1.00 30.62 ? 131  ASN A CA    1 
ATOM   884  C  C     . ASN A 1 131 ? 15.624  -11.883 -11.597 1.00 30.79 ? 131  ASN A C     1 
ATOM   885  O  O     . ASN A 1 131 ? 15.897  -10.806 -12.156 1.00 27.43 ? 131  ASN A O     1 
ATOM   886  C  CB    . ASN A 1 131 ? 16.348  -13.033 -13.734 1.00 36.93 ? 131  ASN A CB    1 
ATOM   887  C  CG    . ASN A 1 131 ? 16.707  -14.357 -14.435 1.00 43.70 ? 131  ASN A CG    1 
ATOM   888  O  OD1   . ASN A 1 131 ? 17.485  -15.162 -13.911 1.00 42.02 ? 131  ASN A OD1   1 
ATOM   889  N  ND2   . ASN A 1 131 ? 16.136  -14.581 -15.624 1.00 41.23 ? 131  ASN A ND2   1 
ATOM   890  N  N     . ARG A 1 132 ? 15.179  -11.953 -10.347 1.00 26.44 ? 132  ARG A N     1 
ATOM   891  C  CA    . ARG A 1 132 ? 14.983  -10.768 -9.533  1.00 26.91 ? 132  ARG A CA    1 
ATOM   892  C  C     . ARG A 1 132 ? 16.316  -10.025 -9.380  1.00 24.47 ? 132  ARG A C     1 
ATOM   893  O  O     . ARG A 1 132 ? 17.386  -10.641 -9.400  1.00 22.88 ? 132  ARG A O     1 
ATOM   894  C  CB    . ARG A 1 132 ? 14.407  -11.157 -8.151  1.00 20.31 ? 132  ARG A CB    1 
ATOM   895  C  CG    . ARG A 1 132 ? 15.318  -11.996 -7.250  1.00 28.21 ? 132  ARG A CG    1 
ATOM   896  C  CD    . ARG A 1 132 ? 14.554  -12.341 -5.966  1.00 24.69 ? 132  ARG A CD    1 
ATOM   897  N  NE    . ARG A 1 132 ? 14.216  -11.129 -5.238  1.00 19.78 ? 132  ARG A NE    1 
ATOM   898  C  CZ    . ARG A 1 132 ? 13.150  -10.979 -4.455  1.00 25.58 ? 132  ARG A CZ    1 
ATOM   899  N  NH1   . ARG A 1 132 ? 12.280  -11.973 -4.278  1.00 20.43 ? 132  ARG A NH1   1 
ATOM   900  N  NH2   . ARG A 1 132 ? 12.963  -9.826  -3.829  1.00 22.34 ? 132  ARG A NH2   1 
ATOM   901  N  N     . GLN A 1 133 ? 16.252  -8.703  -9.244  1.00 18.78 ? 133  GLN A N     1 
ATOM   902  C  CA    . GLN A 1 133 ? 17.460  -7.887  -9.086  1.00 22.58 ? 133  GLN A CA    1 
ATOM   903  C  C     . GLN A 1 133 ? 17.585  -7.270  -7.682  1.00 24.06 ? 133  GLN A C     1 
ATOM   904  O  O     . GLN A 1 133 ? 18.659  -6.781  -7.289  1.00 23.29 ? 133  GLN A O     1 
ATOM   905  C  CB    . GLN A 1 133 ? 17.478  -6.755  -10.121 1.00 22.52 ? 133  GLN A CB    1 
ATOM   906  C  CG    . GLN A 1 133 ? 17.496  -7.220  -11.563 1.00 32.76 ? 133  GLN A CG    1 
ATOM   907  C  CD    . GLN A 1 133 ? 18.732  -8.037  -11.872 1.00 41.37 ? 133  GLN A CD    1 
ATOM   908  O  OE1   . GLN A 1 133 ? 19.873  -7.560  -11.714 1.00 42.08 ? 133  GLN A OE1   1 
ATOM   909  N  NE2   . GLN A 1 133 ? 18.523  -9.281  -12.307 1.00 38.64 ? 133  GLN A NE2   1 
ATOM   910  N  N     . VAL A 1 134 ? 16.486  -7.231  -6.944  1.00 22.01 ? 134  VAL A N     1 
ATOM   911  C  CA    . VAL A 1 134 ? 16.516  -6.707  -5.581  1.00 18.29 ? 134  VAL A CA    1 
ATOM   912  C  C     . VAL A 1 134 ? 16.345  -7.858  -4.580  1.00 20.36 ? 134  VAL A C     1 
ATOM   913  O  O     . VAL A 1 134 ? 15.365  -8.645  -4.656  1.00 18.03 ? 134  VAL A O     1 
ATOM   914  C  CB    . VAL A 1 134 ? 15.383  -5.687  -5.340  1.00 22.53 ? 134  VAL A CB    1 
ATOM   915  C  CG1   . VAL A 1 134 ? 15.524  -5.113  -3.938  1.00 21.05 ? 134  VAL A CG1   1 
ATOM   916  C  CG2   . VAL A 1 134 ? 15.422  -4.584  -6.363  1.00 23.06 ? 134  VAL A CG2   1 
ATOM   917  N  N     . ALA A 1 135 ? 17.268  -7.952  -3.631  1.00 19.12 ? 135  ALA A N     1 
ATOM   918  C  CA    . ALA A 1 135 ? 17.230  -9.029  -2.639  1.00 21.53 ? 135  ALA A CA    1 
ATOM   919  C  C     . ALA A 1 135 ? 16.157  -8.803  -1.618  1.00 21.17 ? 135  ALA A C     1 
ATOM   920  O  O     . ALA A 1 135 ? 15.913  -7.682  -1.198  1.00 19.78 ? 135  ALA A O     1 
ATOM   921  C  CB    . ALA A 1 135 ? 18.563  -9.145  -1.915  1.00 26.26 ? 135  ALA A CB    1 
ATOM   922  N  N     . THR A 1 136 ? 15.523  -9.881  -1.195  1.00 19.46 ? 136  THR A N     1 
ATOM   923  C  CA    . THR A 1 136 ? 14.470  -9.781  -0.182  1.00 23.41 ? 136  THR A CA    1 
ATOM   924  C  C     . THR A 1 136 ? 15.013  -9.116  1.095   1.00 23.01 ? 136  THR A C     1 
ATOM   925  O  O     . THR A 1 136 ? 14.399  -8.216  1.648   1.00 19.99 ? 136  THR A O     1 
ATOM   926  C  CB    . THR A 1 136 ? 13.920  -11.216 0.126   1.00 17.37 ? 136  THR A CB    1 
ATOM   927  O  OG1   . THR A 1 136 ? 13.361  -11.746 -1.087  1.00 17.98 ? 136  THR A OG1   1 
ATOM   928  C  CG2   . THR A 1 136 ? 12.875  -11.214 1.231   1.00 18.43 ? 136  THR A CG2   1 
ATOM   929  N  N     . LYS A 1 137 ? 16.180  -9.555  1.551   1.00 24.43 ? 137  LYS A N     1 
ATOM   930  C  CA    . LYS A 1 137 ? 16.772  -9.021  2.769   1.00 25.26 ? 137  LYS A CA    1 
ATOM   931  C  C     . LYS A 1 137 ? 17.000  -7.500  2.722   1.00 20.75 ? 137  LYS A C     1 
ATOM   932  O  O     . LYS A 1 137 ? 16.856  -6.822  3.733   1.00 24.83 ? 137  LYS A O     1 
ATOM   933  C  CB    . LYS A 1 137 ? 18.094  -9.760  3.054   1.00 24.59 ? 137  LYS A CB    1 
ATOM   934  C  CG    . LYS A 1 137 ? 18.805  -9.353  4.363   1.00 35.60 ? 137  LYS A CG    1 
ATOM   935  C  CD    . LYS A 1 137 ? 20.035  -10.229 4.609   1.00 37.00 ? 137  LYS A CD    1 
ATOM   936  C  CE    . LYS A 1 137 ? 20.804  -9.735  5.813   1.00 38.91 ? 137  LYS A CE    1 
ATOM   937  N  NZ    . LYS A 1 137 ? 21.703  -10.773 6.380   1.00 41.17 ? 137  LYS A NZ    1 
ATOM   938  N  N     . ARG A 1 138 ? 17.360  -6.994  1.551   1.00 20.34 ? 138  ARG A N     1 
ATOM   939  C  CA    . ARG A 1 138 ? 17.641  -5.572  1.344   1.00 19.95 ? 138  ARG A CA    1 
ATOM   940  C  C     . ARG A 1 138 ? 16.358  -4.782  1.453   1.00 23.75 ? 138  ARG A C     1 
ATOM   941  O  O     . ARG A 1 138 ? 16.316  -3.730  2.075   1.00 22.42 ? 138  ARG A O     1 
ATOM   942  C  CB    . ARG A 1 138 ? 18.251  -5.370  -0.045  1.00 25.05 ? 138  ARG A CB    1 
ATOM   943  C  CG    . ARG A 1 138 ? 18.662  -3.938  -0.342  1.00 27.84 ? 138  ARG A CG    1 
ATOM   944  C  CD    . ARG A 1 138 ? 19.137  -3.771  -1.776  1.00 34.04 ? 138  ARG A CD    1 
ATOM   945  N  NE    . ARG A 1 138 ? 19.219  -2.356  -2.144  1.00 41.96 ? 138  ARG A NE    1 
ATOM   946  C  CZ    . ARG A 1 138 ? 19.208  -1.896  -3.396  1.00 40.89 ? 138  ARG A CZ    1 
ATOM   947  N  NH1   . ARG A 1 138 ? 19.122  -2.752  -4.412  1.00 35.41 ? 138  ARG A NH1   1 
ATOM   948  N  NH2   . ARG A 1 138 ? 19.258  -0.575  -3.628  1.00 42.41 ? 138  ARG A NH2   1 
ATOM   949  N  N     . ALA A 1 139 ? 15.298  -5.287  0.828   1.00 20.29 ? 139  ALA A N     1 
ATOM   950  C  CA    . ALA A 1 139 ? 14.026  -4.605  0.911   1.00 20.10 ? 139  ALA A CA    1 
ATOM   951  C  C     . ALA A 1 139 ? 13.491  -4.708  2.359   1.00 20.46 ? 139  ALA A C     1 
ATOM   952  O  O     . ALA A 1 139 ? 12.938  -3.737  2.889   1.00 21.29 ? 139  ALA A O     1 
ATOM   953  C  CB    . ALA A 1 139 ? 13.043  -5.225  -0.099  1.00 15.29 ? 139  ALA A CB    1 
ATOM   954  N  N     . GLN A 1 140 ? 13.627  -5.868  3.009   1.00 19.16 ? 140  GLN A N     1 
ATOM   955  C  CA    . GLN A 1 140 ? 13.139  -5.992  4.393   1.00 20.60 ? 140  GLN A CA    1 
ATOM   956  C  C     . GLN A 1 140 ? 13.872  -5.031  5.334   1.00 21.28 ? 140  GLN A C     1 
ATOM   957  O  O     . GLN A 1 140 ? 13.288  -4.518  6.314   1.00 23.86 ? 140  GLN A O     1 
ATOM   958  C  CB    . GLN A 1 140 ? 13.319  -7.412  4.950   1.00 18.80 ? 140  GLN A CB    1 
ATOM   959  C  CG    . GLN A 1 140 ? 12.562  -8.477  4.208   1.00 28.10 ? 140  GLN A CG    1 
ATOM   960  C  CD    . GLN A 1 140 ? 12.945  -9.900  4.664   1.00 38.75 ? 140  GLN A CD    1 
ATOM   961  O  OE1   . GLN A 1 140 ? 14.138  -10.213 4.832   1.00 33.53 ? 140  GLN A OE1   1 
ATOM   962  N  NE2   . GLN A 1 140 ? 11.924  -10.773 4.844   1.00 24.79 ? 140  GLN A NE2   1 
ATOM   963  N  N     . ALA A 1 141 ? 15.161  -4.840  5.077   1.00 24.42 ? 141  ALA A N     1 
ATOM   964  C  CA    . ALA A 1 141 ? 15.973  -3.934  5.902   1.00 24.97 ? 141  ALA A CA    1 
ATOM   965  C  C     . ALA A 1 141 ? 15.521  -2.490  5.738   1.00 19.94 ? 141  ALA A C     1 
ATOM   966  O  O     . ALA A 1 141 ? 15.443  -1.750  6.715   1.00 25.25 ? 141  ALA A O     1 
ATOM   967  C  CB    . ALA A 1 141 ? 17.430  -4.058  5.544   1.00 21.14 ? 141  ALA A CB    1 
ATOM   968  N  N     . TRP A 1 142 ? 15.234  -2.091  4.507   1.00 19.22 ? 142  TRP A N     1 
ATOM   969  C  CA    . TRP A 1 142 ? 14.753  -0.731  4.259   1.00 19.42 ? 142  TRP A CA    1 
ATOM   970  C  C     . TRP A 1 142 ? 13.472  -0.514  5.054   1.00 20.70 ? 142  TRP A C     1 
ATOM   971  O  O     . TRP A 1 142 ? 13.296  0.514   5.706   1.00 20.63 ? 142  TRP A O     1 
ATOM   972  C  CB    . TRP A 1 142 ? 14.441  -0.530  2.771   1.00 20.60 ? 142  TRP A CB    1 
ATOM   973  C  CG    . TRP A 1 142 ? 14.056  0.869   2.449   1.00 20.12 ? 142  TRP A CG    1 
ATOM   974  C  CD1   . TRP A 1 142 ? 14.911  1.913   2.184   1.00 23.37 ? 142  TRP A CD1   1 
ATOM   975  C  CD2   . TRP A 1 142 ? 12.731  1.423   2.430   1.00 20.11 ? 142  TRP A CD2   1 
ATOM   976  N  NE1   . TRP A 1 142 ? 14.197  3.078   2.003   1.00 23.25 ? 142  TRP A NE1   1 
ATOM   977  C  CE2   . TRP A 1 142 ? 12.859  2.812   2.151   1.00 22.65 ? 142  TRP A CE2   1 
ATOM   978  C  CE3   . TRP A 1 142 ? 11.443  0.885   2.622   1.00 21.18 ? 142  TRP A CE3   1 
ATOM   979  C  CZ2   . TRP A 1 142 ? 11.742  3.677   2.064   1.00 20.48 ? 142  TRP A CZ2   1 
ATOM   980  C  CZ3   . TRP A 1 142 ? 10.331  1.742   2.533   1.00 18.96 ? 142  TRP A CZ3   1 
ATOM   981  C  CH2   . TRP A 1 142 ? 10.493  3.129   2.259   1.00 21.20 ? 142  TRP A CH2   1 
ATOM   982  N  N     . CYS A 1 143 ? 12.553  -1.490  5.004   1.00 21.09 ? 143  CYS A N     1 
ATOM   983  C  CA    . CYS A 1 143 ? 11.283  -1.362  5.721   1.00 18.00 ? 143  CYS A CA    1 
ATOM   984  C  C     . CYS A 1 143 ? 11.484  -1.362  7.210   1.00 20.57 ? 143  CYS A C     1 
ATOM   985  O  O     . CYS A 1 143 ? 10.867  -0.573  7.931   1.00 19.99 ? 143  CYS A O     1 
ATOM   986  C  CB    . CYS A 1 143 ? 10.304  -2.509  5.353   1.00 14.37 ? 143  CYS A CB    1 
ATOM   987  S  SG    . CYS A 1 143 ? 9.840   -2.577  3.590   1.00 14.78 ? 143  CYS A SG    1 
ATOM   988  N  N     . TYR A 1 144 ? 12.356  -2.245  7.683   1.00 19.57 ? 144  TYR A N     1 
ATOM   989  C  CA    . TYR A 1 144 ? 12.592  -2.324  9.095   1.00 21.68 ? 144  TYR A CA    1 
ATOM   990  C  C     . TYR A 1 144 ? 13.131  -0.980  9.632   1.00 20.72 ? 144  TYR A C     1 
ATOM   991  O  O     . TYR A 1 144 ? 12.768  -0.534  10.709  1.00 25.40 ? 144  TYR A O     1 
ATOM   992  C  CB    . TYR A 1 144 ? 13.585  -3.428  9.393   1.00 23.35 ? 144  TYR A CB    1 
ATOM   993  C  CG    . TYR A 1 144 ? 13.722  -3.650  10.873  1.00 36.42 ? 144  TYR A CG    1 
ATOM   994  C  CD1   . TYR A 1 144 ? 12.701  -4.284  11.595  1.00 35.13 ? 144  TYR A CD1   1 
ATOM   995  C  CD2   . TYR A 1 144 ? 14.842  -3.170  11.576  1.00 36.02 ? 144  TYR A CD2   1 
ATOM   996  C  CE1   . TYR A 1 144 ? 12.783  -4.436  12.977  1.00 43.22 ? 144  TYR A CE1   1 
ATOM   997  C  CE2   . TYR A 1 144 ? 14.938  -3.324  12.961  1.00 41.59 ? 144  TYR A CE2   1 
ATOM   998  C  CZ    . TYR A 1 144 ? 13.905  -3.957  13.651  1.00 41.92 ? 144  TYR A CZ    1 
ATOM   999  O  OH    . TYR A 1 144 ? 13.984  -4.114  15.014  1.00 54.60 ? 144  TYR A OH    1 
ATOM   1000 N  N     . SER A 1 145 ? 13.983  -0.347  8.856   1.00 26.37 ? 145  SER A N     1 
ATOM   1001 C  CA    . SER A 1 145 ? 14.591  0.898   9.269   1.00 27.96 ? 145  SER A CA    1 
ATOM   1002 C  C     . SER A 1 145 ? 13.644  2.106   9.276   1.00 31.14 ? 145  SER A C     1 
ATOM   1003 O  O     . SER A 1 145 ? 14.036  3.203   9.670   1.00 25.68 ? 145  SER A O     1 
ATOM   1004 C  CB    . SER A 1 145 ? 15.754  1.196   8.371   1.00 24.05 ? 145  SER A CB    1 
ATOM   1005 O  OG    . SER A 1 145 ? 15.288  1.694   7.147   1.00 22.25 ? 145  SER A OG    1 
ATOM   1006 N  N     . LYS A 1 146 ? 12.401  1.929   8.841   1.00 29.08 ? 146  LYS A N     1 
ATOM   1007 C  CA    . LYS A 1 146 ? 11.488  3.063   8.839   1.00 26.27 ? 146  LYS A CA    1 
ATOM   1008 C  C     . LYS A 1 146 ? 10.418  2.693   9.817   1.00 24.22 ? 146  LYS A C     1 
ATOM   1009 O  O     . LYS A 1 146 ? 9.230   2.764   9.546   1.00 26.87 ? 146  LYS A O     1 
ATOM   1010 C  CB    . LYS A 1 146 ? 10.918  3.295   7.461   1.00 19.93 ? 146  LYS A CB    1 
ATOM   1011 C  CG    . LYS A 1 146 ? 11.943  3.263   6.364   1.00 25.99 ? 146  LYS A CG    1 
ATOM   1012 C  CD    . LYS A 1 146 ? 12.328  4.638   5.955   1.00 32.22 ? 146  LYS A CD    1 
ATOM   1013 C  CE    . LYS A 1 146 ? 13.493  4.605   5.009   1.00 37.41 ? 146  LYS A CE    1 
ATOM   1014 N  NZ    . LYS A 1 146 ? 14.646  4.050   5.742   1.00 44.86 ? 146  LYS A NZ    1 
ATOM   1015 N  N     . ASN A 1 147 ? 10.877  2.314   10.995  1.00 25.82 ? 147  ASN A N     1 
ATOM   1016 C  CA    . ASN A 1 147 ? 10.010  1.893   12.074  1.00 25.39 ? 147  ASN A CA    1 
ATOM   1017 C  C     . ASN A 1 147 ? 9.109   0.687   11.784  1.00 24.86 ? 147  ASN A C     1 
ATOM   1018 O  O     . ASN A 1 147 ? 7.919   0.643   12.146  1.00 25.37 ? 147  ASN A O     1 
ATOM   1019 C  CB    . ASN A 1 147 ? 9.196   3.068   12.612  1.00 27.83 ? 147  ASN A CB    1 
ATOM   1020 C  CG    . ASN A 1 147 ? 8.637   2.776   13.984  1.00 32.01 ? 147  ASN A CG    1 
ATOM   1021 O  OD1   . ASN A 1 147 ? 9.293   2.096   14.796  1.00 31.65 ? 147  ASN A OD1   1 
ATOM   1022 N  ND2   . ASN A 1 147 ? 7.433   3.265   14.261  1.00 29.34 ? 147  ASN A ND2   1 
ATOM   1023 N  N     . ASN A 1 148 ? 9.710   -0.301  11.125  1.00 22.70 ? 148  ASN A N     1 
ATOM   1024 C  CA    . ASN A 1 148 ? 9.067   -1.580  10.894  1.00 23.17 ? 148  ASN A CA    1 
ATOM   1025 C  C     . ASN A 1 148 ? 7.855   -1.583  9.973   1.00 20.95 ? 148  ASN A C     1 
ATOM   1026 O  O     . ASN A 1 148 ? 6.792   -2.097  10.312  1.00 21.25 ? 148  ASN A O     1 
ATOM   1027 C  CB    . ASN A 1 148 ? 8.703   -2.195  12.248  1.00 27.96 ? 148  ASN A CB    1 
ATOM   1028 C  CG    . ASN A 1 148 ? 8.349   -3.692  12.148  1.00 38.56 ? 148  ASN A CG    1 
ATOM   1029 O  OD1   . ASN A 1 148 ? 7.612   -4.223  12.984  1.00 44.40 ? 148  ASN A OD1   1 
ATOM   1030 N  ND2   . ASN A 1 148 ? 8.885   -4.367  11.138  1.00 35.79 ? 148  ASN A ND2   1 
ATOM   1031 N  N     . ILE A 1 149 ? 8.014   -0.989  8.810   1.00 20.17 ? 149  ILE A N     1 
ATOM   1032 C  CA    . ILE A 1 149 ? 6.933   -0.953  7.828   1.00 18.74 ? 149  ILE A CA    1 
ATOM   1033 C  C     . ILE A 1 149 ? 6.733   -2.412  7.393   1.00 17.04 ? 149  ILE A C     1 
ATOM   1034 O  O     . ILE A 1 149 ? 7.721   -3.115  7.165   1.00 17.10 ? 149  ILE A O     1 
ATOM   1035 C  CB    . ILE A 1 149 ? 7.412   -0.118  6.606   1.00 21.32 ? 149  ILE A CB    1 
ATOM   1036 C  CG1   . ILE A 1 149 ? 7.532   1.360   6.991   1.00 19.86 ? 149  ILE A CG1   1 
ATOM   1037 C  CG2   . ILE A 1 149 ? 6.495   -0.341  5.410   1.00 21.23 ? 149  ILE A CG2   1 
ATOM   1038 C  CD1   . ILE A 1 149 ? 7.929   2.267   5.825   1.00 17.95 ? 149  ILE A CD1   1 
ATOM   1039 N  N     . PRO A 1 150 ? 5.470   -2.896  7.290   1.00 16.69 ? 150  PRO A N     1 
ATOM   1040 C  CA    . PRO A 1 150 ? 5.220   -4.278  6.860   1.00 14.26 ? 150  PRO A CA    1 
ATOM   1041 C  C     . PRO A 1 150 ? 5.682   -4.471  5.409   1.00 16.37 ? 150  PRO A C     1 
ATOM   1042 O  O     . PRO A 1 150 ? 5.466   -3.613  4.570   1.00 16.00 ? 150  PRO A O     1 
ATOM   1043 C  CB    . PRO A 1 150 ? 3.696   -4.400  6.951   1.00 16.82 ? 150  PRO A CB    1 
ATOM   1044 C  CG    . PRO A 1 150 ? 3.365   -3.522  8.019   1.00 17.10 ? 150  PRO A CG    1 
ATOM   1045 C  CD    . PRO A 1 150 ? 4.217   -2.298  7.790   1.00 13.61 ? 150  PRO A CD    1 
ATOM   1046 N  N     . TYR A 1 151 ? 6.255   -5.626  5.100   1.00 11.06 ? 151  TYR A N     1 
ATOM   1047 C  CA    . TYR A 1 151 ? 6.756   -5.881  3.751   1.00 13.26 ? 151  TYR A CA    1 
ATOM   1048 C  C     . TYR A 1 151 ? 6.154   -7.167  3.184   1.00 15.32 ? 151  TYR A C     1 
ATOM   1049 O  O     . TYR A 1 151 ? 6.114   -8.178  3.880   1.00 18.55 ? 151  TYR A O     1 
ATOM   1050 C  CB    . TYR A 1 151 ? 8.286   -6.036  3.807   1.00 12.45 ? 151  TYR A CB    1 
ATOM   1051 C  CG    . TYR A 1 151 ? 8.941   -6.374  2.476   1.00 16.07 ? 151  TYR A CG    1 
ATOM   1052 C  CD1   . TYR A 1 151 ? 8.806   -5.529  1.385   1.00 10.86 ? 151  TYR A CD1   1 
ATOM   1053 C  CD2   . TYR A 1 151 ? 9.665   -7.565  2.315   1.00 17.09 ? 151  TYR A CD2   1 
ATOM   1054 C  CE1   . TYR A 1 151 ? 9.352   -5.850  0.129   1.00 12.72 ? 151  TYR A CE1   1 
ATOM   1055 C  CE2   . TYR A 1 151 ? 10.247  -7.894  1.055   1.00 22.09 ? 151  TYR A CE2   1 
ATOM   1056 C  CZ    . TYR A 1 151 ? 10.075  -7.028  -0.027  1.00 18.18 ? 151  TYR A CZ    1 
ATOM   1057 O  OH    . TYR A 1 151 ? 10.585  -7.330  -1.275  1.00 16.23 ? 151  TYR A OH    1 
ATOM   1058 N  N     . PHE A 1 152 ? 5.715   -7.127  1.918   1.00 13.62 ? 152  PHE A N     1 
ATOM   1059 C  CA    . PHE A 1 152 ? 5.166   -8.311  1.239   1.00 13.20 ? 152  PHE A CA    1 
ATOM   1060 C  C     . PHE A 1 152 ? 5.767   -8.418  -0.156  1.00 14.00 ? 152  PHE A C     1 
ATOM   1061 O  O     . PHE A 1 152 ? 5.971   -7.399  -0.812  1.00 14.47 ? 152  PHE A O     1 
ATOM   1062 C  CB    . PHE A 1 152 ? 3.647   -8.218  1.056   1.00 7.48  ? 152  PHE A CB    1 
ATOM   1063 C  CG    . PHE A 1 152 ? 2.889   -8.272  2.348   1.00 17.72 ? 152  PHE A CG    1 
ATOM   1064 C  CD1   . PHE A 1 152 ? 2.574   -7.109  3.033   1.00 11.76 ? 152  PHE A CD1   1 
ATOM   1065 C  CD2   . PHE A 1 152 ? 2.568   -9.506  2.924   1.00 20.00 ? 152  PHE A CD2   1 
ATOM   1066 C  CE1   . PHE A 1 152 ? 1.952   -7.169  4.300   1.00 12.89 ? 152  PHE A CE1   1 
ATOM   1067 C  CE2   . PHE A 1 152 ? 1.953   -9.576  4.175   1.00 20.19 ? 152  PHE A CE2   1 
ATOM   1068 C  CZ    . PHE A 1 152 ? 1.650   -8.401  4.863   1.00 22.87 ? 152  PHE A CZ    1 
ATOM   1069 N  N     . GLU A 1 153 ? 6.065   -9.652  -0.573  1.00 12.77 ? 153  GLU A N     1 
ATOM   1070 C  CA    . GLU A 1 153 ? 6.538   -9.913  -1.928  1.00 12.38 ? 153  GLU A CA    1 
ATOM   1071 C  C     . GLU A 1 153 ? 5.358   -10.541 -2.639  1.00 13.81 ? 153  GLU A C     1 
ATOM   1072 O  O     . GLU A 1 153 ? 4.807   -11.556 -2.171  1.00 13.19 ? 153  GLU A O     1 
ATOM   1073 C  CB    . GLU A 1 153 ? 7.737   -10.852 -1.928  1.00 15.81 ? 153  GLU A CB    1 
ATOM   1074 C  CG    . GLU A 1 153 ? 8.962   -10.123 -1.335  1.00 14.33 ? 153  GLU A CG    1 
ATOM   1075 C  CD    . GLU A 1 153 ? 10.276  -10.766 -1.708  1.00 17.37 ? 153  GLU A CD    1 
ATOM   1076 O  OE1   . GLU A 1 153 ? 10.251  -11.905 -2.193  1.00 18.85 ? 153  GLU A OE1   1 
ATOM   1077 O  OE2   . GLU A 1 153 ? 11.309  -10.120 -1.502  1.00 20.22 ? 153  GLU A OE2   1 
ATOM   1078 N  N     . THR A 1 154 ? 5.019   -9.955  -3.791  1.00 11.61 ? 154  THR A N     1 
ATOM   1079 C  CA    . THR A 1 154 ? 3.838   -10.330 -4.532  1.00 15.22 ? 154  THR A CA    1 
ATOM   1080 C  C     . THR A 1 154 ? 4.052   -10.578 -6.014  1.00 14.45 ? 154  THR A C     1 
ATOM   1081 O  O     . THR A 1 154 ? 5.083   -10.236 -6.569  1.00 13.60 ? 154  THR A O     1 
ATOM   1082 C  CB    . THR A 1 154 ? 2.804   -9.180  -4.458  1.00 14.22 ? 154  THR A CB    1 
ATOM   1083 O  OG1   . THR A 1 154 ? 3.342   -8.009  -5.112  1.00 14.06 ? 154  THR A OG1   1 
ATOM   1084 C  CG2   . THR A 1 154 ? 2.505   -8.798  -3.023  1.00 15.86 ? 154  THR A CG2   1 
ATOM   1085 N  N     . SER A 1 155 ? 3.049   -11.210 -6.611  1.00 17.29 ? 155  SER A N     1 
ATOM   1086 C  CA    . SER A 1 155 ? 2.990   -11.389 -8.051  1.00 15.62 ? 155  SER A CA    1 
ATOM   1087 C  C     . SER A 1 155 ? 1.535   -11.061 -8.408  1.00 15.09 ? 155  SER A C     1 
ATOM   1088 O  O     . SER A 1 155 ? 0.636   -11.861 -8.132  1.00 14.91 ? 155  SER A O     1 
ATOM   1089 C  CB    . SER A 1 155 ? 3.276   -12.825 -8.519  1.00 16.05 ? 155  SER A CB    1 
ATOM   1090 O  OG    . SER A 1 155 ? 3.111   -12.838 -9.956  1.00 15.01 ? 155  SER A OG    1 
ATOM   1091 N  N     . ALA A 1 156 ? 1.290   -9.892  -9.008  1.00 11.42 ? 156  ALA A N     1 
ATOM   1092 C  CA    . ALA A 1 156 ? -0.092  -9.590  -9.408  1.00 18.35 ? 156  ALA A CA    1 
ATOM   1093 C  C     . ALA A 1 156 ? -0.483  -10.556 -10.534 1.00 17.77 ? 156  ALA A C     1 
ATOM   1094 O  O     . ALA A 1 156 ? -1.665  -10.965 -10.677 1.00 17.18 ? 156  ALA A O     1 
ATOM   1095 C  CB    . ALA A 1 156 ? -0.194  -8.162  -9.884  1.00 14.99 ? 156  ALA A CB    1 
ATOM   1096 N  N     . LYS A 1 157 ? 0.510   -10.921 -11.342 1.00 17.62 ? 157  LYS A N     1 
ATOM   1097 C  CA    . LYS A 1 157 ? 0.295   -11.833 -12.483 1.00 17.84 ? 157  LYS A CA    1 
ATOM   1098 C  C     . LYS A 1 157 ? -0.153  -13.224 -12.049 1.00 20.21 ? 157  LYS A C     1 
ATOM   1099 O  O     . LYS A 1 157 ? -1.103  -13.770 -12.595 1.00 21.00 ? 157  LYS A O     1 
ATOM   1100 C  CB    . LYS A 1 157 ? 1.580   -11.964 -13.319 1.00 21.71 ? 157  LYS A CB    1 
ATOM   1101 C  CG    . LYS A 1 157 ? 1.438   -12.868 -14.576 1.00 24.85 ? 157  LYS A CG    1 
ATOM   1102 C  CD    . LYS A 1 157 ? 2.681   -12.743 -15.499 1.00 27.20 ? 157  LYS A CD    1 
ATOM   1103 C  CE    . LYS A 1 157 ? 2.478   -13.528 -16.802 1.00 36.46 ? 157  LYS A CE    1 
ATOM   1104 N  NZ    . LYS A 1 157 ? 2.295   -14.980 -16.508 1.00 39.50 ? 157  LYS A NZ    1 
ATOM   1105 N  N     . GLU A 1 158 ? 0.499   -13.790 -11.044 1.00 18.54 ? 158  GLU A N     1 
ATOM   1106 C  CA    . GLU A 1 158 ? 0.125   -15.116 -10.613 1.00 20.79 ? 158  GLU A CA    1 
ATOM   1107 C  C     . GLU A 1 158 ? -0.681  -15.158 -9.331  1.00 21.64 ? 158  GLU A C     1 
ATOM   1108 O  O     . GLU A 1 158 ? -0.888  -16.231 -8.759  1.00 18.81 ? 158  GLU A O     1 
ATOM   1109 C  CB    . GLU A 1 158 ? 1.378   -15.977 -10.480 1.00 22.14 ? 158  GLU A CB    1 
ATOM   1110 C  CG    . GLU A 1 158 ? 2.117   -16.071 -11.792 1.00 25.45 ? 158  GLU A CG    1 
ATOM   1111 C  CD    . GLU A 1 158 ? 3.245   -17.040 -11.747 1.00 21.66 ? 158  GLU A CD    1 
ATOM   1112 O  OE1   . GLU A 1 158 ? 3.854   -17.280 -12.805 1.00 22.66 ? 158  GLU A OE1   1 
ATOM   1113 O  OE2   . GLU A 1 158 ? 3.525   -17.571 -10.655 1.00 25.43 ? 158  GLU A OE2   1 
ATOM   1114 N  N     . ALA A 1 159 ? -1.136  -13.993 -8.872  1.00 15.87 ? 159  ALA A N     1 
ATOM   1115 C  CA    . ALA A 1 159 ? -1.930  -13.934 -7.643  1.00 17.61 ? 159  ALA A CA    1 
ATOM   1116 C  C     . ALA A 1 159 ? -1.173  -14.554 -6.439  1.00 21.53 ? 159  ALA A C     1 
ATOM   1117 O  O     . ALA A 1 159 ? -1.728  -15.362 -5.672  1.00 23.24 ? 159  ALA A O     1 
ATOM   1118 C  CB    . ALA A 1 159 ? -3.275  -14.661 -7.876  1.00 24.76 ? 159  ALA A CB    1 
ATOM   1119 N  N     . ILE A 1 160 ? 0.103   -14.204 -6.300  1.00 17.95 ? 160  ILE A N     1 
ATOM   1120 C  CA    . ILE A 1 160 ? 0.888   -14.721 -5.180  1.00 14.04 ? 160  ILE A CA    1 
ATOM   1121 C  C     . ILE A 1 160 ? 0.946   -13.625 -4.114  1.00 11.24 ? 160  ILE A C     1 
ATOM   1122 O  O     . ILE A 1 160 ? 1.346   -12.496 -4.408  1.00 14.29 ? 160  ILE A O     1 
ATOM   1123 C  CB    . ILE A 1 160 ? 2.337   -15.050 -5.584  1.00 14.83 ? 160  ILE A CB    1 
ATOM   1124 C  CG1   . ILE A 1 160 ? 2.367   -16.163 -6.664  1.00 14.95 ? 160  ILE A CG1   1 
ATOM   1125 C  CG2   . ILE A 1 160 ? 3.074   -15.547 -4.354  1.00 13.12 ? 160  ILE A CG2   1 
ATOM   1126 C  CD1   . ILE A 1 160 ? 3.817   -16.494 -7.154  1.00 13.67 ? 160  ILE A CD1   1 
ATOM   1127 N  N     . ASN A 1 161 ? 0.536   -13.990 -2.904  1.00 13.82 ? 161  ASN A N     1 
ATOM   1128 C  CA    . ASN A 1 161 ? 0.505   -13.145 -1.718  1.00 16.25 ? 161  ASN A CA    1 
ATOM   1129 C  C     . ASN A 1 161 ? -0.324  -11.853 -1.834  1.00 13.12 ? 161  ASN A C     1 
ATOM   1130 O  O     . ASN A 1 161 ? -0.234  -11.016 -0.961  1.00 13.19 ? 161  ASN A O     1 
ATOM   1131 C  CB    . ASN A 1 161 ? 1.945   -12.803 -1.259  1.00 15.47 ? 161  ASN A CB    1 
ATOM   1132 C  CG    . ASN A 1 161 ? 2.715   -14.054 -0.808  1.00 23.10 ? 161  ASN A CG    1 
ATOM   1133 O  OD1   . ASN A 1 161 ? 2.110   -15.005 -0.273  1.00 19.73 ? 161  ASN A OD1   1 
ATOM   1134 N  ND2   . ASN A 1 161 ? 4.035   -14.066 -1.013  1.00 15.62 ? 161  ASN A ND2   1 
ATOM   1135 N  N     . VAL A 1 162 ? -1.152  -11.731 -2.875  1.00 13.10 ? 162  VAL A N     1 
ATOM   1136 C  CA    . VAL A 1 162 ? -1.961  -10.512 -3.036  1.00 9.65  ? 162  VAL A CA    1 
ATOM   1137 C  C     . VAL A 1 162 ? -3.067  -10.422 -1.981  1.00 13.62 ? 162  VAL A C     1 
ATOM   1138 O  O     . VAL A 1 162 ? -3.259  -9.370  -1.372  1.00 13.12 ? 162  VAL A O     1 
ATOM   1139 C  CB    . VAL A 1 162 ? -2.514  -10.391 -4.463  1.00 11.00 ? 162  VAL A CB    1 
ATOM   1140 C  CG1   . VAL A 1 162 ? -3.399  -9.154  -4.572  1.00 13.48 ? 162  VAL A CG1   1 
ATOM   1141 C  CG2   . VAL A 1 162 ? -1.356  -10.256 -5.426  1.00 12.48 ? 162  VAL A CG2   1 
ATOM   1142 N  N     . GLU A 1 163 ? -3.786  -11.517 -1.726  1.00 14.26 ? 163  GLU A N     1 
ATOM   1143 C  CA    . GLU A 1 163 ? -4.814  -11.433 -0.685  1.00 16.29 ? 163  GLU A CA    1 
ATOM   1144 C  C     . GLU A 1 163 ? -4.168  -11.211 0.647   1.00 15.83 ? 163  GLU A C     1 
ATOM   1145 O  O     . GLU A 1 163 ? -4.684  -10.473 1.492   1.00 16.65 ? 163  GLU A O     1 
ATOM   1146 C  CB    . GLU A 1 163 ? -5.644  -12.714 -0.566  1.00 20.20 ? 163  GLU A CB    1 
ATOM   1147 C  CG    . GLU A 1 163 ? -6.804  -12.754 -1.527  1.00 33.94 ? 163  GLU A CG    1 
ATOM   1148 C  CD    . GLU A 1 163 ? -8.019  -11.953 -1.042  1.00 31.91 ? 163  GLU A CD    1 
ATOM   1149 O  OE1   . GLU A 1 163 ? -8.855  -11.627 -1.900  1.00 48.92 ? 163  GLU A OE1   1 
ATOM   1150 O  OE2   . GLU A 1 163 ? -8.161  -11.682 0.172   1.00 35.24 ? 163  GLU A OE2   1 
ATOM   1151 N  N     . GLN A 1 164 ? -3.033  -11.861 0.875   1.00 17.28 ? 164  GLN A N     1 
ATOM   1152 C  CA    . GLN A 1 164 ? -2.366  -11.723 2.164   1.00 18.30 ? 164  GLN A CA    1 
ATOM   1153 C  C     . GLN A 1 164 ? -1.951  -10.265 2.438   1.00 17.10 ? 164  GLN A C     1 
ATOM   1154 O  O     . GLN A 1 164 ? -2.145  -9.722  3.538   1.00 16.60 ? 164  GLN A O     1 
ATOM   1155 C  CB    . GLN A 1 164 ? -1.129  -12.642 2.169   1.00 19.55 ? 164  GLN A CB    1 
ATOM   1156 C  CG    . GLN A 1 164 ? -0.251  -12.563 3.363   1.00 28.04 ? 164  GLN A CG    1 
ATOM   1157 C  CD    . GLN A 1 164 ? 0.737   -13.725 3.399   1.00 29.78 ? 164  GLN A CD    1 
ATOM   1158 O  OE1   . GLN A 1 164 ? 0.508   -14.700 4.107   1.00 25.35 ? 164  GLN A OE1   1 
ATOM   1159 N  NE2   . GLN A 1 164 ? 1.814   -13.639 2.613   1.00 27.69 ? 164  GLN A NE2   1 
ATOM   1160 N  N     . ALA A 1 165 ? -1.374  -9.653  1.420   1.00 12.23 ? 165  ALA A N     1 
ATOM   1161 C  CA    . ALA A 1 165 ? -0.882  -8.271  1.506   1.00 10.35 ? 165  ALA A CA    1 
ATOM   1162 C  C     . ALA A 1 165 ? -2.010  -7.310  1.763   1.00 13.18 ? 165  ALA A C     1 
ATOM   1163 O  O     . ALA A 1 165 ? -1.951  -6.485  2.678   1.00 15.50 ? 165  ALA A O     1 
ATOM   1164 C  CB    . ALA A 1 165 ? -0.159  -7.910  0.211   1.00 11.98 ? 165  ALA A CB    1 
ATOM   1165 N  N     . PHE A 1 166 ? -3.078  -7.432  0.981   1.00 13.30 ? 166  PHE A N     1 
ATOM   1166 C  CA    . PHE A 1 166 ? -4.191  -6.535  1.175   1.00 11.41 ? 166  PHE A CA    1 
ATOM   1167 C  C     . PHE A 1 166 ? -4.961  -6.733  2.483   1.00 15.79 ? 166  PHE A C     1 
ATOM   1168 O  O     . PHE A 1 166 ? -5.547  -5.765  2.977   1.00 14.46 ? 166  PHE A O     1 
ATOM   1169 C  CB    . PHE A 1 166 ? -5.099  -6.504  -0.059  1.00 16.55 ? 166  PHE A CB    1 
ATOM   1170 C  CG    . PHE A 1 166 ? -4.570  -5.596  -1.156  1.00 16.88 ? 166  PHE A CG    1 
ATOM   1171 C  CD1   . PHE A 1 166 ? -3.676  -6.071  -2.097  1.00 21.36 ? 166  PHE A CD1   1 
ATOM   1172 C  CD2   . PHE A 1 166 ? -4.917  -4.236  -1.190  1.00 17.10 ? 166  PHE A CD2   1 
ATOM   1173 C  CE1   . PHE A 1 166 ? -3.117  -5.215  -3.076  1.00 21.88 ? 166  PHE A CE1   1 
ATOM   1174 C  CE2   . PHE A 1 166 ? -4.367  -3.369  -2.151  1.00 19.06 ? 166  PHE A CE2   1 
ATOM   1175 C  CZ    . PHE A 1 166 ? -3.467  -3.849  -3.100  1.00 17.81 ? 166  PHE A CZ    1 
ATOM   1176 N  N     . GLN A 1 167 ? -4.905  -7.933  3.086   1.00 15.12 ? 167  GLN A N     1 
ATOM   1177 C  CA    . GLN A 1 167 ? -5.574  -8.198  4.377   1.00 19.60 ? 167  GLN A CA    1 
ATOM   1178 C  C     . GLN A 1 167 ? -4.860  -7.366  5.437   1.00 18.36 ? 167  GLN A C     1 
ATOM   1179 O  O     . GLN A 1 167 ? -5.483  -6.807  6.336   1.00 17.42 ? 167  GLN A O     1 
ATOM   1180 C  CB    . GLN A 1 167 ? -5.476  -9.683  4.780   1.00 21.73 ? 167  GLN A CB    1 
ATOM   1181 C  CG    . GLN A 1 167 ? -6.671  -10.556 4.410   1.00 35.78 ? 167  GLN A CG    1 
ATOM   1182 C  CD    . GLN A 1 167 ? -7.818  -10.491 5.447   1.00 47.92 ? 167  GLN A CD    1 
ATOM   1183 O  OE1   . GLN A 1 167 ? -8.864  -9.852  5.219   1.00 50.62 ? 167  GLN A OE1   1 
ATOM   1184 N  NE2   . GLN A 1 167 ? -7.619  -11.158 6.596   1.00 49.96 ? 167  GLN A NE2   1 
ATOM   1185 N  N     . THR A 1 168 ? -3.532  -7.283  5.331   1.00 14.20 ? 168  THR A N     1 
ATOM   1186 C  CA    . THR A 1 168 ? -2.770  -6.476  6.279   1.00 12.17 ? 168  THR A CA    1 
ATOM   1187 C  C     . THR A 1 168 ? -2.986  -4.997  5.992   1.00 14.29 ? 168  THR A C     1 
ATOM   1188 O  O     . THR A 1 168 ? -3.096  -4.184  6.919   1.00 13.76 ? 168  THR A O     1 
ATOM   1189 C  CB    . THR A 1 168 ? -1.285  -6.838  6.234   1.00 15.11 ? 168  THR A CB    1 
ATOM   1190 O  OG1   . THR A 1 168 ? -1.133  -8.141  6.816   1.00 24.92 ? 168  THR A OG1   1 
ATOM   1191 C  CG2   . THR A 1 168 ? -0.473  -5.850  7.003   1.00 13.57 ? 168  THR A CG2   1 
ATOM   1192 N  N     . ILE A 1 169 ? -3.059  -4.646  4.708   1.00 12.77 ? 169  ILE A N     1 
ATOM   1193 C  CA    . ILE A 1 169 ? -3.349  -3.237  4.366   1.00 8.12  ? 169  ILE A CA    1 
ATOM   1194 C  C     . ILE A 1 169 ? -4.680  -2.853  5.010   1.00 11.39 ? 169  ILE A C     1 
ATOM   1195 O  O     . ILE A 1 169 ? -4.797  -1.818  5.665   1.00 10.20 ? 169  ILE A O     1 
ATOM   1196 C  CB    . ILE A 1 169 ? -3.373  -3.054  2.859   1.00 13.07 ? 169  ILE A CB    1 
ATOM   1197 C  CG1   . ILE A 1 169 ? -1.931  -3.197  2.333   1.00 12.08 ? 169  ILE A CG1   1 
ATOM   1198 C  CG2   . ILE A 1 169 ? -3.944  -1.665  2.488   1.00 17.50 ? 169  ILE A CG2   1 
ATOM   1199 C  CD1   . ILE A 1 169 ? -1.800  -3.428  0.829   1.00 8.65  ? 169  ILE A CD1   1 
ATOM   1200 N  N     . ALA A 1 170 ? -5.691  -3.705  4.865   1.00 12.84 ? 170  ALA A N     1 
ATOM   1201 C  CA    . ALA A 1 170 ? -6.985  -3.434  5.469   1.00 16.10 ? 170  ALA A CA    1 
ATOM   1202 C  C     . ALA A 1 170 ? -6.924  -3.287  7.020   1.00 16.24 ? 170  ALA A C     1 
ATOM   1203 O  O     . ALA A 1 170 ? -7.477  -2.359  7.599   1.00 13.75 ? 170  ALA A O     1 
ATOM   1204 C  CB    . ALA A 1 170 ? -7.942  -4.539  5.096   1.00 17.03 ? 170  ALA A CB    1 
ATOM   1205 N  N     . ARG A 1 171 ? -6.256  -4.216  7.687   1.00 12.58 ? 171  ARG A N     1 
ATOM   1206 C  CA    . ARG A 1 171 ? -6.160  -4.162  9.134   1.00 12.71 ? 171  ARG A CA    1 
ATOM   1207 C  C     . ARG A 1 171 ? -5.418  -2.913  9.624   1.00 14.49 ? 171  ARG A C     1 
ATOM   1208 O  O     . ARG A 1 171 ? -5.875  -2.274  10.576  1.00 15.05 ? 171  ARG A O     1 
ATOM   1209 C  CB    . ARG A 1 171 ? -5.489  -5.468  9.660   1.00 13.60 ? 171  ARG A CB    1 
ATOM   1210 C  CG    . ARG A 1 171 ? -5.243  -5.523  11.170  1.00 21.38 ? 171  ARG A CG    1 
ATOM   1211 C  CD    . ARG A 1 171 ? -4.476  -6.793  11.555  1.00 33.55 ? 171  ARG A CD    1 
ATOM   1212 N  NE    . ARG A 1 171 ? -5.070  -7.990  10.957  1.00 36.65 ? 171  ARG A NE    1 
ATOM   1213 C  CZ    . ARG A 1 171 ? -6.149  -8.646  11.410  1.00 43.22 ? 171  ARG A CZ    1 
ATOM   1214 N  NH1   . ARG A 1 171 ? -6.808  -8.253  12.514  1.00 37.51 ? 171  ARG A NH1   1 
ATOM   1215 N  NH2   . ARG A 1 171 ? -6.599  -9.696  10.725  1.00 40.69 ? 171  ARG A NH2   1 
ATOM   1216 N  N     . ASN A 1 172 ? -4.331  -2.517  8.946   1.00 12.23 ? 172  ASN A N     1 
ATOM   1217 C  CA    . ASN A 1 172 ? -3.560  -1.356  9.385   1.00 13.41 ? 172  ASN A CA    1 
ATOM   1218 C  C     . ASN A 1 172 ? -4.253  -0.044  9.031   1.00 15.65 ? 172  ASN A C     1 
ATOM   1219 O  O     . ASN A 1 172 ? -4.096  0.942   9.758   1.00 16.36 ? 172  ASN A O     1 
ATOM   1220 C  CB    . ASN A 1 172 ? -2.123  -1.418  8.851   1.00 11.53 ? 172  ASN A CB    1 
ATOM   1221 C  CG    . ASN A 1 172 ? -1.323  -2.628  9.432   1.00 19.80 ? 172  ASN A CG    1 
ATOM   1222 O  OD1   . ASN A 1 172 ? -1.824  -3.328  10.318  1.00 18.82 ? 172  ASN A OD1   1 
ATOM   1223 N  ND2   . ASN A 1 172 ? -0.081  -2.855  8.941   1.00 17.34 ? 172  ASN A ND2   1 
ATOM   1224 N  N     . ALA A 1 173 ? -4.995  -0.030  7.924   1.00 15.54 ? 173  ALA A N     1 
ATOM   1225 C  CA    . ALA A 1 173 ? -5.799  1.141   7.553   1.00 13.95 ? 173  ALA A CA    1 
ATOM   1226 C  C     . ALA A 1 173 ? -6.934  1.291   8.624   1.00 12.82 ? 173  ALA A C     1 
ATOM   1227 O  O     . ALA A 1 173 ? -7.303  2.407   8.977   1.00 17.27 ? 173  ALA A O     1 
ATOM   1228 C  CB    . ALA A 1 173 ? -6.440  0.921   6.187   1.00 13.05 ? 173  ALA A CB    1 
ATOM   1229 N  N     . LEU A 1 174 ? -7.509  0.175   9.061   1.00 14.39 ? 174  LEU A N     1 
ATOM   1230 C  CA    . LEU A 1 174 ? -8.582  0.185   10.090  1.00 17.05 ? 174  LEU A CA    1 
ATOM   1231 C  C     . LEU A 1 174 ? -8.029  0.750   11.399  1.00 19.20 ? 174  LEU A C     1 
ATOM   1232 O  O     . LEU A 1 174 ? -8.680  1.541   12.092  1.00 17.39 ? 174  LEU A O     1 
ATOM   1233 C  CB    . LEU A 1 174 ? -9.131  -1.226  10.333  1.00 15.33 ? 174  LEU A CB    1 
ATOM   1234 C  CG    . LEU A 1 174 ? -10.204 -1.309  11.461  1.00 12.48 ? 174  LEU A CG    1 
ATOM   1235 C  CD1   . LEU A 1 174 ? -11.361 -0.338  11.164  1.00 14.59 ? 174  LEU A CD1   1 
ATOM   1236 C  CD2   . LEU A 1 174 ? -10.750 -2.728  11.541  1.00 13.79 ? 174  LEU A CD2   1 
ATOM   1237 N  N     . LYS A 1 175 ? -6.813  0.349   11.749  1.00 17.62 ? 175  LYS A N     1 
ATOM   1238 C  CA    . LYS A 1 175 ? -6.199  0.876   12.950  1.00 19.87 ? 175  LYS A CA    1 
ATOM   1239 C  C     . LYS A 1 175 ? -6.053  2.371   12.838  1.00 20.37 ? 175  LYS A C     1 
ATOM   1240 O  O     . LYS A 1 175 ? -6.319  3.103   13.776  1.00 18.53 ? 175  LYS A O     1 
ATOM   1241 C  CB    . LYS A 1 175 ? -4.805  0.287   13.174  1.00 23.96 ? 175  LYS A CB    1 
ATOM   1242 C  CG    . LYS A 1 175 ? -4.785  -1.199  13.426  1.00 35.04 ? 175  LYS A CG    1 
ATOM   1243 C  CD    . LYS A 1 175 ? -3.411  -1.655  13.952  1.00 39.82 ? 175  LYS A CD    1 
ATOM   1244 C  CE    . LYS A 1 175 ? -3.299  -3.173  13.849  1.00 43.93 ? 175  LYS A CE    1 
ATOM   1245 N  NZ    . LYS A 1 175 ? -4.514  -3.827  14.434  1.00 32.50 ? 175  LYS A NZ    1 
ATOM   1246 N  N     . GLN A 1 176 ? -5.619  2.847   11.683  1.00 17.97 ? 176  GLN A N     1 
ATOM   1247 C  CA    . GLN A 1 176 ? -5.443  4.286   11.523  1.00 13.92 ? 176  GLN A CA    1 
ATOM   1248 C  C     . GLN A 1 176 ? -6.774  5.031   11.551  1.00 18.85 ? 176  GLN A C     1 
ATOM   1249 O  O     . GLN A 1 176 ? -6.913  6.098   12.210  1.00 15.18 ? 176  GLN A O     1 
ATOM   1250 C  CB    . GLN A 1 176 ? -4.704  4.571   10.208  1.00 18.44 ? 176  GLN A CB    1 
ATOM   1251 C  CG    . GLN A 1 176 ? -4.605  6.035   9.818   1.00 21.04 ? 176  GLN A CG    1 
ATOM   1252 C  CD    . GLN A 1 176 ? -3.721  6.835   10.737  1.00 26.05 ? 176  GLN A CD    1 
ATOM   1253 O  OE1   . GLN A 1 176 ? -2.975  6.277   11.535  1.00 22.55 ? 176  GLN A OE1   1 
ATOM   1254 N  NE2   . GLN A 1 176 ? -3.783  8.156   10.612  1.00 20.92 ? 176  GLN A NE2   1 
ATOM   1255 N  N     . GLU A 1 177 ? -7.745  4.499   10.814  1.00 13.41 ? 177  GLU A N     1 
ATOM   1256 C  CA    . GLU A 1 177 ? -9.087  5.117   10.743  1.00 18.33 ? 177  GLU A CA    1 
ATOM   1257 C  C     . GLU A 1 177 ? -9.725  5.166   12.167  1.00 16.44 ? 177  GLU A C     1 
ATOM   1258 O  O     . GLU A 1 177 ? -10.429 6.114   12.536  1.00 20.57 ? 177  GLU A O     1 
ATOM   1259 C  CB    . GLU A 1 177 ? -9.955  4.278   9.818   1.00 20.85 ? 177  GLU A CB    1 
ATOM   1260 C  CG    . GLU A 1 177 ? -11.429 4.691   9.765   1.00 30.78 ? 177  GLU A CG    1 
ATOM   1261 C  CD    . GLU A 1 177 ? -11.669 6.135   9.338   1.00 27.46 ? 177  GLU A CD    1 
ATOM   1262 O  OE1   . GLU A 1 177 ? -12.837 6.569   9.540   1.00 36.91 ? 177  GLU A OE1   1 
ATOM   1263 O  OE2   . GLU A 1 177 ? -10.740 6.831   8.823   1.00 30.85 ? 177  GLU A OE2   1 
ATOM   1264 N  N     . THR A 1 178 ? -9.501  4.117   12.927  1.00 19.66 ? 178  THR A N     1 
ATOM   1265 C  CA    . THR A 1 178 ? -10.027 4.020   14.287  1.00 20.19 ? 178  THR A CA    1 
ATOM   1266 C  C     . THR A 1 178 ? -9.434  5.122   15.145  1.00 25.02 ? 178  THR A C     1 
ATOM   1267 O  O     . THR A 1 178 ? -10.145 5.789   15.903  1.00 25.99 ? 178  THR A O     1 
ATOM   1268 C  CB    . THR A 1 178 ? -9.686  2.675   14.907  1.00 23.27 ? 178  THR A CB    1 
ATOM   1269 O  OG1   . THR A 1 178 ? -10.426 1.646   14.248  1.00 24.94 ? 178  THR A OG1   1 
ATOM   1270 C  CG2   . THR A 1 178 ? -10.030 2.670   16.408  1.00 28.23 ? 178  THR A CG2   1 
ATOM   1271 N  N     . GLU A 1 179 ? -8.119  5.280   15.046  1.00 23.13 ? 179  GLU A N     1 
ATOM   1272 C  CA    . GLU A 1 179 ? -7.379  6.332   15.743  1.00 27.19 ? 179  GLU A CA    1 
ATOM   1273 C  C     . GLU A 1 179 ? -7.993  7.712   15.421  1.00 30.30 ? 179  GLU A C     1 
ATOM   1274 O  O     . GLU A 1 179 ? -8.237  8.535   16.311  1.00 24.50 ? 179  GLU A O     1 
ATOM   1275 C  CB    . GLU A 1 179 ? -5.921  6.307   15.268  1.00 31.37 ? 179  GLU A CB    1 
ATOM   1276 C  CG    . GLU A 1 179 ? -5.114  7.558   15.544  1.00 37.82 ? 179  GLU A CG    1 
ATOM   1277 C  CD    . GLU A 1 179 ? -4.496  7.544   16.918  1.00 41.53 ? 179  GLU A CD    1 
ATOM   1278 O  OE1   . GLU A 1 179 ? -4.840  6.642   17.711  1.00 47.75 ? 179  GLU A OE1   1 
ATOM   1279 O  OE2   . GLU A 1 179 ? -3.671  8.437   17.214  1.00 48.50 ? 179  GLU A OE2   1 
ATOM   1280 N  N     . VAL A 1 180 ? -8.228  7.959   14.137  1.00 25.75 ? 180  VAL A N     1 
ATOM   1281 C  CA    . VAL A 1 180 ? -8.802  9.226   13.692  1.00 24.82 ? 180  VAL A CA    1 
ATOM   1282 C  C     . VAL A 1 180 ? -10.197 9.446   14.276  1.00 22.62 ? 180  VAL A C     1 
ATOM   1283 O  O     . VAL A 1 180 ? -10.494 10.528  14.751  1.00 27.63 ? 180  VAL A O     1 
ATOM   1284 C  CB    . VAL A 1 180 ? -8.919  9.279   12.133  1.00 24.38 ? 180  VAL A CB    1 
ATOM   1285 C  CG1   . VAL A 1 180 ? -9.739  10.501  11.704  1.00 30.30 ? 180  VAL A CG1   1 
ATOM   1286 C  CG2   . VAL A 1 180 ? -7.546  9.346   11.504  1.00 26.36 ? 180  VAL A CG2   1 
ATOM   1287 N  N     . GLU A 1 181 ? -11.040 8.418   14.218  1.00 25.32 ? 181  GLU A N     1 
ATOM   1288 C  CA    . GLU A 1 181 ? -12.408 8.496   14.705  1.00 25.72 ? 181  GLU A CA    1 
ATOM   1289 C  C     . GLU A 1 181 ? -12.495 8.609   16.231  1.00 28.77 ? 181  GLU A C     1 
ATOM   1290 O  O     . GLU A 1 181 ? -13.284 9.397   16.733  1.00 32.59 ? 181  GLU A O     1 
ATOM   1291 C  CB    . GLU A 1 181 ? -13.223 7.295   14.212  1.00 30.60 ? 181  GLU A CB    1 
ATOM   1292 C  CG    . GLU A 1 181 ? -13.720 7.411   12.754  1.00 31.90 ? 181  GLU A CG    1 
ATOM   1293 C  CD    . GLU A 1 181 ? -14.678 6.271   12.371  1.00 34.66 ? 181  GLU A CD    1 
ATOM   1294 O  OE1   . GLU A 1 181 ? -15.473 5.846   13.256  1.00 36.87 ? 181  GLU A OE1   1 
ATOM   1295 O  OE2   . GLU A 1 181 ? -14.646 5.812   11.194  1.00 36.47 ? 181  GLU A OE2   1 
ATOM   1296 N  N     . LEU A 1 182 ? -11.673 7.853   16.961  1.00 28.77 ? 182  LEU A N     1 
ATOM   1297 C  CA    . LEU A 1 182 ? -11.682 7.873   18.432  1.00 31.42 ? 182  LEU A CA    1 
ATOM   1298 C  C     . LEU A 1 182 ? -11.171 9.165   19.077  1.00 29.37 ? 182  LEU A C     1 
ATOM   1299 O  O     . LEU A 1 182 ? -11.566 9.522   20.177  1.00 34.54 ? 182  LEU A O     1 
ATOM   1300 C  CB    . LEU A 1 182 ? -10.846 6.720   18.993  1.00 32.22 ? 182  LEU A CB    1 
ATOM   1301 C  CG    . LEU A 1 182 ? -11.477 5.337   19.159  1.00 32.32 ? 182  LEU A CG    1 
ATOM   1302 C  CD1   . LEU A 1 182 ? -10.420 4.399   19.772  1.00 28.96 ? 182  LEU A CD1   1 
ATOM   1303 C  CD2   . LEU A 1 182 ? -12.704 5.417   20.074  1.00 29.47 ? 182  LEU A CD2   1 
ATOM   1304 N  N     . TYR A 1 183 ? -10.275 9.840   18.390  1.00 29.72 ? 183  TYR A N     1 
ATOM   1305 C  CA    . TYR A 1 183 ? -9.709  11.063  18.948  1.00 33.51 ? 183  TYR A CA    1 
ATOM   1306 C  C     . TYR A 1 183 ? -10.094 12.274  18.067  1.00 39.62 ? 183  TYR A C     1 
ATOM   1307 O  O     . TYR A 1 183 ? -9.503  13.349  18.195  1.00 48.08 ? 183  TYR A O     1 
ATOM   1308 C  CB    . TYR A 1 183 ? -8.172  10.911  19.091  1.00 27.80 ? 183  TYR A CB    1 
ATOM   1309 C  CG    . TYR A 1 183 ? -7.816  9.840   20.105  1.00 33.60 ? 183  TYR A CG    1 
ATOM   1310 C  CD1   . TYR A 1 183 ? -7.743  8.495   19.733  1.00 35.05 ? 183  TYR A CD1   1 
ATOM   1311 C  CD2   . TYR A 1 183 ? -7.565  10.152  21.443  1.00 31.80 ? 183  TYR A CD2   1 
ATOM   1312 C  CE1   . TYR A 1 183 ? -7.466  7.501   20.673  1.00 32.04 ? 183  TYR A CE1   1 
ATOM   1313 C  CE2   . TYR A 1 183 ? -7.322  9.180   22.412  1.00 25.99 ? 183  TYR A CE2   1 
ATOM   1314 C  CZ    . TYR A 1 183 ? -7.274  7.843   22.020  1.00 31.03 ? 183  TYR A CZ    1 
ATOM   1315 O  OH    . TYR A 1 183 ? -7.040  6.876   22.970  1.00 25.73 ? 183  TYR A OH    1 
ATOM   1316 N  N     . ASN A 1 184 ? -11.074 12.066  17.172  1.00 36.36 ? 184  ASN A N     1 
ATOM   1317 C  CA    . ASN A 1 184 ? -11.561 13.075  16.209  1.00 36.39 ? 184  ASN A CA    1 
ATOM   1318 C  C     . ASN A 1 184 ? -10.388 13.888  15.700  1.00 35.60 ? 184  ASN A C     1 
ATOM   1319 O  O     . ASN A 1 184 ? -10.347 15.118  15.850  1.00 39.60 ? 184  ASN A O     1 
ATOM   1320 C  CB    . ASN A 1 184 ? -12.634 14.005  16.826  1.00 35.25 ? 184  ASN A CB    1 
ATOM   1321 C  CG    . ASN A 1 184 ? -13.366 14.859  15.764  1.00 39.55 ? 184  ASN A CG    1 
ATOM   1322 O  OD1   . ASN A 1 184 ? -13.265 14.603  14.544  1.00 35.94 ? 184  ASN A OD1   1 
ATOM   1323 N  ND2   . ASN A 1 184 ? -14.113 15.877  16.228  1.00 31.91 ? 184  ASN A ND2   1 
ATOM   1324 N  N     . GLU A 1 185 ? -9.433  13.188  15.087  1.00 36.12 ? 185  GLU A N     1 
ATOM   1325 C  CA    . GLU A 1 185 ? -8.243  13.828  14.540  1.00 36.93 ? 185  GLU A CA    1 
ATOM   1326 C  C     . GLU A 1 185 ? -8.492  14.423  13.120  1.00 43.17 ? 185  GLU A C     1 
ATOM   1327 O  O     . GLU A 1 185 ? -9.319  13.865  12.349  1.00 39.86 ? 185  GLU A O     1 
ATOM   1328 C  CB    . GLU A 1 185 ? -7.091  12.816  14.500  1.00 37.60 ? 185  GLU A CB    1 
ATOM   1329 C  CG    . GLU A 1 185 ? -6.828  12.084  15.821  1.00 33.87 ? 185  GLU A CG    1 
ATOM   1330 C  CD    . GLU A 1 185 ? -5.627  11.147  15.714  1.00 43.61 ? 185  GLU A CD    1 
ATOM   1331 O  OE1   . GLU A 1 185 ? -5.361  10.665  14.584  1.00 48.79 ? 185  GLU A OE1   1 
ATOM   1332 O  OE2   . GLU A 1 185 ? -4.951  10.880  16.738  1.00 41.11 ? 185  GLU A OE2   1 
ATOM   1333 O  OXT   . GLU A 1 185 ? -7.857  15.465  12.791  1.00 46.29 ? 185  GLU A OXT   1 
HETATM 1334 MG MG    . MG  B 2 .   ? -1.095  2.252   -13.524 1.00 37.42 ? 3000 MG  A MG    1 
HETATM 1335 P  PB    . GDP C 3 .   ? 1.548   0.479   -13.023 1.00 18.94 ? 1557 GDP A PB    1 
HETATM 1336 O  O1B   . GDP C 3 .   ? 2.097   1.346   -14.160 1.00 20.78 ? 1557 GDP A O1B   1 
HETATM 1337 O  O2B   . GDP C 3 .   ? 2.345   0.551   -11.762 1.00 18.64 ? 1557 GDP A O2B   1 
HETATM 1338 O  O3B   . GDP C 3 .   ? 0.132   0.815   -12.550 1.00 22.62 ? 1557 GDP A O3B   1 
HETATM 1339 O  O3A   . GDP C 3 .   ? 1.634   -1.213  -13.256 1.00 22.28 ? 1557 GDP A O3A   1 
HETATM 1340 P  PA    . GDP C 3 .   ? 0.796   -1.995  -14.418 1.00 22.40 ? 1557 GDP A PA    1 
HETATM 1341 O  O1A   . GDP C 3 .   ? -0.135  -2.740  -13.480 1.00 19.85 ? 1557 GDP A O1A   1 
HETATM 1342 O  O2A   . GDP C 3 .   ? 0.018   -1.263  -15.458 1.00 29.86 ? 1557 GDP A O2A   1 
HETATM 1343 O  "O5'" . GDP C 3 .   ? 1.918   -3.016  -14.838 1.00 19.27 ? 1557 GDP A "O5'" 1 
HETATM 1344 C  "C5'" . GDP C 3 .   ? 2.993   -2.661  -15.711 1.00 22.17 ? 1557 GDP A "C5'" 1 
HETATM 1345 C  "C4'" . GDP C 3 .   ? 3.328   -3.871  -16.556 1.00 19.39 ? 1557 GDP A "C4'" 1 
HETATM 1346 O  "O4'" . GDP C 3 .   ? 3.874   -5.010  -15.816 1.00 21.73 ? 1557 GDP A "O4'" 1 
HETATM 1347 C  "C3'" . GDP C 3 .   ? 2.130   -4.524  -17.314 1.00 23.76 ? 1557 GDP A "C3'" 1 
HETATM 1348 O  "O3'" . GDP C 3 .   ? 2.704   -4.995  -18.557 1.00 30.69 ? 1557 GDP A "O3'" 1 
HETATM 1349 C  "C2'" . GDP C 3 .   ? 1.700   -5.698  -16.433 1.00 19.12 ? 1557 GDP A "C2'" 1 
HETATM 1350 O  "O2'" . GDP C 3 .   ? 1.053   -6.760  -17.102 1.00 22.80 ? 1557 GDP A "O2'" 1 
HETATM 1351 C  "C1'" . GDP C 3 .   ? 2.985   -6.123  -15.796 1.00 21.31 ? 1557 GDP A "C1'" 1 
HETATM 1352 N  N9    . GDP C 3 .   ? 2.800   -6.660  -14.396 1.00 16.59 ? 1557 GDP A N9    1 
HETATM 1353 C  C8    . GDP C 3 .   ? 2.085   -6.205  -13.302 1.00 15.18 ? 1557 GDP A C8    1 
HETATM 1354 N  N7    . GDP C 3 .   ? 2.190   -6.998  -12.264 1.00 18.46 ? 1557 GDP A N7    1 
HETATM 1355 C  C5    . GDP C 3 .   ? 3.002   -8.038  -12.664 1.00 15.89 ? 1557 GDP A C5    1 
HETATM 1356 C  C6    . GDP C 3 .   ? 3.475   -9.208  -11.969 1.00 21.42 ? 1557 GDP A C6    1 
HETATM 1357 O  O6    . GDP C 3 .   ? 3.218   -9.529  -10.792 1.00 19.93 ? 1557 GDP A O6    1 
HETATM 1358 N  N1    . GDP C 3 .   ? 4.310   -10.040 -12.784 1.00 16.74 ? 1557 GDP A N1    1 
HETATM 1359 C  C2    . GDP C 3 .   ? 4.649   -9.766  -14.100 1.00 26.40 ? 1557 GDP A C2    1 
HETATM 1360 N  N2    . GDP C 3 .   ? 5.430   -10.656 -14.693 1.00 17.54 ? 1557 GDP A N2    1 
HETATM 1361 N  N3    . GDP C 3 .   ? 4.206   -8.649  -14.777 1.00 18.50 ? 1557 GDP A N3    1 
HETATM 1362 C  C4    . GDP C 3 .   ? 3.415   -7.860  -13.992 1.00 19.59 ? 1557 GDP A C4    1 
HETATM 1363 O  O     . HOH D 4 .   ? 1.310   -0.570  7.958   1.00 15.37 ? 1001 HOH A O     1 
HETATM 1364 O  O     . HOH D 4 .   ? 8.521   2.474   -7.191  1.00 18.21 ? 1002 HOH A O     1 
HETATM 1365 O  O     . HOH D 4 .   ? -6.287  20.018  -1.342  1.00 17.77 ? 1003 HOH A O     1 
HETATM 1366 O  O     . HOH D 4 .   ? 11.530  -13.526 -8.058  1.00 21.82 ? 1004 HOH A O     1 
HETATM 1367 O  O     . HOH D 4 .   ? 14.475  7.918   -3.141  1.00 28.17 ? 1005 HOH A O     1 
HETATM 1368 O  O     . HOH D 4 .   ? -0.518  -16.556 -2.351  1.00 21.03 ? 1006 HOH A O     1 
HETATM 1369 O  O     . HOH D 4 .   ? 7.067   -7.204  7.225   1.00 21.55 ? 1007 HOH A O     1 
HETATM 1370 O  O     . HOH D 4 .   ? -2.242  -14.463 -0.300  1.00 20.01 ? 1008 HOH A O     1 
HETATM 1371 O  O     . HOH D 4 .   ? 2.105   4.879   -12.636 1.00 24.98 ? 1009 HOH A O     1 
HETATM 1372 O  O     . HOH D 4 .   ? 9.690   -4.324  8.704   1.00 21.18 ? 1010 HOH A O     1 
HETATM 1373 O  O     . HOH D 4 .   ? -2.081  1.573   11.624  1.00 22.70 ? 1011 HOH A O     1 
HETATM 1374 O  O     . HOH D 4 .   ? 17.422  -12.204 0.738   1.00 19.72 ? 1012 HOH A O     1 
HETATM 1375 O  O     . HOH D 4 .   ? 5.290   5.600   9.408   1.00 20.95 ? 1013 HOH A O     1 
HETATM 1376 O  O     . HOH D 4 .   ? -3.100  10.382  5.290   1.00 22.14 ? 1014 HOH A O     1 
HETATM 1377 O  O     . HOH D 4 .   ? 7.642   4.765   8.161   1.00 23.16 ? 1015 HOH A O     1 
HETATM 1378 O  O     . HOH D 4 .   ? 6.283   -6.959  -16.509 1.00 26.61 ? 1016 HOH A O     1 
HETATM 1379 O  O     . HOH D 4 .   ? -11.681 -10.395 -4.825  1.00 25.94 ? 1017 HOH A O     1 
HETATM 1380 O  O     . HOH D 4 .   ? -0.934  -6.100  11.093  1.00 32.35 ? 1018 HOH A O     1 
HETATM 1381 O  O     . HOH D 4 .   ? 15.392  -12.455 3.456   1.00 25.00 ? 1019 HOH A O     1 
HETATM 1382 O  O     . HOH D 4 .   ? -11.175 6.633   5.159   1.00 21.36 ? 1020 HOH A O     1 
HETATM 1383 O  O     . HOH D 4 .   ? -2.307  3.794   12.765  1.00 24.33 ? 1022 HOH A O     1 
HETATM 1384 O  O     . HOH D 4 .   ? -7.158  -3.354  12.670  1.00 22.71 ? 1023 HOH A O     1 
HETATM 1385 O  O     . HOH D 4 .   ? 14.846  1.932   -0.946  1.00 31.23 ? 1024 HOH A O     1 
HETATM 1386 O  O     . HOH D 4 .   ? 14.783  4.608   -1.399  1.00 27.24 ? 1025 HOH A O     1 
HETATM 1387 O  O     . HOH D 4 .   ? 16.759  -7.537  6.206   1.00 27.45 ? 1026 HOH A O     1 
HETATM 1388 O  O     . HOH D 4 .   ? 2.313   6.801   -7.768  1.00 23.44 ? 1027 HOH A O     1 
HETATM 1389 O  O     . HOH D 4 .   ? -3.451  -13.904 -3.481  1.00 26.74 ? 1028 HOH A O     1 
HETATM 1390 O  O     . HOH D 4 .   ? 5.204   2.007   -17.640 1.00 25.14 ? 1029 HOH A O     1 
HETATM 1391 O  O     . HOH D 4 .   ? 1.353   -5.097  10.257  1.00 25.20 ? 1030 HOH A O     1 
HETATM 1392 O  O     . HOH D 4 .   ? 4.104   2.111   8.840   1.00 24.09 ? 1031 HOH A O     1 
HETATM 1393 O  O     . HOH D 4 .   ? -1.899  -16.221 3.842   1.00 29.99 ? 1032 HOH A O     1 
HETATM 1394 O  O     . HOH D 4 .   ? 3.943   -3.103  -20.442 1.00 35.25 ? 1033 HOH A O     1 
HETATM 1395 O  O     . HOH D 4 .   ? -5.465  8.977   8.368   1.00 26.29 ? 1034 HOH A O     1 
HETATM 1396 O  O     . HOH D 4 .   ? -14.501 -3.346  -9.708  1.00 41.72 ? 1035 HOH A O     1 
HETATM 1397 O  O     . HOH D 4 .   ? -14.229 -7.773  -4.680  1.00 21.52 ? 1036 HOH A O     1 
HETATM 1398 O  O     . HOH D 4 .   ? 11.755  8.006   3.688   1.00 31.01 ? 1037 HOH A O     1 
HETATM 1399 O  O     . HOH D 4 .   ? 19.709  -6.278  -3.651  1.00 35.60 ? 1038 HOH A O     1 
HETATM 1400 O  O     . HOH D 4 .   ? -18.883 -1.372  5.155   1.00 35.70 ? 1039 HOH A O     1 
HETATM 1401 O  O     . HOH D 4 .   ? 6.387   3.097   17.982  1.00 44.19 ? 1040 HOH A O     1 
HETATM 1402 O  O     . HOH D 4 .   ? -10.425 9.089   5.357   1.00 32.99 ? 1041 HOH A O     1 
HETATM 1403 O  O     . HOH D 4 .   ? 17.694  -2.102  8.346   1.00 38.01 ? 1042 HOH A O     1 
HETATM 1404 O  O     . HOH D 4 .   ? -0.987  18.459  4.230   1.00 32.31 ? 1043 HOH A O     1 
HETATM 1405 O  O     . HOH D 4 .   ? 4.207   -1.765  11.682  1.00 41.92 ? 1044 HOH A O     1 
HETATM 1406 O  O     . HOH D 4 .   ? 16.386  4.527   10.374  1.00 33.55 ? 1045 HOH A O     1 
HETATM 1407 O  O     . HOH D 4 .   ? -16.970 -6.238  -1.907  1.00 31.08 ? 1046 HOH A O     1 
HETATM 1408 O  O     . HOH D 4 .   ? -0.941  -10.030 -20.373 1.00 43.79 ? 1047 HOH A O     1 
HETATM 1409 O  O     . HOH D 4 .   ? 5.605   -10.904 -17.448 1.00 41.94 ? 1048 HOH A O     1 
HETATM 1410 O  O     . HOH D 4 .   ? -12.984 -10.630 3.891   1.00 30.39 ? 1049 HOH A O     1 
HETATM 1411 O  O     . HOH D 4 .   ? -2.194  -10.684 6.113   1.00 33.31 ? 1050 HOH A O     1 
HETATM 1412 O  O     . HOH D 4 .   ? 3.669   6.818   -10.729 1.00 32.01 ? 1051 HOH A O     1 
HETATM 1413 O  O     . HOH D 4 .   ? 6.738   -6.077  9.686   1.00 41.14 ? 1052 HOH A O     1 
HETATM 1414 O  O     . HOH D 4 .   ? 12.986  -13.028 -14.427 1.00 43.94 ? 1053 HOH A O     1 
HETATM 1415 O  O     . HOH D 4 .   ? 6.460   -18.118 -13.411 1.00 31.40 ? 1054 HOH A O     1 
HETATM 1416 O  O     . HOH D 4 .   ? -9.206  14.509  2.764   1.00 43.85 ? 1055 HOH A O     1 
HETATM 1417 O  O     . HOH D 4 .   ? -23.131 0.591   11.050  1.00 40.32 ? 1056 HOH A O     1 
HETATM 1418 O  O     . HOH D 4 .   ? -14.929 -1.970  -7.438  1.00 37.09 ? 1057 HOH A O     1 
HETATM 1419 O  O     . HOH D 4 .   ? 10.020  8.316   -9.218  1.00 34.19 ? 1058 HOH A O     1 
HETATM 1420 O  O     . HOH D 4 .   ? 17.957  -13.659 -9.308  1.00 36.64 ? 1059 HOH A O     1 
HETATM 1421 O  O     . HOH D 4 .   ? 5.575   -11.762 1.543   1.00 33.27 ? 1060 HOH A O     1 
HETATM 1422 O  O     . HOH D 4 .   ? -12.073 16.977  12.877  1.00 46.17 ? 1061 HOH A O     1 
HETATM 1423 O  O     . HOH D 4 .   ? -4.063  8.673   20.350  1.00 41.49 ? 1063 HOH A O     1 
HETATM 1424 O  O     . HOH D 4 .   ? -1.975  -14.398 -15.325 1.00 35.26 ? 1064 HOH A O     1 
HETATM 1425 O  O     . HOH D 4 .   ? 16.121  -10.125 6.873   1.00 30.18 ? 1065 HOH A O     1 
HETATM 1426 O  O     . HOH D 4 .   ? -16.850 7.549   -1.309  1.00 39.32 ? 1066 HOH A O     1 
HETATM 1427 O  O     . HOH D 4 .   ? -0.907  18.255  -4.090  1.00 33.60 ? 1067 HOH A O     1 
HETATM 1428 O  O     . HOH D 4 .   ? -6.729  -14.980 -9.217  1.00 36.98 ? 1068 HOH A O     1 
HETATM 1429 O  O     . HOH D 4 .   ? 15.651  5.163   -9.165  1.00 36.66 ? 1069 HOH A O     1 
HETATM 1430 O  O     . HOH D 4 .   ? 9.253   -1.761  -13.500 1.00 34.64 ? 1070 HOH A O     1 
HETATM 1431 O  O     . HOH D 4 .   ? 17.327  2.493   5.174   1.00 41.85 ? 1071 HOH A O     1 
HETATM 1432 O  O     . HOH D 4 .   ? -21.203 0.069   9.687   1.00 44.82 ? 1072 HOH A O     1 
HETATM 1433 O  O     . HOH D 4 .   ? 18.128  -1.766  2.565   1.00 36.12 ? 1073 HOH A O     1 
HETATM 1434 O  O     . HOH D 4 .   ? -0.241  7.540   12.642  1.00 35.28 ? 1074 HOH A O     1 
HETATM 1435 O  O     . HOH D 4 .   ? -3.623  19.492  5.043   1.00 39.00 ? 1075 HOH A O     1 
HETATM 1436 O  O     . HOH D 4 .   ? -6.918  2.064   -12.379 1.00 42.18 ? 1076 HOH A O     1 
HETATM 1437 O  O     . HOH D 4 .   ? -8.178  -11.141 -4.350  1.00 25.98 ? 1077 HOH A O     1 
HETATM 1438 O  O     . HOH D 4 .   ? -5.747  -12.543 -5.787  1.00 33.37 ? 1078 HOH A O     1 
HETATM 1439 O  O     . HOH D 4 .   ? -4.656  -4.793  -15.254 1.00 39.30 ? 1079 HOH A O     1 
HETATM 1440 O  O     . HOH D 4 .   ? -15.545 -5.151  -4.984  1.00 34.86 ? 1080 HOH A O     1 
HETATM 1441 O  O     . HOH D 4 .   ? -17.556 1.864   -6.252  1.00 43.98 ? 1081 HOH A O     1 
HETATM 1442 O  O     . HOH D 4 .   ? -15.536 0.266   -7.603  1.00 48.80 ? 1082 HOH A O     1 
HETATM 1443 O  O     . HOH D 4 .   ? -17.478 -6.544  15.005  1.00 46.09 ? 1083 HOH A O     1 
HETATM 1444 O  O     . HOH D 4 .   ? 0.670   3.820   -14.172 1.00 40.28 ? 1085 HOH A O     1 
HETATM 1445 O  O     . HOH D 4 .   ? 0.572   4.942   -16.146 1.00 33.16 ? 1086 HOH A O     1 
HETATM 1446 O  O     . HOH D 4 .   ? -1.235  3.109   -11.678 1.00 27.10 ? 1087 HOH A O     1 
HETATM 1447 O  O     . HOH D 4 .   ? -1.518  0.959   -15.210 1.00 26.23 ? 1088 HOH A O     1 
HETATM 1448 O  O     . HOH D 4 .   ? 5.321   -6.553  -18.900 1.00 30.70 ? 1091 HOH A O     1 
HETATM 1449 O  O     . HOH D 4 .   ? 12.360  4.356   -11.485 1.00 32.78 ? 1092 HOH A O     1 
HETATM 1450 O  O     . HOH D 4 .   ? 21.690  -2.612  -7.601  1.00 40.88 ? 1093 HOH A O     1 
HETATM 1451 O  O     . HOH D 4 .   ? -3.042  15.147  8.018   1.00 38.48 ? 1094 HOH A O     1 
HETATM 1452 O  O     . HOH D 4 .   ? 5.927   10.152  14.711  1.00 30.01 ? 1095 HOH A O     1 
HETATM 1453 O  O     . HOH D 4 .   ? 6.070   2.404   10.458  1.00 27.51 ? 1096 HOH A O     1 
HETATM 1454 O  O     . HOH D 4 .   ? 10.974  8.576   17.041  1.00 40.90 ? 1097 HOH A O     1 
HETATM 1455 O  O     . HOH D 4 .   ? 11.211  6.185   13.440  1.00 38.16 ? 1098 HOH A O     1 
HETATM 1456 O  O     . HOH D 4 .   ? 12.090  7.156   19.255  1.00 40.66 ? 1099 HOH A O     1 
HETATM 1457 O  O     . HOH D 4 .   ? 2.657   0.075   10.156  1.00 25.39 ? 1100 HOH A O     1 
HETATM 1458 O  O     . HOH D 4 .   ? 0.321   0.021   11.438  1.00 45.22 ? 1101 HOH A O     1 
HETATM 1459 O  O     . HOH D 4 .   ? 13.087  5.135   12.490  1.00 33.54 ? 1103 HOH A O     1 
HETATM 1460 O  O     . HOH D 4 .   ? -0.655  9.848   11.959  1.00 35.87 ? 1104 HOH A O     1 
HETATM 1461 O  O     . HOH D 4 .   ? -2.648  11.439  11.326  1.00 33.29 ? 1105 HOH A O     1 
HETATM 1462 O  O     . HOH D 4 .   ? 6.227   -14.769 -15.346 1.00 32.86 ? 1106 HOH A O     1 
HETATM 1463 O  O     . HOH D 4 .   ? 5.504   -13.502 -17.854 1.00 41.25 ? 1107 HOH A O     1 
HETATM 1464 O  O     . HOH D 4 .   ? 21.862  -10.750 -13.649 1.00 50.98 ? 1108 HOH A O     1 
HETATM 1465 O  O     . HOH D 4 .   ? 21.141  -8.878  -15.475 1.00 46.68 ? 1109 HOH A O     1 
HETATM 1466 O  O     . HOH D 4 .   ? 21.080  -7.581  -7.601  1.00 41.63 ? 1110 HOH A O     1 
HETATM 1467 O  O     . HOH D 4 .   ? 13.222  -14.000 2.872   1.00 29.99 ? 1111 HOH A O     1 
HETATM 1468 O  O     . HOH D 4 .   ? 18.808  -13.980 5.677   1.00 36.97 ? 1112 HOH A O     1 
HETATM 1469 O  O     . HOH D 4 .   ? 15.854  -14.317 5.012   1.00 33.37 ? 1113 HOH A O     1 
HETATM 1470 O  O     . HOH D 4 .   ? 19.247  -0.580  0.419   1.00 41.18 ? 1114 HOH A O     1 
HETATM 1471 O  O     . HOH D 4 .   ? 22.099  -1.046  0.241   1.00 41.71 ? 1115 HOH A O     1 
HETATM 1472 O  O     . HOH D 4 .   ? 9.910   -8.177  6.750   1.00 37.52 ? 1116 HOH A O     1 
HETATM 1473 O  O     . HOH D 4 .   ? 11.025  -6.196  7.298   1.00 30.33 ? 1117 HOH A O     1 
HETATM 1474 O  O     . HOH D 4 .   ? 15.575  -6.472  8.274   1.00 38.42 ? 1118 HOH A O     1 
HETATM 1475 O  O     . HOH D 4 .   ? 13.636  -7.076  9.392   1.00 42.90 ? 1119 HOH A O     1 
HETATM 1476 O  O     . HOH D 4 .   ? 18.028  -0.099  5.176   1.00 32.33 ? 1120 HOH A O     1 
HETATM 1477 O  O     . HOH D 4 .   ? 9.339   -13.693 -0.750  1.00 22.11 ? 1124 HOH A O     1 
HETATM 1478 O  O     . HOH D 4 .   ? 3.792   -16.290 -14.996 1.00 40.92 ? 1126 HOH A O     1 
HETATM 1479 O  O     . HOH D 4 .   ? -3.518  -15.803 1.779   1.00 25.86 ? 1127 HOH A O     1 
HETATM 1480 O  O     . HOH D 4 .   ? -4.107  -12.873 5.527   1.00 46.28 ? 1128 HOH A O     1 
HETATM 1481 O  O     . HOH D 4 .   ? -1.753  -8.046  9.584   1.00 39.95 ? 1129 HOH A O     1 
HETATM 1482 O  O     . HOH D 4 .   ? -7.476  -0.460  16.394  1.00 38.43 ? 1130 HOH A O     1 
HETATM 1483 O  O     . HOH D 4 .   ? -12.120 13.158  12.318  1.00 41.30 ? 1133 HOH A O     1 
HETATM 1484 O  O     . HOH D 4 .   ? -13.884 9.230   20.939  1.00 28.99 ? 1134 HOH A O     1 
HETATM 1485 O  O     . HOH D 4 .   ? -4.619  -4.191  -19.988 1.00 45.16 ? 1136 HOH A O     1 
HETATM 1486 O  O     . HOH D 4 .   ? -4.496  -0.420  -19.468 1.00 42.08 ? 1137 HOH A O     1 
HETATM 1487 O  O     . HOH D 4 .   ? -12.803 6.949   -10.166 1.00 39.72 ? 1138 HOH A O     1 
HETATM 1488 O  O     . HOH D 4 .   ? -18.473 -5.515  11.613  1.00 36.60 ? 1139 HOH A O     1 
HETATM 1489 O  O     . HOH D 4 .   ? -18.629 -0.644  7.654   1.00 33.61 ? 1140 HOH A O     1 
HETATM 1490 O  O     . HOH D 4 .   ? -1.170  20.897  6.651   1.00 35.76 ? 1141 HOH A O     1 
HETATM 1491 O  O     . HOH D 4 .   ? 15.112  -9.974  -14.460 1.00 41.05 ? 1142 HOH A O     1 
HETATM 1492 O  O     . HOH D 4 .   ? 10.470  9.761   -7.535  1.00 38.46 ? 1143 HOH A O     1 
HETATM 1493 O  O     . HOH D 4 .   ? 3.398   19.636  4.560   0.50 25.07 ? 1144 HOH A O     1 
HETATM 1494 O  O     . HOH D 4 .   ? 19.320  -6.401  6.936   1.00 42.79 ? 1145 HOH A O     1 
HETATM 1495 O  O     . HOH D 4 .   ? 17.088  2.404   -1.542  1.00 40.60 ? 1146 HOH A O     1 
HETATM 1496 O  O     . HOH D 4 .   ? -10.620 11.648  1.191   0.50 32.40 ? 1147 HOH A O     1 
HETATM 1497 O  O     . HOH D 4 .   ? 4.342   -15.847 -19.328 1.00 35.18 ? 1148 HOH A O     1 
HETATM 1498 O  O     . HOH D 4 .   ? 7.908   -12.516 -18.907 1.00 37.91 ? 1149 HOH A O     1 
HETATM 1499 O  O     . HOH D 4 .   ? -9.982  -10.089 1.083   1.00 41.40 ? 1150 HOH A O     1 
HETATM 1500 O  O     . HOH D 4 .   ? 7.265   -2.846  -16.758 1.00 39.06 ? 1151 HOH A O     1 
HETATM 1501 O  O     . HOH D 4 .   ? 9.101   3.750   -14.655 1.00 38.81 ? 1152 HOH A O     1 
HETATM 1502 O  O     . HOH D 4 .   ? -2.978  3.197   -14.158 1.00 34.54 ? 1153 HOH A O     1 
HETATM 1503 O  O     . HOH D 4 .   ? -4.022  -9.081  8.923   1.00 52.82 ? 1154 HOH A O     1 
HETATM 1504 O  O     . HOH D 4 .   ? 0.721   -9.038  8.601   1.00 35.28 ? 1155 HOH A O     1 
HETATM 1505 O  O     . HOH D 4 .   ? 21.464  -5.617  -10.422 1.00 43.31 ? 1156 HOH A O     1 
HETATM 1506 O  O     . HOH D 4 .   ? -10.939 -0.717  14.986  1.00 38.06 ? 1157 HOH A O     1 
# 
loop_
_pdbx_poly_seq_scheme.asym_id 
_pdbx_poly_seq_scheme.entity_id 
_pdbx_poly_seq_scheme.seq_id 
_pdbx_poly_seq_scheme.mon_id 
_pdbx_poly_seq_scheme.ndb_seq_num 
_pdbx_poly_seq_scheme.pdb_seq_num 
_pdbx_poly_seq_scheme.auth_seq_num 
_pdbx_poly_seq_scheme.pdb_mon_id 
_pdbx_poly_seq_scheme.auth_mon_id 
_pdbx_poly_seq_scheme.pdb_strand_id 
_pdbx_poly_seq_scheme.pdb_ins_code 
_pdbx_poly_seq_scheme.hetero 
A 1 1   MET 1   1   ?   ?   ?   A . n 
A 1 2   THR 2   2   ?   ?   ?   A . n 
A 1 3   SER 3   3   ?   ?   ?   A . n 
A 1 4   ARG 4   4   ?   ?   ?   A . n 
A 1 5   LYS 5   5   5   LYS LYS A . n 
A 1 6   LYS 6   6   6   LYS LYS A . n 
A 1 7   VAL 7   7   7   VAL VAL A . n 
A 1 8   LEU 8   8   8   LEU LEU A . n 
A 1 9   LEU 9   9   9   LEU LEU A . n 
A 1 10  LYS 10  10  10  LYS LYS A . n 
A 1 11  VAL 11  11  11  VAL VAL A . n 
A 1 12  ILE 12  12  12  ILE ILE A . n 
A 1 13  ILE 13  13  13  ILE ILE A . n 
A 1 14  LEU 14  14  14  LEU LEU A . n 
A 1 15  GLY 15  15  15  GLY GLY A . n 
A 1 16  ASP 16  16  16  ASP ASP A . n 
A 1 17  SER 17  17  17  SER SER A . n 
A 1 18  GLY 18  18  18  GLY GLY A . n 
A 1 19  VAL 19  19  19  VAL VAL A . n 
A 1 20  GLY 20  20  20  GLY GLY A . n 
A 1 21  LYS 21  21  21  LYS LYS A . n 
A 1 22  THR 22  22  22  THR THR A . n 
A 1 23  SER 23  23  23  SER SER A . n 
A 1 24  LEU 24  24  24  LEU LEU A . n 
A 1 25  MET 25  25  25  MET MET A . n 
A 1 26  ASN 26  26  26  ASN ASN A . n 
A 1 27  GLN 27  27  27  GLN GLN A . n 
A 1 28  TYR 28  28  28  TYR TYR A . n 
A 1 29  VAL 29  29  29  VAL VAL A . n 
A 1 30  ASN 30  30  30  ASN ASN A . n 
A 1 31  LYS 31  31  31  LYS LYS A . n 
A 1 32  LYS 32  32  32  LYS LYS A . n 
A 1 33  PHE 33  33  33  PHE PHE A . n 
A 1 34  SER 34  34  34  SER SER A . n 
A 1 35  ASN 35  35  ?   ?   ?   A . n 
A 1 36  GLN 36  36  ?   ?   ?   A . n 
A 1 37  TYR 37  37  ?   ?   ?   A . n 
A 1 38  LYS 38  38  ?   ?   ?   A . n 
A 1 39  ALA 39  39  ?   ?   ?   A . n 
A 1 40  THR 40  40  ?   ?   ?   A . n 
A 1 41  ILE 41  41  ?   ?   ?   A . n 
A 1 42  GLY 42  42  ?   ?   ?   A . n 
A 1 43  ALA 43  43  43  ALA ALA A . n 
A 1 44  ASP 44  44  44  ASP ASP A . n 
A 1 45  PHE 45  45  45  PHE PHE A . n 
A 1 46  LEU 46  46  46  LEU LEU A . n 
A 1 47  THR 47  47  47  THR THR A . n 
A 1 48  LYS 48  48  48  LYS LYS A . n 
A 1 49  GLU 49  49  49  GLU GLU A . n 
A 1 50  VAL 50  50  50  VAL VAL A . n 
A 1 51  MET 51  51  51  MET MET A . n 
A 1 52  VAL 52  52  52  VAL VAL A . n 
A 1 53  ASP 53  53  53  ASP ASP A . n 
A 1 54  ASP 54  54  54  ASP ASP A . n 
A 1 55  ARG 55  55  55  ARG ARG A . n 
A 1 56  LEU 56  56  56  LEU LEU A . n 
A 1 57  VAL 57  57  57  VAL VAL A . n 
A 1 58  THR 58  58  58  THR THR A . n 
A 1 59  MET 59  59  59  MET MET A . n 
A 1 60  GLN 60  60  60  GLN GLN A . n 
A 1 61  ILE 61  61  61  ILE ILE A . n 
A 1 62  TRP 62  62  62  TRP TRP A . n 
A 1 63  ASP 63  63  63  ASP ASP A . n 
A 1 64  THR 64  64  64  THR THR A . n 
A 1 65  ALA 65  65  ?   ?   ?   A . n 
A 1 66  GLY 66  66  ?   ?   ?   A . n 
A 1 67  GLN 67  67  ?   ?   ?   A . n 
A 1 68  GLU 68  68  ?   ?   ?   A . n 
A 1 69  ARG 69  69  ?   ?   ?   A . n 
A 1 70  PHE 70  70  ?   ?   ?   A . n 
A 1 71  GLN 71  71  ?   ?   ?   A . n 
A 1 72  SER 72  72  72  SER SER A . n 
A 1 73  LEU 73  73  73  LEU LEU A . n 
A 1 74  GLY 74  74  74  GLY GLY A . n 
A 1 75  VAL 75  75  75  VAL VAL A . n 
A 1 76  ALA 76  76  76  ALA ALA A . n 
A 1 77  PHE 77  77  77  PHE PHE A . n 
A 1 78  TYR 78  78  78  TYR TYR A . n 
A 1 79  ARG 79  79  79  ARG ARG A . n 
A 1 80  GLY 80  80  80  GLY GLY A . n 
A 1 81  ALA 81  81  81  ALA ALA A . n 
A 1 82  ASP 82  82  82  ASP ASP A . n 
A 1 83  CYS 83  83  83  CYS CYS A . n 
A 1 84  CYS 84  84  84  CYS CYS A . n 
A 1 85  VAL 85  85  85  VAL VAL A . n 
A 1 86  LEU 86  86  86  LEU LEU A . n 
A 1 87  VAL 87  87  87  VAL VAL A . n 
A 1 88  PHE 88  88  88  PHE PHE A . n 
A 1 89  ASP 89  89  89  ASP ASP A . n 
A 1 90  VAL 90  90  90  VAL VAL A . n 
A 1 91  THR 91  91  91  THR THR A . n 
A 1 92  ALA 92  92  92  ALA ALA A . n 
A 1 93  PRO 93  93  93  PRO PRO A . n 
A 1 94  ASN 94  94  94  ASN ASN A . n 
A 1 95  THR 95  95  95  THR THR A . n 
A 1 96  PHE 96  96  96  PHE PHE A . n 
A 1 97  LYS 97  97  97  LYS LYS A . n 
A 1 98  THR 98  98  98  THR THR A . n 
A 1 99  LEU 99  99  99  LEU LEU A . n 
A 1 100 ASP 100 100 100 ASP ASP A . n 
A 1 101 SER 101 101 101 SER SER A . n 
A 1 102 TRP 102 102 102 TRP TRP A . n 
A 1 103 ARG 103 103 103 ARG ARG A . n 
A 1 104 ASP 104 104 104 ASP ASP A . n 
A 1 105 GLU 105 105 105 GLU GLU A . n 
A 1 106 PHE 106 106 106 PHE PHE A . n 
A 1 107 LEU 107 107 107 LEU LEU A . n 
A 1 108 ILE 108 108 108 ILE ILE A . n 
A 1 109 GLN 109 109 109 GLN GLN A . n 
A 1 110 ALA 110 110 110 ALA ALA A . n 
A 1 111 SER 111 111 111 SER SER A . n 
A 1 112 PRO 112 112 112 PRO PRO A . n 
A 1 113 ARG 113 113 113 ARG ARG A . n 
A 1 114 ASP 114 114 114 ASP ASP A . n 
A 1 115 PRO 115 115 115 PRO PRO A . n 
A 1 116 GLU 116 116 116 GLU GLU A . n 
A 1 117 ASN 117 117 117 ASN ASN A . n 
A 1 118 PHE 118 118 118 PHE PHE A . n 
A 1 119 PRO 119 119 119 PRO PRO A . n 
A 1 120 PHE 120 120 120 PHE PHE A . n 
A 1 121 VAL 121 121 121 VAL VAL A . n 
A 1 122 VAL 122 122 122 VAL VAL A . n 
A 1 123 LEU 123 123 123 LEU LEU A . n 
A 1 124 GLY 124 124 124 GLY GLY A . n 
A 1 125 ASN 125 125 125 ASN ASN A . n 
A 1 126 LYS 126 126 126 LYS LYS A . n 
A 1 127 ILE 127 127 127 ILE ILE A . n 
A 1 128 ASP 128 128 128 ASP ASP A . n 
A 1 129 LEU 129 129 129 LEU LEU A . n 
A 1 130 GLU 130 130 130 GLU GLU A . n 
A 1 131 ASN 131 131 131 ASN ASN A . n 
A 1 132 ARG 132 132 132 ARG ARG A . n 
A 1 133 GLN 133 133 133 GLN GLN A . n 
A 1 134 VAL 134 134 134 VAL VAL A . n 
A 1 135 ALA 135 135 135 ALA ALA A . n 
A 1 136 THR 136 136 136 THR THR A . n 
A 1 137 LYS 137 137 137 LYS LYS A . n 
A 1 138 ARG 138 138 138 ARG ARG A . n 
A 1 139 ALA 139 139 139 ALA ALA A . n 
A 1 140 GLN 140 140 140 GLN GLN A . n 
A 1 141 ALA 141 141 141 ALA ALA A . n 
A 1 142 TRP 142 142 142 TRP TRP A . n 
A 1 143 CYS 143 143 143 CYS CYS A . n 
A 1 144 TYR 144 144 144 TYR TYR A . n 
A 1 145 SER 145 145 145 SER SER A . n 
A 1 146 LYS 146 146 146 LYS LYS A . n 
A 1 147 ASN 147 147 147 ASN ASN A . n 
A 1 148 ASN 148 148 148 ASN ASN A . n 
A 1 149 ILE 149 149 149 ILE ILE A . n 
A 1 150 PRO 150 150 150 PRO PRO A . n 
A 1 151 TYR 151 151 151 TYR TYR A . n 
A 1 152 PHE 152 152 152 PHE PHE A . n 
A 1 153 GLU 153 153 153 GLU GLU A . n 
A 1 154 THR 154 154 154 THR THR A . n 
A 1 155 SER 155 155 155 SER SER A . n 
A 1 156 ALA 156 156 156 ALA ALA A . n 
A 1 157 LYS 157 157 157 LYS LYS A . n 
A 1 158 GLU 158 158 158 GLU GLU A . n 
A 1 159 ALA 159 159 159 ALA ALA A . n 
A 1 160 ILE 160 160 160 ILE ILE A . n 
A 1 161 ASN 161 161 161 ASN ASN A . n 
A 1 162 VAL 162 162 162 VAL VAL A . n 
A 1 163 GLU 163 163 163 GLU GLU A . n 
A 1 164 GLN 164 164 164 GLN GLN A . n 
A 1 165 ALA 165 165 165 ALA ALA A . n 
A 1 166 PHE 166 166 166 PHE PHE A . n 
A 1 167 GLN 167 167 167 GLN GLN A . n 
A 1 168 THR 168 168 168 THR THR A . n 
A 1 169 ILE 169 169 169 ILE ILE A . n 
A 1 170 ALA 170 170 170 ALA ALA A . n 
A 1 171 ARG 171 171 171 ARG ARG A . n 
A 1 172 ASN 172 172 172 ASN ASN A . n 
A 1 173 ALA 173 173 173 ALA ALA A . n 
A 1 174 LEU 174 174 174 LEU LEU A . n 
A 1 175 LYS 175 175 175 LYS LYS A . n 
A 1 176 GLN 176 176 176 GLN GLN A . n 
A 1 177 GLU 177 177 177 GLU GLU A . n 
A 1 178 THR 178 178 178 THR THR A . n 
A 1 179 GLU 179 179 179 GLU GLU A . n 
A 1 180 VAL 180 180 180 VAL VAL A . n 
A 1 181 GLU 181 181 181 GLU GLU A . n 
A 1 182 LEU 182 182 182 LEU LEU A . n 
A 1 183 TYR 183 183 183 TYR TYR A . n 
A 1 184 ASN 184 184 184 ASN ASN A . n 
A 1 185 GLU 185 185 185 GLU GLU A . n 
# 
loop_
_pdbx_nonpoly_scheme.asym_id 
_pdbx_nonpoly_scheme.entity_id 
_pdbx_nonpoly_scheme.mon_id 
_pdbx_nonpoly_scheme.ndb_seq_num 
_pdbx_nonpoly_scheme.pdb_seq_num 
_pdbx_nonpoly_scheme.auth_seq_num 
_pdbx_nonpoly_scheme.pdb_mon_id 
_pdbx_nonpoly_scheme.auth_mon_id 
_pdbx_nonpoly_scheme.pdb_strand_id 
_pdbx_nonpoly_scheme.pdb_ins_code 
B 2 MG  1   3000 3000 MG  MG2 A . 
C 3 GDP 1   1557 1557 GDP GDP A . 
D 4 HOH 1   1001 1001 HOH HOH A . 
D 4 HOH 2   1002 1002 HOH HOH A . 
D 4 HOH 3   1003 1003 HOH HOH A . 
D 4 HOH 4   1004 1004 HOH HOH A . 
D 4 HOH 5   1005 1005 HOH HOH A . 
D 4 HOH 6   1006 1006 HOH HOH A . 
D 4 HOH 7   1007 1007 HOH HOH A . 
D 4 HOH 8   1008 1008 HOH HOH A . 
D 4 HOH 9   1009 1009 HOH HOH A . 
D 4 HOH 10  1010 1010 HOH HOH A . 
D 4 HOH 11  1011 1011 HOH HOH A . 
D 4 HOH 12  1012 1012 HOH HOH A . 
D 4 HOH 13  1013 1013 HOH HOH A . 
D 4 HOH 14  1014 1014 HOH HOH A . 
D 4 HOH 15  1015 1015 HOH HOH A . 
D 4 HOH 16  1016 1016 HOH HOH A . 
D 4 HOH 17  1017 1017 HOH HOH A . 
D 4 HOH 18  1018 1018 HOH HOH A . 
D 4 HOH 19  1019 1019 HOH HOH A . 
D 4 HOH 20  1020 1020 HOH HOH A . 
D 4 HOH 21  1022 1022 HOH HOH A . 
D 4 HOH 22  1023 1023 HOH HOH A . 
D 4 HOH 23  1024 1024 HOH HOH A . 
D 4 HOH 24  1025 1025 HOH HOH A . 
D 4 HOH 25  1026 1026 HOH HOH A . 
D 4 HOH 26  1027 1027 HOH HOH A . 
D 4 HOH 27  1028 1028 HOH HOH A . 
D 4 HOH 28  1029 1029 HOH HOH A . 
D 4 HOH 29  1030 1030 HOH HOH A . 
D 4 HOH 30  1031 1031 HOH HOH A . 
D 4 HOH 31  1032 1032 HOH HOH A . 
D 4 HOH 32  1033 1033 HOH HOH A . 
D 4 HOH 33  1034 1034 HOH HOH A . 
D 4 HOH 34  1035 1035 HOH HOH A . 
D 4 HOH 35  1036 1036 HOH HOH A . 
D 4 HOH 36  1037 1037 HOH HOH A . 
D 4 HOH 37  1038 1038 HOH HOH A . 
D 4 HOH 38  1039 1039 HOH HOH A . 
D 4 HOH 39  1040 1040 HOH HOH A . 
D 4 HOH 40  1041 1041 HOH HOH A . 
D 4 HOH 41  1042 1042 HOH HOH A . 
D 4 HOH 42  1043 1043 HOH HOH A . 
D 4 HOH 43  1044 1044 HOH HOH A . 
D 4 HOH 44  1045 1045 HOH HOH A . 
D 4 HOH 45  1046 1046 HOH HOH A . 
D 4 HOH 46  1047 1047 HOH HOH A . 
D 4 HOH 47  1048 1048 HOH HOH A . 
D 4 HOH 48  1049 1049 HOH HOH A . 
D 4 HOH 49  1050 1050 HOH HOH A . 
D 4 HOH 50  1051 1051 HOH HOH A . 
D 4 HOH 51  1052 1052 HOH HOH A . 
D 4 HOH 52  1053 1053 HOH HOH A . 
D 4 HOH 53  1054 1054 HOH HOH A . 
D 4 HOH 54  1055 1055 HOH HOH A . 
D 4 HOH 55  1056 1056 HOH HOH A . 
D 4 HOH 56  1057 1057 HOH HOH A . 
D 4 HOH 57  1058 1058 HOH HOH A . 
D 4 HOH 58  1059 1059 HOH HOH A . 
D 4 HOH 59  1060 1060 HOH HOH A . 
D 4 HOH 60  1061 1061 HOH HOH A . 
D 4 HOH 61  1063 1063 HOH HOH A . 
D 4 HOH 62  1064 1064 HOH HOH A . 
D 4 HOH 63  1065 1065 HOH HOH A . 
D 4 HOH 64  1066 1066 HOH HOH A . 
D 4 HOH 65  1067 1067 HOH HOH A . 
D 4 HOH 66  1068 1068 HOH HOH A . 
D 4 HOH 67  1069 1069 HOH HOH A . 
D 4 HOH 68  1070 1070 HOH HOH A . 
D 4 HOH 69  1071 1071 HOH HOH A . 
D 4 HOH 70  1072 1072 HOH HOH A . 
D 4 HOH 71  1073 1073 HOH HOH A . 
D 4 HOH 72  1074 1074 HOH HOH A . 
D 4 HOH 73  1075 1075 HOH HOH A . 
D 4 HOH 74  1076 1076 HOH HOH A . 
D 4 HOH 75  1077 1077 HOH HOH A . 
D 4 HOH 76  1078 1078 HOH HOH A . 
D 4 HOH 77  1079 1079 HOH HOH A . 
D 4 HOH 78  1080 1080 HOH HOH A . 
D 4 HOH 79  1081 1081 HOH HOH A . 
D 4 HOH 80  1082 1082 HOH HOH A . 
D 4 HOH 81  1083 1083 HOH HOH A . 
D 4 HOH 82  1085 1085 HOH HOH A . 
D 4 HOH 83  1086 1086 HOH HOH A . 
D 4 HOH 84  1087 1087 HOH HOH A . 
D 4 HOH 85  1088 1088 HOH HOH A . 
D 4 HOH 86  1091 1091 HOH HOH A . 
D 4 HOH 87  1092 1092 HOH HOH A . 
D 4 HOH 88  1093 1093 HOH HOH A . 
D 4 HOH 89  1094 1094 HOH HOH A . 
D 4 HOH 90  1095 1095 HOH HOH A . 
D 4 HOH 91  1096 1096 HOH HOH A . 
D 4 HOH 92  1097 1097 HOH HOH A . 
D 4 HOH 93  1098 1098 HOH HOH A . 
D 4 HOH 94  1099 1099 HOH HOH A . 
D 4 HOH 95  1100 1100 HOH HOH A . 
D 4 HOH 96  1101 1101 HOH HOH A . 
D 4 HOH 97  1103 1103 HOH HOH A . 
D 4 HOH 98  1104 1104 HOH HOH A . 
D 4 HOH 99  1105 1105 HOH HOH A . 
D 4 HOH 100 1106 1106 HOH HOH A . 
D 4 HOH 101 1107 1107 HOH HOH A . 
D 4 HOH 102 1108 1108 HOH HOH A . 
D 4 HOH 103 1109 1109 HOH HOH A . 
D 4 HOH 104 1110 1110 HOH HOH A . 
D 4 HOH 105 1111 1111 HOH HOH A . 
D 4 HOH 106 1112 1112 HOH HOH A . 
D 4 HOH 107 1113 1113 HOH HOH A . 
D 4 HOH 108 1114 1114 HOH HOH A . 
D 4 HOH 109 1115 1115 HOH HOH A . 
D 4 HOH 110 1116 1116 HOH HOH A . 
D 4 HOH 111 1117 1117 HOH HOH A . 
D 4 HOH 112 1118 1118 HOH HOH A . 
D 4 HOH 113 1119 1119 HOH HOH A . 
D 4 HOH 114 1120 1120 HOH HOH A . 
D 4 HOH 115 1124 1124 HOH HOH A . 
D 4 HOH 116 1126 1126 HOH HOH A . 
D 4 HOH 117 1127 1127 HOH HOH A . 
D 4 HOH 118 1128 1128 HOH HOH A . 
D 4 HOH 119 1129 1129 HOH HOH A . 
D 4 HOH 120 1130 1130 HOH HOH A . 
D 4 HOH 121 1133 1133 HOH HOH A . 
D 4 HOH 122 1134 1134 HOH HOH A . 
D 4 HOH 123 1136 1136 HOH HOH A . 
D 4 HOH 124 1137 1137 HOH HOH A . 
D 4 HOH 125 1138 1138 HOH HOH A . 
D 4 HOH 126 1139 1139 HOH HOH A . 
D 4 HOH 127 1140 1140 HOH HOH A . 
D 4 HOH 128 1141 1141 HOH HOH A . 
D 4 HOH 129 1142 1142 HOH HOH A . 
D 4 HOH 130 1143 1143 HOH HOH A . 
D 4 HOH 131 1144 1144 HOH HOH A . 
D 4 HOH 132 1145 1145 HOH HOH A . 
D 4 HOH 133 1146 1146 HOH HOH A . 
D 4 HOH 134 1147 1147 HOH HOH A . 
D 4 HOH 135 1148 1148 HOH HOH A . 
D 4 HOH 136 1149 1149 HOH HOH A . 
D 4 HOH 137 1150 1150 HOH HOH A . 
D 4 HOH 138 1151 1151 HOH HOH A . 
D 4 HOH 139 1152 1152 HOH HOH A . 
D 4 HOH 140 1153 1153 HOH HOH A . 
D 4 HOH 141 1154 1154 HOH HOH A . 
D 4 HOH 142 1155 1155 HOH HOH A . 
D 4 HOH 143 1156 1156 HOH HOH A . 
D 4 HOH 144 1157 1157 HOH HOH A . 
# 
_pdbx_struct_assembly.id                   1 
_pdbx_struct_assembly.details              author_defined_assembly 
_pdbx_struct_assembly.method_details       ? 
_pdbx_struct_assembly.oligomeric_details   monomeric 
_pdbx_struct_assembly.oligomeric_count     1 
# 
_pdbx_struct_assembly_gen.assembly_id       1 
_pdbx_struct_assembly_gen.oper_expression   1 
_pdbx_struct_assembly_gen.asym_id_list      A,B,C,D 
# 
_pdbx_struct_oper_list.id                   1 
_pdbx_struct_oper_list.type                 'identity operation' 
_pdbx_struct_oper_list.name                 1_555 
_pdbx_struct_oper_list.symmetry_operation   x,y,z 
_pdbx_struct_oper_list.matrix[1][1]         1.0000000000 
_pdbx_struct_oper_list.matrix[1][2]         0.0000000000 
_pdbx_struct_oper_list.matrix[1][3]         0.0000000000 
_pdbx_struct_oper_list.vector[1]            0.0000000000 
_pdbx_struct_oper_list.matrix[2][1]         0.0000000000 
_pdbx_struct_oper_list.matrix[2][2]         1.0000000000 
_pdbx_struct_oper_list.matrix[2][3]         0.0000000000 
_pdbx_struct_oper_list.vector[2]            0.0000000000 
_pdbx_struct_oper_list.matrix[3][1]         0.0000000000 
_pdbx_struct_oper_list.matrix[3][2]         0.0000000000 
_pdbx_struct_oper_list.matrix[3][3]         1.0000000000 
_pdbx_struct_oper_list.vector[3]            0.0000000000 
# 
_pdbx_struct_special_symmetry.id              1 
_pdbx_struct_special_symmetry.PDB_model_num   1 
_pdbx_struct_special_symmetry.auth_asym_id    A 
_pdbx_struct_special_symmetry.auth_comp_id    HOH 
_pdbx_struct_special_symmetry.auth_seq_id     1144 
_pdbx_struct_special_symmetry.PDB_ins_code    ? 
_pdbx_struct_special_symmetry.label_asym_id   D 
_pdbx_struct_special_symmetry.label_comp_id   HOH 
_pdbx_struct_special_symmetry.label_seq_id    . 
# 
loop_
_pdbx_struct_conn_angle.id 
_pdbx_struct_conn_angle.ptnr1_label_atom_id 
_pdbx_struct_conn_angle.ptnr1_label_alt_id 
_pdbx_struct_conn_angle.ptnr1_label_asym_id 
_pdbx_struct_conn_angle.ptnr1_label_comp_id 
_pdbx_struct_conn_angle.ptnr1_label_seq_id 
_pdbx_struct_conn_angle.ptnr1_auth_atom_id 
_pdbx_struct_conn_angle.ptnr1_auth_asym_id 
_pdbx_struct_conn_angle.ptnr1_auth_comp_id 
_pdbx_struct_conn_angle.ptnr1_auth_seq_id 
_pdbx_struct_conn_angle.ptnr1_PDB_ins_code 
_pdbx_struct_conn_angle.ptnr1_symmetry 
_pdbx_struct_conn_angle.ptnr2_label_atom_id 
_pdbx_struct_conn_angle.ptnr2_label_alt_id 
_pdbx_struct_conn_angle.ptnr2_label_asym_id 
_pdbx_struct_conn_angle.ptnr2_label_comp_id 
_pdbx_struct_conn_angle.ptnr2_label_seq_id 
_pdbx_struct_conn_angle.ptnr2_auth_atom_id 
_pdbx_struct_conn_angle.ptnr2_auth_asym_id 
_pdbx_struct_conn_angle.ptnr2_auth_comp_id 
_pdbx_struct_conn_angle.ptnr2_auth_seq_id 
_pdbx_struct_conn_angle.ptnr2_PDB_ins_code 
_pdbx_struct_conn_angle.ptnr2_symmetry 
_pdbx_struct_conn_angle.ptnr3_label_atom_id 
_pdbx_struct_conn_angle.ptnr3_label_alt_id 
_pdbx_struct_conn_angle.ptnr3_label_asym_id 
_pdbx_struct_conn_angle.ptnr3_label_comp_id 
_pdbx_struct_conn_angle.ptnr3_label_seq_id 
_pdbx_struct_conn_angle.ptnr3_auth_atom_id 
_pdbx_struct_conn_angle.ptnr3_auth_asym_id 
_pdbx_struct_conn_angle.ptnr3_auth_comp_id 
_pdbx_struct_conn_angle.ptnr3_auth_seq_id 
_pdbx_struct_conn_angle.ptnr3_PDB_ins_code 
_pdbx_struct_conn_angle.ptnr3_symmetry 
_pdbx_struct_conn_angle.value 
_pdbx_struct_conn_angle.value_esd 
1  OG1 ? A THR 22 ? A THR 22   ? 1_555 MG ? B MG . ? A MG 3000 ? 1_555 O   ? D HOH . ? A HOH 1085 ? 1_555 178.6 ? 
2  OG1 ? A THR 22 ? A THR 22   ? 1_555 MG ? B MG . ? A MG 3000 ? 1_555 O   ? D HOH . ? A HOH 1087 ? 1_555 87.5  ? 
3  O   ? D HOH .  ? A HOH 1085 ? 1_555 MG ? B MG . ? A MG 3000 ? 1_555 O   ? D HOH . ? A HOH 1087 ? 1_555 91.1  ? 
4  OG1 ? A THR 22 ? A THR 22   ? 1_555 MG ? B MG . ? A MG 3000 ? 1_555 O   ? D HOH . ? A HOH 1088 ? 1_555 72.8  ? 
5  O   ? D HOH .  ? A HOH 1085 ? 1_555 MG ? B MG . ? A MG 3000 ? 1_555 O   ? D HOH . ? A HOH 1088 ? 1_555 108.5 ? 
6  O   ? D HOH .  ? A HOH 1087 ? 1_555 MG ? B MG . ? A MG 3000 ? 1_555 O   ? D HOH . ? A HOH 1088 ? 1_555 160.3 ? 
7  OG1 ? A THR 22 ? A THR 22   ? 1_555 MG ? B MG . ? A MG 3000 ? 1_555 O   ? D HOH . ? A HOH 1153 ? 1_555 74.4  ? 
8  O   ? D HOH .  ? A HOH 1085 ? 1_555 MG ? B MG . ? A MG 3000 ? 1_555 O   ? D HOH . ? A HOH 1153 ? 1_555 105.4 ? 
9  O   ? D HOH .  ? A HOH 1087 ? 1_555 MG ? B MG . ? A MG 3000 ? 1_555 O   ? D HOH . ? A HOH 1153 ? 1_555 91.2  ? 
10 O   ? D HOH .  ? A HOH 1088 ? 1_555 MG ? B MG . ? A MG 3000 ? 1_555 O   ? D HOH . ? A HOH 1153 ? 1_555 82.2  ? 
11 OG1 ? A THR 22 ? A THR 22   ? 1_555 MG ? B MG . ? A MG 3000 ? 1_555 O3B ? C GDP . ? A GDP 1557 ? 1_555 82.2  ? 
12 O   ? D HOH .  ? A HOH 1085 ? 1_555 MG ? B MG . ? A MG 3000 ? 1_555 O3B ? C GDP . ? A GDP 1557 ? 1_555 98.0  ? 
13 O   ? D HOH .  ? A HOH 1087 ? 1_555 MG ? B MG . ? A MG 3000 ? 1_555 O3B ? C GDP . ? A GDP 1557 ? 1_555 84.8  ? 
14 O   ? D HOH .  ? A HOH 1088 ? 1_555 MG ? B MG . ? A MG 3000 ? 1_555 O3B ? C GDP . ? A GDP 1557 ? 1_555 93.8  ? 
15 O   ? D HOH .  ? A HOH 1153 ? 1_555 MG ? B MG . ? A MG 3000 ? 1_555 O3B ? C GDP . ? A GDP 1557 ? 1_555 156.4 ? 
# 
loop_
_pdbx_audit_revision_history.ordinal 
_pdbx_audit_revision_history.data_content_type 
_pdbx_audit_revision_history.major_revision 
_pdbx_audit_revision_history.minor_revision 
_pdbx_audit_revision_history.revision_date 
1 'Structure model' 1 0 2004-07-20 
2 'Structure model' 1 1 2008-04-27 
3 'Structure model' 1 2 2011-07-13 
4 'Structure model' 1 3 2017-10-04 
5 'Structure model' 1 4 2023-10-25 
# 
_pdbx_audit_revision_details.ordinal             1 
_pdbx_audit_revision_details.revision_ordinal    1 
_pdbx_audit_revision_details.data_content_type   'Structure model' 
_pdbx_audit_revision_details.provider            repository 
_pdbx_audit_revision_details.type                'Initial release' 
_pdbx_audit_revision_details.description         ? 
_pdbx_audit_revision_details.details             ? 
# 
loop_
_pdbx_audit_revision_group.ordinal 
_pdbx_audit_revision_group.revision_ordinal 
_pdbx_audit_revision_group.data_content_type 
_pdbx_audit_revision_group.group 
1 2 'Structure model' 'Version format compliance' 
2 3 'Structure model' 'Version format compliance' 
3 4 'Structure model' 'Refinement description'    
4 5 'Structure model' 'Data collection'           
5 5 'Structure model' 'Database references'       
6 5 'Structure model' 'Derived calculations'      
7 5 'Structure model' 'Refinement description'    
# 
loop_
_pdbx_audit_revision_category.ordinal 
_pdbx_audit_revision_category.revision_ordinal 
_pdbx_audit_revision_category.data_content_type 
_pdbx_audit_revision_category.category 
1 4 'Structure model' software                      
2 5 'Structure model' chem_comp_atom                
3 5 'Structure model' chem_comp_bond                
4 5 'Structure model' database_2                    
5 5 'Structure model' pdbx_initial_refinement_model 
6 5 'Structure model' pdbx_struct_conn_angle        
7 5 'Structure model' struct_conn                   
8 5 'Structure model' struct_site                   
# 
loop_
_pdbx_audit_revision_item.ordinal 
_pdbx_audit_revision_item.revision_ordinal 
_pdbx_audit_revision_item.data_content_type 
_pdbx_audit_revision_item.item 
1  4 'Structure model' '_software.classification'                    
2  4 'Structure model' '_software.name'                              
3  5 'Structure model' '_database_2.pdbx_DOI'                        
4  5 'Structure model' '_database_2.pdbx_database_accession'         
5  5 'Structure model' '_pdbx_struct_conn_angle.ptnr1_auth_comp_id'  
6  5 'Structure model' '_pdbx_struct_conn_angle.ptnr1_auth_seq_id'   
7  5 'Structure model' '_pdbx_struct_conn_angle.ptnr1_label_asym_id' 
8  5 'Structure model' '_pdbx_struct_conn_angle.ptnr1_label_atom_id' 
9  5 'Structure model' '_pdbx_struct_conn_angle.ptnr1_label_comp_id' 
10 5 'Structure model' '_pdbx_struct_conn_angle.ptnr1_label_seq_id'  
11 5 'Structure model' '_pdbx_struct_conn_angle.ptnr3_auth_comp_id'  
12 5 'Structure model' '_pdbx_struct_conn_angle.ptnr3_auth_seq_id'   
13 5 'Structure model' '_pdbx_struct_conn_angle.ptnr3_label_asym_id' 
14 5 'Structure model' '_pdbx_struct_conn_angle.ptnr3_label_atom_id' 
15 5 'Structure model' '_pdbx_struct_conn_angle.ptnr3_label_comp_id' 
16 5 'Structure model' '_pdbx_struct_conn_angle.ptnr3_label_seq_id'  
17 5 'Structure model' '_pdbx_struct_conn_angle.value'               
18 5 'Structure model' '_struct_conn.pdbx_dist_value'                
19 5 'Structure model' '_struct_conn.ptnr1_auth_comp_id'             
20 5 'Structure model' '_struct_conn.ptnr1_auth_seq_id'              
21 5 'Structure model' '_struct_conn.ptnr1_label_asym_id'            
22 5 'Structure model' '_struct_conn.ptnr1_label_atom_id'            
23 5 'Structure model' '_struct_conn.ptnr1_label_comp_id'            
24 5 'Structure model' '_struct_conn.ptnr1_label_seq_id'             
25 5 'Structure model' '_struct_conn.ptnr2_auth_comp_id'             
26 5 'Structure model' '_struct_conn.ptnr2_auth_seq_id'              
27 5 'Structure model' '_struct_conn.ptnr2_label_asym_id'            
28 5 'Structure model' '_struct_conn.ptnr2_label_atom_id'            
29 5 'Structure model' '_struct_conn.ptnr2_label_comp_id'            
30 5 'Structure model' '_struct_conn.ptnr2_label_seq_id'             
31 5 'Structure model' '_struct_site.pdbx_auth_asym_id'              
32 5 'Structure model' '_struct_site.pdbx_auth_comp_id'              
33 5 'Structure model' '_struct_site.pdbx_auth_seq_id'               
# 
loop_
_software.name 
_software.classification 
_software.version 
_software.citation_id 
_software.pdbx_ordinal 
CNS   refinement        1.0 ? 1 
ProDC 'data collection' .   ? 2 
XDS   'data scaling'    .   ? 3 
CNS   phasing           .   ? 4 
# 
loop_
_pdbx_validate_torsion.id 
_pdbx_validate_torsion.PDB_model_num 
_pdbx_validate_torsion.auth_comp_id 
_pdbx_validate_torsion.auth_asym_id 
_pdbx_validate_torsion.auth_seq_id 
_pdbx_validate_torsion.PDB_ins_code 
_pdbx_validate_torsion.label_alt_id 
_pdbx_validate_torsion.phi 
_pdbx_validate_torsion.psi 
1 1 ASP A 53  ? ? 64.11   -107.85 
2 1 LYS A 126 ? ? 76.13   30.50   
3 1 LYS A 146 ? ? -115.50 51.81   
4 1 ASN A 161 ? ? 57.49   13.21   
5 1 ASN A 184 ? ? 37.98   59.29   
# 
loop_
_pdbx_unobs_or_zero_occ_residues.id 
_pdbx_unobs_or_zero_occ_residues.PDB_model_num 
_pdbx_unobs_or_zero_occ_residues.polymer_flag 
_pdbx_unobs_or_zero_occ_residues.occupancy_flag 
_pdbx_unobs_or_zero_occ_residues.auth_asym_id 
_pdbx_unobs_or_zero_occ_residues.auth_comp_id 
_pdbx_unobs_or_zero_occ_residues.auth_seq_id 
_pdbx_unobs_or_zero_occ_residues.PDB_ins_code 
_pdbx_unobs_or_zero_occ_residues.label_asym_id 
_pdbx_unobs_or_zero_occ_residues.label_comp_id 
_pdbx_unobs_or_zero_occ_residues.label_seq_id 
1  1 Y 1 A MET 1  ? A MET 1  
2  1 Y 1 A THR 2  ? A THR 2  
3  1 Y 1 A SER 3  ? A SER 3  
4  1 Y 1 A ARG 4  ? A ARG 4  
5  1 Y 1 A ASN 35 ? A ASN 35 
6  1 Y 1 A GLN 36 ? A GLN 36 
7  1 Y 1 A TYR 37 ? A TYR 37 
8  1 Y 1 A LYS 38 ? A LYS 38 
9  1 Y 1 A ALA 39 ? A ALA 39 
10 1 Y 1 A THR 40 ? A THR 40 
11 1 Y 1 A ILE 41 ? A ILE 41 
12 1 Y 1 A GLY 42 ? A GLY 42 
13 1 Y 1 A ALA 65 ? A ALA 65 
14 1 Y 1 A GLY 66 ? A GLY 66 
15 1 Y 1 A GLN 67 ? A GLN 67 
16 1 Y 1 A GLU 68 ? A GLU 68 
17 1 Y 1 A ARG 69 ? A ARG 69 
18 1 Y 1 A PHE 70 ? A PHE 70 
19 1 Y 1 A GLN 71 ? A GLN 71 
# 
loop_
_chem_comp_atom.comp_id 
_chem_comp_atom.atom_id 
_chem_comp_atom.type_symbol 
_chem_comp_atom.pdbx_aromatic_flag 
_chem_comp_atom.pdbx_stereo_config 
_chem_comp_atom.pdbx_ordinal 
ALA N      N  N N 1   
ALA CA     C  N S 2   
ALA C      C  N N 3   
ALA O      O  N N 4   
ALA CB     C  N N 5   
ALA OXT    O  N N 6   
ALA H      H  N N 7   
ALA H2     H  N N 8   
ALA HA     H  N N 9   
ALA HB1    H  N N 10  
ALA HB2    H  N N 11  
ALA HB3    H  N N 12  
ALA HXT    H  N N 13  
ARG N      N  N N 14  
ARG CA     C  N S 15  
ARG C      C  N N 16  
ARG O      O  N N 17  
ARG CB     C  N N 18  
ARG CG     C  N N 19  
ARG CD     C  N N 20  
ARG NE     N  N N 21  
ARG CZ     C  N N 22  
ARG NH1    N  N N 23  
ARG NH2    N  N N 24  
ARG OXT    O  N N 25  
ARG H      H  N N 26  
ARG H2     H  N N 27  
ARG HA     H  N N 28  
ARG HB2    H  N N 29  
ARG HB3    H  N N 30  
ARG HG2    H  N N 31  
ARG HG3    H  N N 32  
ARG HD2    H  N N 33  
ARG HD3    H  N N 34  
ARG HE     H  N N 35  
ARG HH11   H  N N 36  
ARG HH12   H  N N 37  
ARG HH21   H  N N 38  
ARG HH22   H  N N 39  
ARG HXT    H  N N 40  
ASN N      N  N N 41  
ASN CA     C  N S 42  
ASN C      C  N N 43  
ASN O      O  N N 44  
ASN CB     C  N N 45  
ASN CG     C  N N 46  
ASN OD1    O  N N 47  
ASN ND2    N  N N 48  
ASN OXT    O  N N 49  
ASN H      H  N N 50  
ASN H2     H  N N 51  
ASN HA     H  N N 52  
ASN HB2    H  N N 53  
ASN HB3    H  N N 54  
ASN HD21   H  N N 55  
ASN HD22   H  N N 56  
ASN HXT    H  N N 57  
ASP N      N  N N 58  
ASP CA     C  N S 59  
ASP C      C  N N 60  
ASP O      O  N N 61  
ASP CB     C  N N 62  
ASP CG     C  N N 63  
ASP OD1    O  N N 64  
ASP OD2    O  N N 65  
ASP OXT    O  N N 66  
ASP H      H  N N 67  
ASP H2     H  N N 68  
ASP HA     H  N N 69  
ASP HB2    H  N N 70  
ASP HB3    H  N N 71  
ASP HD2    H  N N 72  
ASP HXT    H  N N 73  
CYS N      N  N N 74  
CYS CA     C  N R 75  
CYS C      C  N N 76  
CYS O      O  N N 77  
CYS CB     C  N N 78  
CYS SG     S  N N 79  
CYS OXT    O  N N 80  
CYS H      H  N N 81  
CYS H2     H  N N 82  
CYS HA     H  N N 83  
CYS HB2    H  N N 84  
CYS HB3    H  N N 85  
CYS HG     H  N N 86  
CYS HXT    H  N N 87  
GDP PB     P  N N 88  
GDP O1B    O  N N 89  
GDP O2B    O  N N 90  
GDP O3B    O  N N 91  
GDP O3A    O  N N 92  
GDP PA     P  N N 93  
GDP O1A    O  N N 94  
GDP O2A    O  N N 95  
GDP "O5'"  O  N N 96  
GDP "C5'"  C  N N 97  
GDP "C4'"  C  N R 98  
GDP "O4'"  O  N N 99  
GDP "C3'"  C  N S 100 
GDP "O3'"  O  N N 101 
GDP "C2'"  C  N R 102 
GDP "O2'"  O  N N 103 
GDP "C1'"  C  N R 104 
GDP N9     N  Y N 105 
GDP C8     C  Y N 106 
GDP N7     N  Y N 107 
GDP C5     C  Y N 108 
GDP C6     C  N N 109 
GDP O6     O  N N 110 
GDP N1     N  N N 111 
GDP C2     C  N N 112 
GDP N2     N  N N 113 
GDP N3     N  N N 114 
GDP C4     C  Y N 115 
GDP HOB2   H  N N 116 
GDP HOB3   H  N N 117 
GDP HOA2   H  N N 118 
GDP "H5'"  H  N N 119 
GDP "H5''" H  N N 120 
GDP "H4'"  H  N N 121 
GDP "H3'"  H  N N 122 
GDP "HO3'" H  N N 123 
GDP "H2'"  H  N N 124 
GDP "HO2'" H  N N 125 
GDP "H1'"  H  N N 126 
GDP H8     H  N N 127 
GDP HN1    H  N N 128 
GDP HN21   H  N N 129 
GDP HN22   H  N N 130 
GLN N      N  N N 131 
GLN CA     C  N S 132 
GLN C      C  N N 133 
GLN O      O  N N 134 
GLN CB     C  N N 135 
GLN CG     C  N N 136 
GLN CD     C  N N 137 
GLN OE1    O  N N 138 
GLN NE2    N  N N 139 
GLN OXT    O  N N 140 
GLN H      H  N N 141 
GLN H2     H  N N 142 
GLN HA     H  N N 143 
GLN HB2    H  N N 144 
GLN HB3    H  N N 145 
GLN HG2    H  N N 146 
GLN HG3    H  N N 147 
GLN HE21   H  N N 148 
GLN HE22   H  N N 149 
GLN HXT    H  N N 150 
GLU N      N  N N 151 
GLU CA     C  N S 152 
GLU C      C  N N 153 
GLU O      O  N N 154 
GLU CB     C  N N 155 
GLU CG     C  N N 156 
GLU CD     C  N N 157 
GLU OE1    O  N N 158 
GLU OE2    O  N N 159 
GLU OXT    O  N N 160 
GLU H      H  N N 161 
GLU H2     H  N N 162 
GLU HA     H  N N 163 
GLU HB2    H  N N 164 
GLU HB3    H  N N 165 
GLU HG2    H  N N 166 
GLU HG3    H  N N 167 
GLU HE2    H  N N 168 
GLU HXT    H  N N 169 
GLY N      N  N N 170 
GLY CA     C  N N 171 
GLY C      C  N N 172 
GLY O      O  N N 173 
GLY OXT    O  N N 174 
GLY H      H  N N 175 
GLY H2     H  N N 176 
GLY HA2    H  N N 177 
GLY HA3    H  N N 178 
GLY HXT    H  N N 179 
HOH O      O  N N 180 
HOH H1     H  N N 181 
HOH H2     H  N N 182 
ILE N      N  N N 183 
ILE CA     C  N S 184 
ILE C      C  N N 185 
ILE O      O  N N 186 
ILE CB     C  N S 187 
ILE CG1    C  N N 188 
ILE CG2    C  N N 189 
ILE CD1    C  N N 190 
ILE OXT    O  N N 191 
ILE H      H  N N 192 
ILE H2     H  N N 193 
ILE HA     H  N N 194 
ILE HB     H  N N 195 
ILE HG12   H  N N 196 
ILE HG13   H  N N 197 
ILE HG21   H  N N 198 
ILE HG22   H  N N 199 
ILE HG23   H  N N 200 
ILE HD11   H  N N 201 
ILE HD12   H  N N 202 
ILE HD13   H  N N 203 
ILE HXT    H  N N 204 
LEU N      N  N N 205 
LEU CA     C  N S 206 
LEU C      C  N N 207 
LEU O      O  N N 208 
LEU CB     C  N N 209 
LEU CG     C  N N 210 
LEU CD1    C  N N 211 
LEU CD2    C  N N 212 
LEU OXT    O  N N 213 
LEU H      H  N N 214 
LEU H2     H  N N 215 
LEU HA     H  N N 216 
LEU HB2    H  N N 217 
LEU HB3    H  N N 218 
LEU HG     H  N N 219 
LEU HD11   H  N N 220 
LEU HD12   H  N N 221 
LEU HD13   H  N N 222 
LEU HD21   H  N N 223 
LEU HD22   H  N N 224 
LEU HD23   H  N N 225 
LEU HXT    H  N N 226 
LYS N      N  N N 227 
LYS CA     C  N S 228 
LYS C      C  N N 229 
LYS O      O  N N 230 
LYS CB     C  N N 231 
LYS CG     C  N N 232 
LYS CD     C  N N 233 
LYS CE     C  N N 234 
LYS NZ     N  N N 235 
LYS OXT    O  N N 236 
LYS H      H  N N 237 
LYS H2     H  N N 238 
LYS HA     H  N N 239 
LYS HB2    H  N N 240 
LYS HB3    H  N N 241 
LYS HG2    H  N N 242 
LYS HG3    H  N N 243 
LYS HD2    H  N N 244 
LYS HD3    H  N N 245 
LYS HE2    H  N N 246 
LYS HE3    H  N N 247 
LYS HZ1    H  N N 248 
LYS HZ2    H  N N 249 
LYS HZ3    H  N N 250 
LYS HXT    H  N N 251 
MET N      N  N N 252 
MET CA     C  N S 253 
MET C      C  N N 254 
MET O      O  N N 255 
MET CB     C  N N 256 
MET CG     C  N N 257 
MET SD     S  N N 258 
MET CE     C  N N 259 
MET OXT    O  N N 260 
MET H      H  N N 261 
MET H2     H  N N 262 
MET HA     H  N N 263 
MET HB2    H  N N 264 
MET HB3    H  N N 265 
MET HG2    H  N N 266 
MET HG3    H  N N 267 
MET HE1    H  N N 268 
MET HE2    H  N N 269 
MET HE3    H  N N 270 
MET HXT    H  N N 271 
MG  MG     MG N N 272 
PHE N      N  N N 273 
PHE CA     C  N S 274 
PHE C      C  N N 275 
PHE O      O  N N 276 
PHE CB     C  N N 277 
PHE CG     C  Y N 278 
PHE CD1    C  Y N 279 
PHE CD2    C  Y N 280 
PHE CE1    C  Y N 281 
PHE CE2    C  Y N 282 
PHE CZ     C  Y N 283 
PHE OXT    O  N N 284 
PHE H      H  N N 285 
PHE H2     H  N N 286 
PHE HA     H  N N 287 
PHE HB2    H  N N 288 
PHE HB3    H  N N 289 
PHE HD1    H  N N 290 
PHE HD2    H  N N 291 
PHE HE1    H  N N 292 
PHE HE2    H  N N 293 
PHE HZ     H  N N 294 
PHE HXT    H  N N 295 
PRO N      N  N N 296 
PRO CA     C  N S 297 
PRO C      C  N N 298 
PRO O      O  N N 299 
PRO CB     C  N N 300 
PRO CG     C  N N 301 
PRO CD     C  N N 302 
PRO OXT    O  N N 303 
PRO H      H  N N 304 
PRO HA     H  N N 305 
PRO HB2    H  N N 306 
PRO HB3    H  N N 307 
PRO HG2    H  N N 308 
PRO HG3    H  N N 309 
PRO HD2    H  N N 310 
PRO HD3    H  N N 311 
PRO HXT    H  N N 312 
SER N      N  N N 313 
SER CA     C  N S 314 
SER C      C  N N 315 
SER O      O  N N 316 
SER CB     C  N N 317 
SER OG     O  N N 318 
SER OXT    O  N N 319 
SER H      H  N N 320 
SER H2     H  N N 321 
SER HA     H  N N 322 
SER HB2    H  N N 323 
SER HB3    H  N N 324 
SER HG     H  N N 325 
SER HXT    H  N N 326 
THR N      N  N N 327 
THR CA     C  N S 328 
THR C      C  N N 329 
THR O      O  N N 330 
THR CB     C  N R 331 
THR OG1    O  N N 332 
THR CG2    C  N N 333 
THR OXT    O  N N 334 
THR H      H  N N 335 
THR H2     H  N N 336 
THR HA     H  N N 337 
THR HB     H  N N 338 
THR HG1    H  N N 339 
THR HG21   H  N N 340 
THR HG22   H  N N 341 
THR HG23   H  N N 342 
THR HXT    H  N N 343 
TRP N      N  N N 344 
TRP CA     C  N S 345 
TRP C      C  N N 346 
TRP O      O  N N 347 
TRP CB     C  N N 348 
TRP CG     C  Y N 349 
TRP CD1    C  Y N 350 
TRP CD2    C  Y N 351 
TRP NE1    N  Y N 352 
TRP CE2    C  Y N 353 
TRP CE3    C  Y N 354 
TRP CZ2    C  Y N 355 
TRP CZ3    C  Y N 356 
TRP CH2    C  Y N 357 
TRP OXT    O  N N 358 
TRP H      H  N N 359 
TRP H2     H  N N 360 
TRP HA     H  N N 361 
TRP HB2    H  N N 362 
TRP HB3    H  N N 363 
TRP HD1    H  N N 364 
TRP HE1    H  N N 365 
TRP HE3    H  N N 366 
TRP HZ2    H  N N 367 
TRP HZ3    H  N N 368 
TRP HH2    H  N N 369 
TRP HXT    H  N N 370 
TYR N      N  N N 371 
TYR CA     C  N S 372 
TYR C      C  N N 373 
TYR O      O  N N 374 
TYR CB     C  N N 375 
TYR CG     C  Y N 376 
TYR CD1    C  Y N 377 
TYR CD2    C  Y N 378 
TYR CE1    C  Y N 379 
TYR CE2    C  Y N 380 
TYR CZ     C  Y N 381 
TYR OH     O  N N 382 
TYR OXT    O  N N 383 
TYR H      H  N N 384 
TYR H2     H  N N 385 
TYR HA     H  N N 386 
TYR HB2    H  N N 387 
TYR HB3    H  N N 388 
TYR HD1    H  N N 389 
TYR HD2    H  N N 390 
TYR HE1    H  N N 391 
TYR HE2    H  N N 392 
TYR HH     H  N N 393 
TYR HXT    H  N N 394 
VAL N      N  N N 395 
VAL CA     C  N S 396 
VAL C      C  N N 397 
VAL O      O  N N 398 
VAL CB     C  N N 399 
VAL CG1    C  N N 400 
VAL CG2    C  N N 401 
VAL OXT    O  N N 402 
VAL H      H  N N 403 
VAL H2     H  N N 404 
VAL HA     H  N N 405 
VAL HB     H  N N 406 
VAL HG11   H  N N 407 
VAL HG12   H  N N 408 
VAL HG13   H  N N 409 
VAL HG21   H  N N 410 
VAL HG22   H  N N 411 
VAL HG23   H  N N 412 
VAL HXT    H  N N 413 
# 
loop_
_chem_comp_bond.comp_id 
_chem_comp_bond.atom_id_1 
_chem_comp_bond.atom_id_2 
_chem_comp_bond.value_order 
_chem_comp_bond.pdbx_aromatic_flag 
_chem_comp_bond.pdbx_stereo_config 
_chem_comp_bond.pdbx_ordinal 
ALA N     CA     sing N N 1   
ALA N     H      sing N N 2   
ALA N     H2     sing N N 3   
ALA CA    C      sing N N 4   
ALA CA    CB     sing N N 5   
ALA CA    HA     sing N N 6   
ALA C     O      doub N N 7   
ALA C     OXT    sing N N 8   
ALA CB    HB1    sing N N 9   
ALA CB    HB2    sing N N 10  
ALA CB    HB3    sing N N 11  
ALA OXT   HXT    sing N N 12  
ARG N     CA     sing N N 13  
ARG N     H      sing N N 14  
ARG N     H2     sing N N 15  
ARG CA    C      sing N N 16  
ARG CA    CB     sing N N 17  
ARG CA    HA     sing N N 18  
ARG C     O      doub N N 19  
ARG C     OXT    sing N N 20  
ARG CB    CG     sing N N 21  
ARG CB    HB2    sing N N 22  
ARG CB    HB3    sing N N 23  
ARG CG    CD     sing N N 24  
ARG CG    HG2    sing N N 25  
ARG CG    HG3    sing N N 26  
ARG CD    NE     sing N N 27  
ARG CD    HD2    sing N N 28  
ARG CD    HD3    sing N N 29  
ARG NE    CZ     sing N N 30  
ARG NE    HE     sing N N 31  
ARG CZ    NH1    sing N N 32  
ARG CZ    NH2    doub N N 33  
ARG NH1   HH11   sing N N 34  
ARG NH1   HH12   sing N N 35  
ARG NH2   HH21   sing N N 36  
ARG NH2   HH22   sing N N 37  
ARG OXT   HXT    sing N N 38  
ASN N     CA     sing N N 39  
ASN N     H      sing N N 40  
ASN N     H2     sing N N 41  
ASN CA    C      sing N N 42  
ASN CA    CB     sing N N 43  
ASN CA    HA     sing N N 44  
ASN C     O      doub N N 45  
ASN C     OXT    sing N N 46  
ASN CB    CG     sing N N 47  
ASN CB    HB2    sing N N 48  
ASN CB    HB3    sing N N 49  
ASN CG    OD1    doub N N 50  
ASN CG    ND2    sing N N 51  
ASN ND2   HD21   sing N N 52  
ASN ND2   HD22   sing N N 53  
ASN OXT   HXT    sing N N 54  
ASP N     CA     sing N N 55  
ASP N     H      sing N N 56  
ASP N     H2     sing N N 57  
ASP CA    C      sing N N 58  
ASP CA    CB     sing N N 59  
ASP CA    HA     sing N N 60  
ASP C     O      doub N N 61  
ASP C     OXT    sing N N 62  
ASP CB    CG     sing N N 63  
ASP CB    HB2    sing N N 64  
ASP CB    HB3    sing N N 65  
ASP CG    OD1    doub N N 66  
ASP CG    OD2    sing N N 67  
ASP OD2   HD2    sing N N 68  
ASP OXT   HXT    sing N N 69  
CYS N     CA     sing N N 70  
CYS N     H      sing N N 71  
CYS N     H2     sing N N 72  
CYS CA    C      sing N N 73  
CYS CA    CB     sing N N 74  
CYS CA    HA     sing N N 75  
CYS C     O      doub N N 76  
CYS C     OXT    sing N N 77  
CYS CB    SG     sing N N 78  
CYS CB    HB2    sing N N 79  
CYS CB    HB3    sing N N 80  
CYS SG    HG     sing N N 81  
CYS OXT   HXT    sing N N 82  
GDP PB    O1B    doub N N 83  
GDP PB    O2B    sing N N 84  
GDP PB    O3B    sing N N 85  
GDP PB    O3A    sing N N 86  
GDP O2B   HOB2   sing N N 87  
GDP O3B   HOB3   sing N N 88  
GDP O3A   PA     sing N N 89  
GDP PA    O1A    doub N N 90  
GDP PA    O2A    sing N N 91  
GDP PA    "O5'"  sing N N 92  
GDP O2A   HOA2   sing N N 93  
GDP "O5'" "C5'"  sing N N 94  
GDP "C5'" "C4'"  sing N N 95  
GDP "C5'" "H5'"  sing N N 96  
GDP "C5'" "H5''" sing N N 97  
GDP "C4'" "O4'"  sing N N 98  
GDP "C4'" "C3'"  sing N N 99  
GDP "C4'" "H4'"  sing N N 100 
GDP "O4'" "C1'"  sing N N 101 
GDP "C3'" "O3'"  sing N N 102 
GDP "C3'" "C2'"  sing N N 103 
GDP "C3'" "H3'"  sing N N 104 
GDP "O3'" "HO3'" sing N N 105 
GDP "C2'" "O2'"  sing N N 106 
GDP "C2'" "C1'"  sing N N 107 
GDP "C2'" "H2'"  sing N N 108 
GDP "O2'" "HO2'" sing N N 109 
GDP "C1'" N9     sing N N 110 
GDP "C1'" "H1'"  sing N N 111 
GDP N9    C8     sing Y N 112 
GDP N9    C4     sing Y N 113 
GDP C8    N7     doub Y N 114 
GDP C8    H8     sing N N 115 
GDP N7    C5     sing Y N 116 
GDP C5    C6     sing N N 117 
GDP C5    C4     doub Y N 118 
GDP C6    O6     doub N N 119 
GDP C6    N1     sing N N 120 
GDP N1    C2     sing N N 121 
GDP N1    HN1    sing N N 122 
GDP C2    N2     sing N N 123 
GDP C2    N3     doub N N 124 
GDP N2    HN21   sing N N 125 
GDP N2    HN22   sing N N 126 
GDP N3    C4     sing N N 127 
GLN N     CA     sing N N 128 
GLN N     H      sing N N 129 
GLN N     H2     sing N N 130 
GLN CA    C      sing N N 131 
GLN CA    CB     sing N N 132 
GLN CA    HA     sing N N 133 
GLN C     O      doub N N 134 
GLN C     OXT    sing N N 135 
GLN CB    CG     sing N N 136 
GLN CB    HB2    sing N N 137 
GLN CB    HB3    sing N N 138 
GLN CG    CD     sing N N 139 
GLN CG    HG2    sing N N 140 
GLN CG    HG3    sing N N 141 
GLN CD    OE1    doub N N 142 
GLN CD    NE2    sing N N 143 
GLN NE2   HE21   sing N N 144 
GLN NE2   HE22   sing N N 145 
GLN OXT   HXT    sing N N 146 
GLU N     CA     sing N N 147 
GLU N     H      sing N N 148 
GLU N     H2     sing N N 149 
GLU CA    C      sing N N 150 
GLU CA    CB     sing N N 151 
GLU CA    HA     sing N N 152 
GLU C     O      doub N N 153 
GLU C     OXT    sing N N 154 
GLU CB    CG     sing N N 155 
GLU CB    HB2    sing N N 156 
GLU CB    HB3    sing N N 157 
GLU CG    CD     sing N N 158 
GLU CG    HG2    sing N N 159 
GLU CG    HG3    sing N N 160 
GLU CD    OE1    doub N N 161 
GLU CD    OE2    sing N N 162 
GLU OE2   HE2    sing N N 163 
GLU OXT   HXT    sing N N 164 
GLY N     CA     sing N N 165 
GLY N     H      sing N N 166 
GLY N     H2     sing N N 167 
GLY CA    C      sing N N 168 
GLY CA    HA2    sing N N 169 
GLY CA    HA3    sing N N 170 
GLY C     O      doub N N 171 
GLY C     OXT    sing N N 172 
GLY OXT   HXT    sing N N 173 
HOH O     H1     sing N N 174 
HOH O     H2     sing N N 175 
ILE N     CA     sing N N 176 
ILE N     H      sing N N 177 
ILE N     H2     sing N N 178 
ILE CA    C      sing N N 179 
ILE CA    CB     sing N N 180 
ILE CA    HA     sing N N 181 
ILE C     O      doub N N 182 
ILE C     OXT    sing N N 183 
ILE CB    CG1    sing N N 184 
ILE CB    CG2    sing N N 185 
ILE CB    HB     sing N N 186 
ILE CG1   CD1    sing N N 187 
ILE CG1   HG12   sing N N 188 
ILE CG1   HG13   sing N N 189 
ILE CG2   HG21   sing N N 190 
ILE CG2   HG22   sing N N 191 
ILE CG2   HG23   sing N N 192 
ILE CD1   HD11   sing N N 193 
ILE CD1   HD12   sing N N 194 
ILE CD1   HD13   sing N N 195 
ILE OXT   HXT    sing N N 196 
LEU N     CA     sing N N 197 
LEU N     H      sing N N 198 
LEU N     H2     sing N N 199 
LEU CA    C      sing N N 200 
LEU CA    CB     sing N N 201 
LEU CA    HA     sing N N 202 
LEU C     O      doub N N 203 
LEU C     OXT    sing N N 204 
LEU CB    CG     sing N N 205 
LEU CB    HB2    sing N N 206 
LEU CB    HB3    sing N N 207 
LEU CG    CD1    sing N N 208 
LEU CG    CD2    sing N N 209 
LEU CG    HG     sing N N 210 
LEU CD1   HD11   sing N N 211 
LEU CD1   HD12   sing N N 212 
LEU CD1   HD13   sing N N 213 
LEU CD2   HD21   sing N N 214 
LEU CD2   HD22   sing N N 215 
LEU CD2   HD23   sing N N 216 
LEU OXT   HXT    sing N N 217 
LYS N     CA     sing N N 218 
LYS N     H      sing N N 219 
LYS N     H2     sing N N 220 
LYS CA    C      sing N N 221 
LYS CA    CB     sing N N 222 
LYS CA    HA     sing N N 223 
LYS C     O      doub N N 224 
LYS C     OXT    sing N N 225 
LYS CB    CG     sing N N 226 
LYS CB    HB2    sing N N 227 
LYS CB    HB3    sing N N 228 
LYS CG    CD     sing N N 229 
LYS CG    HG2    sing N N 230 
LYS CG    HG3    sing N N 231 
LYS CD    CE     sing N N 232 
LYS CD    HD2    sing N N 233 
LYS CD    HD3    sing N N 234 
LYS CE    NZ     sing N N 235 
LYS CE    HE2    sing N N 236 
LYS CE    HE3    sing N N 237 
LYS NZ    HZ1    sing N N 238 
LYS NZ    HZ2    sing N N 239 
LYS NZ    HZ3    sing N N 240 
LYS OXT   HXT    sing N N 241 
MET N     CA     sing N N 242 
MET N     H      sing N N 243 
MET N     H2     sing N N 244 
MET CA    C      sing N N 245 
MET CA    CB     sing N N 246 
MET CA    HA     sing N N 247 
MET C     O      doub N N 248 
MET C     OXT    sing N N 249 
MET CB    CG     sing N N 250 
MET CB    HB2    sing N N 251 
MET CB    HB3    sing N N 252 
MET CG    SD     sing N N 253 
MET CG    HG2    sing N N 254 
MET CG    HG3    sing N N 255 
MET SD    CE     sing N N 256 
MET CE    HE1    sing N N 257 
MET CE    HE2    sing N N 258 
MET CE    HE3    sing N N 259 
MET OXT   HXT    sing N N 260 
PHE N     CA     sing N N 261 
PHE N     H      sing N N 262 
PHE N     H2     sing N N 263 
PHE CA    C      sing N N 264 
PHE CA    CB     sing N N 265 
PHE CA    HA     sing N N 266 
PHE C     O      doub N N 267 
PHE C     OXT    sing N N 268 
PHE CB    CG     sing N N 269 
PHE CB    HB2    sing N N 270 
PHE CB    HB3    sing N N 271 
PHE CG    CD1    doub Y N 272 
PHE CG    CD2    sing Y N 273 
PHE CD1   CE1    sing Y N 274 
PHE CD1   HD1    sing N N 275 
PHE CD2   CE2    doub Y N 276 
PHE CD2   HD2    sing N N 277 
PHE CE1   CZ     doub Y N 278 
PHE CE1   HE1    sing N N 279 
PHE CE2   CZ     sing Y N 280 
PHE CE2   HE2    sing N N 281 
PHE CZ    HZ     sing N N 282 
PHE OXT   HXT    sing N N 283 
PRO N     CA     sing N N 284 
PRO N     CD     sing N N 285 
PRO N     H      sing N N 286 
PRO CA    C      sing N N 287 
PRO CA    CB     sing N N 288 
PRO CA    HA     sing N N 289 
PRO C     O      doub N N 290 
PRO C     OXT    sing N N 291 
PRO CB    CG     sing N N 292 
PRO CB    HB2    sing N N 293 
PRO CB    HB3    sing N N 294 
PRO CG    CD     sing N N 295 
PRO CG    HG2    sing N N 296 
PRO CG    HG3    sing N N 297 
PRO CD    HD2    sing N N 298 
PRO CD    HD3    sing N N 299 
PRO OXT   HXT    sing N N 300 
SER N     CA     sing N N 301 
SER N     H      sing N N 302 
SER N     H2     sing N N 303 
SER CA    C      sing N N 304 
SER CA    CB     sing N N 305 
SER CA    HA     sing N N 306 
SER C     O      doub N N 307 
SER C     OXT    sing N N 308 
SER CB    OG     sing N N 309 
SER CB    HB2    sing N N 310 
SER CB    HB3    sing N N 311 
SER OG    HG     sing N N 312 
SER OXT   HXT    sing N N 313 
THR N     CA     sing N N 314 
THR N     H      sing N N 315 
THR N     H2     sing N N 316 
THR CA    C      sing N N 317 
THR CA    CB     sing N N 318 
THR CA    HA     sing N N 319 
THR C     O      doub N N 320 
THR C     OXT    sing N N 321 
THR CB    OG1    sing N N 322 
THR CB    CG2    sing N N 323 
THR CB    HB     sing N N 324 
THR OG1   HG1    sing N N 325 
THR CG2   HG21   sing N N 326 
THR CG2   HG22   sing N N 327 
THR CG2   HG23   sing N N 328 
THR OXT   HXT    sing N N 329 
TRP N     CA     sing N N 330 
TRP N     H      sing N N 331 
TRP N     H2     sing N N 332 
TRP CA    C      sing N N 333 
TRP CA    CB     sing N N 334 
TRP CA    HA     sing N N 335 
TRP C     O      doub N N 336 
TRP C     OXT    sing N N 337 
TRP CB    CG     sing N N 338 
TRP CB    HB2    sing N N 339 
TRP CB    HB3    sing N N 340 
TRP CG    CD1    doub Y N 341 
TRP CG    CD2    sing Y N 342 
TRP CD1   NE1    sing Y N 343 
TRP CD1   HD1    sing N N 344 
TRP CD2   CE2    doub Y N 345 
TRP CD2   CE3    sing Y N 346 
TRP NE1   CE2    sing Y N 347 
TRP NE1   HE1    sing N N 348 
TRP CE2   CZ2    sing Y N 349 
TRP CE3   CZ3    doub Y N 350 
TRP CE3   HE3    sing N N 351 
TRP CZ2   CH2    doub Y N 352 
TRP CZ2   HZ2    sing N N 353 
TRP CZ3   CH2    sing Y N 354 
TRP CZ3   HZ3    sing N N 355 
TRP CH2   HH2    sing N N 356 
TRP OXT   HXT    sing N N 357 
TYR N     CA     sing N N 358 
TYR N     H      sing N N 359 
TYR N     H2     sing N N 360 
TYR CA    C      sing N N 361 
TYR CA    CB     sing N N 362 
TYR CA    HA     sing N N 363 
TYR C     O      doub N N 364 
TYR C     OXT    sing N N 365 
TYR CB    CG     sing N N 366 
TYR CB    HB2    sing N N 367 
TYR CB    HB3    sing N N 368 
TYR CG    CD1    doub Y N 369 
TYR CG    CD2    sing Y N 370 
TYR CD1   CE1    sing Y N 371 
TYR CD1   HD1    sing N N 372 
TYR CD2   CE2    doub Y N 373 
TYR CD2   HD2    sing N N 374 
TYR CE1   CZ     doub Y N 375 
TYR CE1   HE1    sing N N 376 
TYR CE2   CZ     sing Y N 377 
TYR CE2   HE2    sing N N 378 
TYR CZ    OH     sing N N 379 
TYR OH    HH     sing N N 380 
TYR OXT   HXT    sing N N 381 
VAL N     CA     sing N N 382 
VAL N     H      sing N N 383 
VAL N     H2     sing N N 384 
VAL CA    C      sing N N 385 
VAL CA    CB     sing N N 386 
VAL CA    HA     sing N N 387 
VAL C     O      doub N N 388 
VAL C     OXT    sing N N 389 
VAL CB    CG1    sing N N 390 
VAL CB    CG2    sing N N 391 
VAL CB    HB     sing N N 392 
VAL CG1   HG11   sing N N 393 
VAL CG1   HG12   sing N N 394 
VAL CG1   HG13   sing N N 395 
VAL CG2   HG21   sing N N 396 
VAL CG2   HG22   sing N N 397 
VAL CG2   HG23   sing N N 398 
VAL OXT   HXT    sing N N 399 
# 
loop_
_pdbx_entity_nonpoly.entity_id 
_pdbx_entity_nonpoly.name 
_pdbx_entity_nonpoly.comp_id 
2 'MAGNESIUM ION'            MG  
3 "GUANOSINE-5'-DIPHOSPHATE" GDP 
4 water                      HOH 
# 
_pdbx_initial_refinement_model.id               1 
_pdbx_initial_refinement_model.entity_id_list   ? 
_pdbx_initial_refinement_model.type             'experimental model' 
_pdbx_initial_refinement_model.source_name      PDB 
_pdbx_initial_refinement_model.accession_code   1VG0 
_pdbx_initial_refinement_model.details          'Rab7 from REP1:Rab7 complex (PDB code 1VG0)' 
# 
